data_6L3V
#
_entry.id   6L3V
#
_cell.length_a   1.00
_cell.length_b   1.00
_cell.length_c   1.00
_cell.angle_alpha   90.00
_cell.angle_beta   90.00
_cell.angle_gamma   90.00
#
_symmetry.space_group_name_H-M   'P 1'
#
loop_
_entity.id
_entity.type
_entity.pdbx_description
1 polymer 'Gap junction gamma-3 protein'
2 non-polymer 'Lauryl Maltose Neopentyl Glycol'
#
_entity_poly.entity_id   1
_entity_poly.type   'polypeptide(L)'
_entity_poly.pdbx_seq_one_letter_code
;MCGRFLRRLLAEESGRSTPVGRLLLPVLLGFRLVLLAASGPGVYGDEQSEFVCHTQQPGCKAACFDAFHPLSPLRFWVFQ
VILVAVPSALYMGFTLYHVIWHWELSGKGKEEETLIQGREGNTDVPGAGSLRLLWAYVAQLGARLVLEGAALGLQYHLYG
FQMPSSFACRREPCLGSITCNLSRPSEKTIFLKTMFGVSGFCLLFTFLELVLLGLGRWWRTWKHKSSSSKYFLTSESTRR
HKKATDSLPVVETKEQFQEAVPGRSLAQEKQRPVGPRDA
;
_entity_poly.pdbx_strand_id   A,B,C,D,E,F
#
loop_
_chem_comp.id
_chem_comp.type
_chem_comp.name
_chem_comp.formula
LMN non-polymer 'Lauryl Maltose Neopentyl Glycol' 'C47 H88 O22'
#
# COMPACT_ATOMS: atom_id res chain seq x y z
N CYS A 2 -7.11 1.16 -27.63
CA CYS A 2 -8.19 1.73 -26.83
C CYS A 2 -8.18 3.26 -26.92
N GLY A 3 -7.74 3.78 -28.06
CA GLY A 3 -7.69 5.21 -28.28
C GLY A 3 -8.98 5.73 -28.89
N ARG A 4 -9.44 5.07 -29.96
CA ARG A 4 -10.67 5.49 -30.60
C ARG A 4 -11.89 5.10 -29.78
N PHE A 5 -11.78 4.05 -28.98
CA PHE A 5 -12.89 3.60 -28.15
C PHE A 5 -13.23 4.63 -27.08
N LEU A 6 -12.23 5.03 -26.29
CA LEU A 6 -12.46 6.01 -25.23
C LEU A 6 -12.82 7.38 -25.78
N ARG A 7 -12.43 7.69 -27.02
CA ARG A 7 -12.79 8.96 -27.63
C ARG A 7 -14.24 8.98 -28.11
N ARG A 8 -14.91 7.81 -28.11
CA ARG A 8 -16.31 7.68 -28.50
C ARG A 8 -17.23 7.46 -27.32
N LEU A 9 -16.70 6.99 -26.19
CA LEU A 9 -17.48 6.83 -24.98
C LEU A 9 -17.63 8.14 -24.23
N LEU A 10 -16.58 8.96 -24.18
CA LEU A 10 -16.66 10.24 -23.48
C LEU A 10 -17.58 11.21 -24.21
N ALA A 11 -17.60 11.16 -25.54
CA ALA A 11 -18.48 12.03 -26.32
C ALA A 11 -19.93 11.58 -26.29
N GLU A 12 -20.19 10.32 -25.94
CA GLU A 12 -21.55 9.79 -25.85
C GLU A 12 -22.12 9.93 -24.46
N GLU A 13 -21.31 9.66 -23.43
CA GLU A 13 -21.76 9.79 -22.05
C GLU A 13 -22.06 11.22 -21.66
N SER A 14 -21.51 12.21 -22.38
CA SER A 14 -21.62 13.61 -22.00
C SER A 14 -21.94 14.50 -23.19
N GLY A 15 -22.69 13.98 -24.17
CA GLY A 15 -23.15 14.77 -25.29
C GLY A 15 -24.46 15.51 -25.05
N ARG A 16 -25.06 15.37 -23.87
CA ARG A 16 -26.32 16.02 -23.54
C ARG A 16 -26.32 16.59 -22.13
N SER A 17 -25.14 16.92 -21.60
CA SER A 17 -24.98 17.51 -20.29
C SER A 17 -24.29 18.86 -20.43
N THR A 18 -24.47 19.69 -19.41
CA THR A 18 -23.84 21.00 -19.35
C THR A 18 -22.50 20.92 -18.63
N PRO A 19 -21.72 21.99 -18.62
CA PRO A 19 -20.45 21.97 -17.88
C PRO A 19 -20.59 21.75 -16.39
N VAL A 20 -21.77 21.99 -15.82
CA VAL A 20 -21.95 21.79 -14.37
C VAL A 20 -21.86 20.31 -14.04
N GLY A 21 -22.44 19.45 -14.87
CA GLY A 21 -22.41 18.02 -14.66
C GLY A 21 -21.28 17.28 -15.32
N ARG A 22 -20.49 17.99 -16.13
CA ARG A 22 -19.39 17.41 -16.89
C ARG A 22 -18.03 17.66 -16.26
N LEU A 23 -17.87 18.79 -15.58
CA LEU A 23 -16.61 19.19 -14.95
C LEU A 23 -16.73 19.39 -13.46
N LEU A 24 -17.73 20.13 -13.01
CA LEU A 24 -17.76 20.66 -11.65
C LEU A 24 -18.20 19.63 -10.62
N LEU A 25 -19.10 18.71 -10.98
CA LEU A 25 -19.57 17.70 -10.04
C LEU A 25 -18.54 16.60 -9.81
N PRO A 26 -17.89 16.06 -10.84
CA PRO A 26 -16.83 15.07 -10.59
C PRO A 26 -15.69 15.59 -9.73
N VAL A 27 -15.35 16.88 -9.85
CA VAL A 27 -14.27 17.45 -9.05
C VAL A 27 -14.72 17.67 -7.61
N LEU A 28 -16.01 17.95 -7.40
CA LEU A 28 -16.52 18.16 -6.04
C LEU A 28 -16.61 16.85 -5.28
N LEU A 29 -16.96 15.75 -5.97
CA LEU A 29 -17.09 14.46 -5.32
C LEU A 29 -15.74 13.83 -5.03
N GLY A 30 -14.75 14.07 -5.87
CA GLY A 30 -13.40 13.62 -5.57
C GLY A 30 -12.75 14.40 -4.44
N PHE A 31 -13.09 15.68 -4.31
CA PHE A 31 -12.58 16.49 -3.21
C PHE A 31 -13.02 15.92 -1.86
N ARG A 32 -14.29 15.51 -1.77
CA ARG A 32 -14.80 14.98 -0.51
C ARG A 32 -14.19 13.64 -0.16
N LEU A 33 -13.79 12.86 -1.17
CA LEU A 33 -13.23 11.54 -0.94
C LEU A 33 -11.78 11.61 -0.46
N VAL A 34 -10.98 12.49 -1.07
CA VAL A 34 -9.59 12.64 -0.66
C VAL A 34 -9.49 13.23 0.74
N LEU A 35 -10.36 14.20 1.05
CA LEU A 35 -10.33 14.84 2.36
C LEU A 35 -10.66 13.84 3.46
N LEU A 36 -11.61 12.95 3.22
CA LEU A 36 -12.00 11.96 4.21
C LEU A 36 -10.89 10.95 4.45
N ALA A 37 -10.28 10.44 3.39
CA ALA A 37 -9.25 9.41 3.52
C ALA A 37 -7.98 9.97 4.17
N ALA A 38 -7.56 11.17 3.77
CA ALA A 38 -6.29 11.71 4.25
C ALA A 38 -6.38 12.23 5.68
N SER A 39 -7.45 12.97 6.01
CA SER A 39 -7.53 13.70 7.26
C SER A 39 -8.51 13.11 8.28
N GLY A 40 -9.43 12.25 7.86
CA GLY A 40 -10.47 11.75 8.73
C GLY A 40 -9.98 10.98 9.93
N PRO A 41 -9.18 9.93 9.71
CA PRO A 41 -8.73 9.11 10.85
C PRO A 41 -7.92 9.86 11.89
N GLY A 42 -7.24 10.95 11.51
CA GLY A 42 -6.47 11.70 12.49
C GLY A 42 -7.30 12.45 13.50
N VAL A 43 -8.52 12.84 13.12
CA VAL A 43 -9.40 13.58 14.01
C VAL A 43 -10.28 12.66 14.85
N TYR A 44 -10.92 11.68 14.22
CA TYR A 44 -11.95 10.87 14.85
C TYR A 44 -11.53 9.43 15.10
N GLY A 45 -10.24 9.12 14.96
CA GLY A 45 -9.81 7.74 15.09
C GLY A 45 -9.71 7.23 16.50
N ASP A 46 -9.49 8.12 17.47
CA ASP A 46 -9.25 7.75 18.87
C ASP A 46 -10.28 8.38 19.80
N GLU A 47 -11.56 8.35 19.40
CA GLU A 47 -12.60 8.91 20.25
C GLU A 47 -12.72 8.16 21.57
N GLN A 48 -12.52 6.84 21.54
CA GLN A 48 -12.82 6.02 22.71
C GLN A 48 -11.82 6.26 23.83
N SER A 49 -10.54 6.41 23.49
CA SER A 49 -9.53 6.73 24.49
C SER A 49 -9.53 8.20 24.88
N GLU A 50 -10.19 9.07 24.11
CA GLU A 50 -10.32 10.48 24.41
C GLU A 50 -11.60 10.81 25.17
N PHE A 51 -12.18 9.81 25.87
CA PHE A 51 -13.44 9.96 26.58
C PHE A 51 -13.20 9.49 28.00
N VAL A 52 -12.95 10.45 28.90
CA VAL A 52 -12.51 10.18 30.25
C VAL A 52 -13.66 10.48 31.20
N CYS A 53 -14.08 9.49 31.97
CA CYS A 53 -15.11 9.63 32.98
C CYS A 53 -14.50 9.44 34.37
N HIS A 54 -15.02 10.19 35.33
CA HIS A 54 -14.45 10.27 36.67
C HIS A 54 -15.23 9.33 37.58
N THR A 55 -14.83 8.06 37.58
CA THR A 55 -15.52 7.03 38.35
C THR A 55 -14.63 5.79 38.38
N GLN A 56 -15.09 4.79 39.13
CA GLN A 56 -14.40 3.51 39.22
C GLN A 56 -15.34 2.31 39.16
N GLN A 57 -16.65 2.51 39.08
CA GLN A 57 -17.58 1.39 38.98
C GLN A 57 -17.29 0.58 37.70
N PRO A 58 -17.55 -0.73 37.69
CA PRO A 58 -17.31 -1.50 36.47
C PRO A 58 -18.46 -1.34 35.47
N GLY A 59 -18.13 -0.86 34.28
CA GLY A 59 -19.09 -0.78 33.20
C GLY A 59 -19.81 0.54 33.06
N CYS A 60 -19.39 1.58 33.79
CA CYS A 60 -20.06 2.87 33.70
C CYS A 60 -19.53 3.71 32.55
N LYS A 61 -18.26 3.55 32.19
CA LYS A 61 -17.72 4.28 31.05
C LYS A 61 -18.28 3.75 29.73
N ALA A 62 -18.39 2.43 29.60
CA ALA A 62 -18.91 1.85 28.37
C ALA A 62 -20.38 2.17 28.17
N ALA A 63 -21.13 2.36 29.25
CA ALA A 63 -22.54 2.68 29.14
C ALA A 63 -22.75 4.13 28.69
N CYS A 64 -21.87 5.04 29.14
CA CYS A 64 -22.04 6.45 28.83
C CYS A 64 -21.50 6.81 27.45
N PHE A 65 -20.44 6.13 27.00
CA PHE A 65 -19.92 6.39 25.66
C PHE A 65 -20.87 5.87 24.58
N ASP A 66 -21.62 4.81 24.86
CA ASP A 66 -22.55 4.28 23.89
C ASP A 66 -23.81 5.12 23.78
N ALA A 67 -24.17 5.83 24.85
CA ALA A 67 -25.27 6.77 24.81
C ALA A 67 -24.90 8.06 24.09
N PHE A 68 -23.64 8.47 24.19
CA PHE A 68 -23.19 9.71 23.57
C PHE A 68 -22.98 9.55 22.07
N HIS A 69 -22.36 8.43 21.63
CA HIS A 69 -22.04 8.21 20.23
C HIS A 69 -22.43 6.78 19.84
N PRO A 70 -23.69 6.54 19.48
CA PRO A 70 -24.06 5.22 18.98
C PRO A 70 -23.49 4.91 17.60
N LEU A 71 -22.97 5.90 16.89
CA LEU A 71 -22.37 5.71 15.59
C LEU A 71 -21.35 6.82 15.38
N SER A 72 -20.16 6.45 14.94
CA SER A 72 -19.10 7.42 14.73
C SER A 72 -19.31 8.18 13.42
N PRO A 73 -18.82 9.42 13.32
CA PRO A 73 -18.93 10.11 12.03
C PRO A 73 -18.13 9.48 10.91
N LEU A 74 -17.06 8.74 11.24
CA LEU A 74 -16.28 8.08 10.21
C LEU A 74 -17.07 7.00 9.49
N ARG A 75 -17.95 6.31 10.21
CA ARG A 75 -18.76 5.27 9.59
C ARG A 75 -19.88 5.87 8.75
N PHE A 76 -20.51 6.94 9.25
CA PHE A 76 -21.57 7.61 8.51
C PHE A 76 -21.08 8.11 7.16
N TRP A 77 -19.91 8.74 7.12
CA TRP A 77 -19.44 9.36 5.89
C TRP A 77 -18.98 8.33 4.87
N VAL A 78 -18.53 7.16 5.32
CA VAL A 78 -18.13 6.11 4.38
C VAL A 78 -19.37 5.56 3.67
N PHE A 79 -20.45 5.33 4.41
CA PHE A 79 -21.68 4.85 3.81
C PHE A 79 -22.28 5.88 2.85
N GLN A 80 -22.09 7.16 3.14
CA GLN A 80 -22.65 8.21 2.30
C GLN A 80 -21.98 8.29 0.93
N VAL A 81 -20.68 8.09 0.86
CA VAL A 81 -19.98 8.25 -0.42
C VAL A 81 -20.19 7.04 -1.33
N ILE A 82 -20.39 5.85 -0.76
CA ILE A 82 -20.58 4.66 -1.60
C ILE A 82 -22.02 4.56 -2.08
N LEU A 83 -22.99 5.01 -1.29
CA LEU A 83 -24.37 5.05 -1.74
C LEU A 83 -24.54 5.98 -2.94
N VAL A 84 -24.00 7.20 -2.82
CA VAL A 84 -24.11 8.19 -3.89
C VAL A 84 -23.40 7.73 -5.16
N ALA A 85 -22.45 6.81 -5.05
CA ALA A 85 -21.75 6.29 -6.22
C ALA A 85 -22.47 5.15 -6.91
N VAL A 86 -23.55 4.62 -6.33
CA VAL A 86 -24.26 3.49 -6.92
C VAL A 86 -25.02 3.94 -8.17
N PRO A 87 -25.76 5.05 -8.16
CA PRO A 87 -26.40 5.48 -9.42
C PRO A 87 -25.41 5.85 -10.51
N SER A 88 -24.23 6.35 -10.15
CA SER A 88 -23.25 6.72 -11.15
C SER A 88 -22.63 5.49 -11.80
N ALA A 89 -22.48 4.40 -11.06
CA ALA A 89 -21.88 3.18 -11.62
C ALA A 89 -22.85 2.43 -12.52
N LEU A 90 -24.14 2.50 -12.25
CA LEU A 90 -25.12 1.88 -13.13
C LEU A 90 -25.24 2.60 -14.47
N TYR A 91 -25.08 3.92 -14.48
CA TYR A 91 -25.19 4.68 -15.71
C TYR A 91 -23.96 4.53 -16.59
N MET A 92 -22.78 4.34 -15.98
CA MET A 92 -21.58 4.11 -16.77
C MET A 92 -21.59 2.76 -17.44
N GLY A 93 -22.17 1.75 -16.80
CA GLY A 93 -22.26 0.43 -17.40
C GLY A 93 -23.32 0.34 -18.47
N PHE A 94 -24.43 1.04 -18.28
CA PHE A 94 -25.48 1.06 -19.29
C PHE A 94 -25.01 1.76 -20.56
N THR A 95 -24.08 2.71 -20.42
CA THR A 95 -23.54 3.42 -21.57
C THR A 95 -22.48 2.59 -22.29
N LEU A 96 -21.70 1.82 -21.54
CA LEU A 96 -20.67 0.96 -22.13
C LEU A 96 -21.29 -0.07 -23.06
N TYR A 97 -22.28 -0.80 -22.57
CA TYR A 97 -22.91 -1.84 -23.40
C TYR A 97 -23.70 -1.25 -24.56
N HIS A 98 -24.12 0.01 -24.46
CA HIS A 98 -24.83 0.64 -25.56
C HIS A 98 -23.89 0.98 -26.72
N VAL A 99 -22.65 1.33 -26.40
CA VAL A 99 -21.67 1.67 -27.43
C VAL A 99 -21.23 0.41 -28.19
N ILE A 100 -21.23 -0.74 -27.52
CA ILE A 100 -20.75 -1.97 -28.15
C ILE A 100 -21.77 -2.52 -29.12
N TRP A 101 -23.05 -2.47 -28.76
CA TRP A 101 -24.12 -2.99 -29.61
C TRP A 101 -24.47 -2.07 -30.78
N HIS A 102 -23.72 -0.97 -30.98
CA HIS A 102 -23.90 -0.09 -32.12
C HIS A 102 -22.61 0.18 -32.88
N TRP A 103 -21.51 -0.48 -32.52
CA TRP A 103 -20.28 -0.42 -33.31
C TRP A 103 -20.35 -1.37 -34.49
N GLU A 104 -20.86 -2.58 -34.25
CA GLU A 104 -20.99 -3.60 -35.30
C GLU A 104 -21.74 -3.05 -36.50
N LEU A 105 -22.94 -2.51 -36.28
CA LEU A 105 -23.78 -2.03 -37.38
C LEU A 105 -23.34 -0.65 -37.85
N SER A 106 -23.14 0.28 -36.92
CA SER A 106 -22.89 1.69 -37.22
C SER A 106 -21.49 2.12 -36.79
N GLY A 107 -20.50 1.27 -37.05
CA GLY A 107 -19.12 1.58 -36.72
C GLY A 107 -18.59 2.81 -37.45
N GLY A 127 -32.09 8.14 -32.41
CA GLY A 127 -33.53 8.19 -32.22
C GLY A 127 -33.98 7.44 -30.98
N ALA A 128 -34.34 6.18 -31.15
CA ALA A 128 -34.72 5.35 -30.01
C ALA A 128 -33.54 5.04 -29.10
N GLY A 129 -32.32 5.10 -29.63
CA GLY A 129 -31.13 4.87 -28.82
C GLY A 129 -30.64 6.13 -28.15
N SER A 130 -30.57 7.24 -28.91
CA SER A 130 -30.14 8.50 -28.32
C SER A 130 -31.10 8.98 -27.24
N LEU A 131 -32.39 8.70 -27.40
CA LEU A 131 -33.38 9.05 -26.39
C LEU A 131 -33.36 8.09 -25.20
N ARG A 132 -32.68 6.96 -25.32
CA ARG A 132 -32.60 5.99 -24.23
C ARG A 132 -31.61 6.43 -23.16
N LEU A 133 -30.54 7.13 -23.56
CA LEU A 133 -29.53 7.61 -22.63
C LEU A 133 -29.95 8.87 -21.90
N LEU A 134 -30.86 9.67 -22.47
CA LEU A 134 -31.29 10.89 -21.80
C LEU A 134 -32.16 10.60 -20.60
N TRP A 135 -33.05 9.61 -20.70
CA TRP A 135 -33.90 9.26 -19.57
C TRP A 135 -33.11 8.60 -18.44
N ALA A 136 -31.96 8.00 -18.75
CA ALA A 136 -31.13 7.41 -17.71
C ALA A 136 -30.31 8.45 -16.96
N TYR A 137 -29.97 9.56 -17.62
CA TYR A 137 -29.21 10.62 -16.95
C TYR A 137 -30.09 11.38 -15.97
N VAL A 138 -31.35 11.63 -16.34
CA VAL A 138 -32.27 12.31 -15.44
C VAL A 138 -32.59 11.44 -14.23
N ALA A 139 -32.49 10.13 -14.36
CA ALA A 139 -32.90 9.23 -13.29
C ALA A 139 -31.86 9.14 -12.19
N GLN A 140 -30.57 9.20 -12.53
CA GLN A 140 -29.53 9.12 -11.52
C GLN A 140 -29.32 10.44 -10.79
N LEU A 141 -29.65 11.57 -11.42
CA LEU A 141 -29.60 12.85 -10.73
C LEU A 141 -30.74 12.98 -9.74
N GLY A 142 -31.90 12.42 -10.04
CA GLY A 142 -33.00 12.44 -9.11
C GLY A 142 -32.75 11.58 -7.89
N ALA A 143 -32.07 10.44 -8.08
CA ALA A 143 -31.75 9.57 -6.95
C ALA A 143 -30.68 10.20 -6.07
N ARG A 144 -29.63 10.78 -6.67
CA ARG A 144 -28.60 11.43 -5.90
C ARG A 144 -29.13 12.65 -5.16
N LEU A 145 -30.15 13.31 -5.72
CA LEU A 145 -30.78 14.43 -5.04
C LEU A 145 -31.51 14.00 -3.79
N VAL A 146 -32.10 12.80 -3.80
CA VAL A 146 -32.84 12.30 -2.65
C VAL A 146 -31.90 11.75 -1.58
N LEU A 147 -30.78 11.14 -2.00
CA LEU A 147 -29.85 10.55 -1.04
C LEU A 147 -28.99 11.61 -0.35
N GLU A 148 -28.62 12.68 -1.07
CA GLU A 148 -27.84 13.74 -0.45
C GLU A 148 -28.67 14.52 0.56
N GLY A 149 -29.94 14.76 0.24
CA GLY A 149 -30.78 15.53 1.15
C GLY A 149 -31.10 14.78 2.43
N ALA A 150 -31.28 13.45 2.34
CA ALA A 150 -31.58 12.67 3.53
C ALA A 150 -30.35 12.52 4.42
N ALA A 151 -29.16 12.48 3.83
CA ALA A 151 -27.94 12.34 4.62
C ALA A 151 -27.67 13.58 5.46
N LEU A 152 -27.91 14.77 4.89
CA LEU A 152 -27.70 16.00 5.64
C LEU A 152 -28.65 16.10 6.83
N GLY A 153 -29.88 15.61 6.68
CA GLY A 153 -30.82 15.65 7.78
C GLY A 153 -30.41 14.75 8.94
N LEU A 154 -29.91 13.56 8.63
CA LEU A 154 -29.41 12.68 9.68
C LEU A 154 -28.17 13.25 10.34
N GLN A 155 -27.31 13.91 9.56
CA GLN A 155 -26.08 14.48 10.11
C GLN A 155 -26.39 15.55 11.13
N TYR A 156 -27.32 16.46 10.81
CA TYR A 156 -27.73 17.47 11.77
C TYR A 156 -28.47 16.85 12.95
N HIS A 157 -29.20 15.76 12.71
CA HIS A 157 -30.00 15.14 13.76
C HIS A 157 -29.13 14.36 14.75
N LEU A 158 -28.09 13.70 14.27
CA LEU A 158 -27.25 12.89 15.14
C LEU A 158 -26.23 13.73 15.89
N TYR A 159 -25.51 14.60 15.17
CA TYR A 159 -24.33 15.29 15.71
C TYR A 159 -24.56 16.78 15.94
N GLY A 160 -25.22 17.47 15.01
CA GLY A 160 -25.43 18.90 15.13
C GLY A 160 -24.37 19.71 14.43
N PHE A 161 -24.01 20.86 15.01
CA PHE A 161 -22.96 21.72 14.48
C PHE A 161 -21.81 21.93 15.46
N GLN A 162 -21.81 21.27 16.62
CA GLN A 162 -20.73 21.45 17.58
C GLN A 162 -20.60 20.22 18.47
N MET A 163 -19.36 19.90 18.82
CA MET A 163 -19.05 18.79 19.71
C MET A 163 -18.74 19.36 21.09
N PRO A 164 -19.40 18.95 22.17
CA PRO A 164 -19.20 19.62 23.45
C PRO A 164 -17.90 19.17 24.13
N SER A 165 -17.61 19.84 25.25
CA SER A 165 -16.44 19.54 26.07
C SER A 165 -16.77 18.68 27.28
N SER A 166 -18.03 18.62 27.69
CA SER A 166 -18.47 17.80 28.81
C SER A 166 -19.75 17.08 28.43
N PHE A 167 -20.13 16.11 29.27
CA PHE A 167 -21.31 15.30 29.01
C PHE A 167 -21.76 14.69 30.34
N ALA A 168 -23.03 14.88 30.67
CA ALA A 168 -23.62 14.32 31.87
C ALA A 168 -24.37 13.04 31.53
N CYS A 169 -24.20 12.03 32.38
CA CYS A 169 -24.68 10.68 32.09
C CYS A 169 -25.35 10.12 33.33
N ARG A 170 -26.64 9.83 33.22
CA ARG A 170 -27.41 9.14 34.25
C ARG A 170 -27.96 7.87 33.62
N ARG A 171 -27.18 6.79 33.75
CA ARG A 171 -27.46 5.52 33.09
C ARG A 171 -26.97 4.40 33.99
N GLU A 172 -27.67 3.28 33.95
CA GLU A 172 -27.21 2.14 34.74
C GLU A 172 -26.05 1.46 34.02
N PRO A 173 -25.09 0.87 34.76
CA PRO A 173 -24.94 0.70 36.21
C PRO A 173 -24.13 1.81 36.90
N CYS A 174 -24.34 3.06 36.51
CA CYS A 174 -23.68 4.20 37.16
C CYS A 174 -24.55 4.66 38.32
N LEU A 175 -23.93 4.85 39.48
CA LEU A 175 -24.64 5.30 40.67
C LEU A 175 -24.59 6.82 40.73
N GLY A 176 -25.75 7.46 40.59
CA GLY A 176 -25.83 8.90 40.60
C GLY A 176 -25.61 9.50 39.22
N SER A 177 -25.06 10.72 39.17
CA SER A 177 -24.71 11.38 37.94
C SER A 177 -23.21 11.65 37.93
N ILE A 178 -22.55 11.30 36.82
CA ILE A 178 -21.12 11.44 36.67
C ILE A 178 -20.83 12.46 35.58
N THR A 179 -19.59 12.95 35.58
CA THR A 179 -19.11 13.90 34.60
C THR A 179 -18.02 13.25 33.76
N CYS A 180 -18.08 13.48 32.45
CA CYS A 180 -17.15 12.91 31.49
C CYS A 180 -16.64 14.03 30.59
N ASN A 181 -15.34 14.00 30.30
CA ASN A 181 -14.66 15.07 29.57
C ASN A 181 -14.13 14.54 28.24
N LEU A 182 -14.12 15.41 27.24
CA LEU A 182 -13.68 15.10 25.89
C LEU A 182 -12.40 15.85 25.56
N SER A 183 -11.70 15.36 24.54
CA SER A 183 -10.46 15.95 24.06
C SER A 183 -10.63 16.44 22.63
N ARG A 184 -9.98 17.54 22.32
CA ARG A 184 -10.03 18.17 21.00
C ARG A 184 -11.45 18.42 20.50
N PRO A 185 -12.23 19.25 21.22
CA PRO A 185 -13.56 19.61 20.70
C PRO A 185 -13.54 20.69 19.63
N SER A 186 -12.45 21.45 19.50
CA SER A 186 -12.39 22.53 18.53
C SER A 186 -12.01 22.01 17.14
N GLU A 187 -11.12 21.03 17.07
CA GLU A 187 -10.74 20.46 15.78
C GLU A 187 -11.84 19.59 15.21
N LYS A 188 -12.63 18.95 16.07
CA LYS A 188 -13.73 18.12 15.60
C LYS A 188 -14.90 18.96 15.10
N THR A 189 -15.14 20.11 15.74
CA THR A 189 -16.16 21.03 15.28
C THR A 189 -15.83 21.62 13.91
N ILE A 190 -14.53 21.84 13.63
CA ILE A 190 -14.16 22.45 12.37
C ILE A 190 -14.28 21.45 11.22
N PHE A 191 -13.95 20.19 11.48
CA PHE A 191 -14.05 19.17 10.43
C PHE A 191 -15.51 18.83 10.14
N LEU A 192 -16.37 18.89 11.15
CA LEU A 192 -17.78 18.63 10.97
C LEU A 192 -18.43 19.65 10.06
N LYS A 193 -18.19 20.94 10.31
CA LYS A 193 -18.77 21.99 9.48
C LYS A 193 -18.22 21.99 8.06
N THR A 194 -16.94 21.62 7.90
CA THR A 194 -16.35 21.58 6.57
C THR A 194 -17.02 20.53 5.69
N MET A 195 -17.43 19.40 6.28
CA MET A 195 -18.10 18.36 5.51
C MET A 195 -19.52 18.78 5.14
N PHE A 196 -20.24 19.38 6.08
CA PHE A 196 -21.59 19.88 5.81
C PHE A 196 -21.62 20.84 4.63
N GLY A 197 -20.55 21.62 4.45
CA GLY A 197 -20.49 22.59 3.38
C GLY A 197 -20.20 21.98 2.02
N VAL A 198 -19.29 21.00 1.98
CA VAL A 198 -18.99 20.34 0.71
C VAL A 198 -20.20 19.56 0.21
N SER A 199 -20.92 18.89 1.13
CA SER A 199 -22.11 18.17 0.73
C SER A 199 -23.22 19.12 0.30
N GLY A 200 -23.30 20.30 0.91
CA GLY A 200 -24.29 21.28 0.50
C GLY A 200 -24.10 21.76 -0.93
N PHE A 201 -22.84 21.96 -1.33
CA PHE A 201 -22.57 22.38 -2.70
C PHE A 201 -22.82 21.25 -3.69
N CYS A 202 -22.59 20.00 -3.28
CA CYS A 202 -22.92 18.88 -4.15
C CYS A 202 -24.42 18.80 -4.38
N LEU A 203 -25.20 19.10 -3.34
CA LEU A 203 -26.66 19.11 -3.47
C LEU A 203 -27.13 20.25 -4.37
N LEU A 204 -26.51 21.42 -4.22
CA LEU A 204 -26.93 22.59 -4.98
C LEU A 204 -26.71 22.41 -6.48
N PHE A 205 -25.51 21.95 -6.86
CA PHE A 205 -25.19 21.81 -8.28
C PHE A 205 -25.86 20.59 -8.92
N THR A 206 -26.34 19.65 -8.11
CA THR A 206 -27.17 18.57 -8.65
C THR A 206 -28.57 19.05 -8.97
N PHE A 207 -29.15 19.88 -8.09
CA PHE A 207 -30.44 20.48 -8.36
C PHE A 207 -30.38 21.48 -9.50
N LEU A 208 -29.23 22.12 -9.70
CA LEU A 208 -29.10 23.12 -10.75
C LEU A 208 -29.00 22.46 -12.13
N GLU A 209 -28.36 21.31 -12.22
CA GLU A 209 -28.21 20.63 -13.50
C GLU A 209 -29.53 20.06 -14.00
N LEU A 210 -30.51 19.87 -13.12
CA LEU A 210 -31.85 19.47 -13.56
C LEU A 210 -32.62 20.65 -14.14
N VAL A 211 -32.51 21.82 -13.51
CA VAL A 211 -33.20 23.01 -14.00
C VAL A 211 -32.75 23.35 -15.40
N LEU A 212 -31.45 23.33 -15.65
CA LEU A 212 -30.91 23.66 -16.97
C LEU A 212 -31.30 22.64 -18.03
N LEU A 213 -31.77 21.45 -17.63
CA LEU A 213 -32.29 20.49 -18.58
C LEU A 213 -33.76 20.72 -18.91
N GLY A 214 -34.50 21.42 -18.05
CA GLY A 214 -35.88 21.78 -18.30
C GLY A 214 -36.85 21.31 -17.24
N LEU A 215 -36.38 21.16 -16.00
CA LEU A 215 -37.27 20.77 -14.91
C LEU A 215 -38.38 21.80 -14.70
N GLY A 216 -38.09 23.08 -14.94
CA GLY A 216 -39.10 24.10 -14.77
C GLY A 216 -40.30 23.90 -15.68
N ARG A 217 -40.06 23.58 -16.95
CA ARG A 217 -41.16 23.36 -17.88
C ARG A 217 -41.94 22.10 -17.51
N TRP A 218 -41.25 21.07 -17.01
CA TRP A 218 -41.93 19.86 -16.57
C TRP A 218 -42.68 20.09 -15.27
N TRP A 219 -42.17 20.97 -14.40
CA TRP A 219 -42.80 21.22 -13.11
C TRP A 219 -44.21 21.78 -13.29
N ARG A 220 -44.36 22.84 -14.08
CA ARG A 220 -45.63 23.52 -14.21
C ARG A 220 -46.71 22.59 -14.79
N THR A 221 -46.41 21.89 -15.87
CA THR A 221 -47.35 21.00 -16.55
C THR A 221 -46.75 19.60 -16.67
N CYS B 2 -2.87 5.36 -27.89
CA CYS B 2 -2.90 6.62 -27.14
C CYS B 2 -1.57 7.37 -27.29
N GLY B 3 -0.92 7.19 -28.43
CA GLY B 3 0.35 7.85 -28.70
C GLY B 3 0.15 9.20 -29.37
N ARG B 4 -0.66 9.21 -30.43
CA ARG B 4 -0.91 10.46 -31.14
C ARG B 4 -1.85 11.36 -30.34
N PHE B 5 -2.71 10.78 -29.51
CA PHE B 5 -3.64 11.56 -28.71
C PHE B 5 -2.90 12.42 -27.70
N LEU B 6 -2.05 11.80 -26.88
CA LEU B 6 -1.31 12.54 -25.86
C LEU B 6 -0.30 13.50 -26.48
N ARG B 7 0.16 13.25 -27.71
CA ARG B 7 1.06 14.17 -28.37
C ARG B 7 0.35 15.41 -28.91
N ARG B 8 -0.99 15.41 -28.89
CA ARG B 8 -1.80 16.53 -29.34
C ARG B 8 -2.45 17.28 -28.18
N LEU B 9 -2.57 16.64 -27.02
CA LEU B 9 -3.09 17.29 -25.82
C LEU B 9 -2.02 18.12 -25.13
N LEU B 10 -0.79 17.62 -25.07
CA LEU B 10 0.29 18.36 -24.43
C LEU B 10 0.66 19.61 -25.22
N ALA B 11 0.59 19.54 -26.55
CA ALA B 11 0.90 20.69 -27.39
C ALA B 11 -0.22 21.72 -27.40
N GLU B 12 -1.43 21.34 -27.01
CA GLU B 12 -2.57 22.25 -26.96
C GLU B 12 -2.72 22.90 -25.59
N GLU B 13 -2.54 22.11 -24.53
CA GLU B 13 -2.64 22.62 -23.17
C GLU B 13 -1.54 23.62 -22.85
N SER B 14 -0.42 23.60 -23.58
CA SER B 14 0.75 24.42 -23.25
C SER B 14 1.35 25.07 -24.49
N GLY B 15 0.52 25.42 -25.46
CA GLY B 15 0.96 26.15 -26.63
C GLY B 15 0.94 27.66 -26.48
N ARG B 16 0.55 28.17 -25.32
CA ARG B 16 0.47 29.60 -25.05
C ARG B 16 0.98 29.95 -23.66
N SER B 17 1.86 29.13 -23.10
CA SER B 17 2.48 29.36 -21.81
C SER B 17 3.98 29.41 -21.96
N THR B 18 4.63 30.03 -20.98
CA THR B 18 6.08 30.15 -20.95
C THR B 18 6.67 28.98 -20.18
N PRO B 19 8.00 28.84 -20.18
CA PRO B 19 8.62 27.77 -19.38
C PRO B 19 8.37 27.86 -17.89
N VAL B 20 8.00 29.03 -17.37
CA VAL B 20 7.76 29.15 -15.94
C VAL B 20 6.52 28.35 -15.53
N GLY B 21 5.47 28.39 -16.36
CA GLY B 21 4.25 27.67 -16.10
C GLY B 21 4.18 26.28 -16.70
N ARG B 22 5.17 25.91 -17.51
CA ARG B 22 5.21 24.63 -18.20
C ARG B 22 6.11 23.62 -17.53
N LEU B 23 7.19 24.06 -16.88
CA LEU B 23 8.16 23.20 -16.22
C LEU B 23 8.30 23.48 -14.73
N LEU B 24 8.43 24.75 -14.35
CA LEU B 24 8.89 25.10 -13.01
C LEU B 24 7.79 25.03 -11.96
N LEU B 25 6.55 25.33 -12.33
CA LEU B 25 5.45 25.28 -11.37
C LEU B 25 5.01 23.85 -11.06
N PRO B 26 4.85 22.96 -12.05
CA PRO B 26 4.53 21.57 -11.72
C PRO B 26 5.57 20.89 -10.83
N VAL B 27 6.84 21.23 -10.99
CA VAL B 27 7.88 20.62 -10.17
C VAL B 27 7.86 21.19 -8.76
N LEU B 28 7.47 22.45 -8.61
CA LEU B 28 7.41 23.07 -7.28
C LEU B 28 6.23 22.53 -6.47
N LEU B 29 5.11 22.25 -7.14
CA LEU B 29 3.93 21.76 -6.44
C LEU B 29 4.06 20.29 -6.08
N GLY B 30 4.75 19.50 -6.89
CA GLY B 30 5.04 18.13 -6.52
C GLY B 30 6.05 18.01 -5.40
N PHE B 31 7.00 18.94 -5.33
CA PHE B 31 7.96 18.98 -4.23
C PHE B 31 7.26 19.14 -2.90
N ARG B 32 6.27 20.03 -2.84
CA ARG B 32 5.57 20.28 -1.58
C ARG B 32 4.72 19.09 -1.16
N LEU B 33 4.24 18.31 -2.12
CA LEU B 33 3.37 17.18 -1.82
C LEU B 33 4.16 15.99 -1.29
N VAL B 34 5.31 15.70 -1.91
CA VAL B 34 6.14 14.59 -1.45
C VAL B 34 6.73 14.87 -0.07
N LEU B 35 7.14 16.12 0.17
CA LEU B 35 7.71 16.49 1.46
C LEU B 35 6.70 16.32 2.59
N LEU B 36 5.44 16.69 2.34
CA LEU B 36 4.41 16.59 3.35
C LEU B 36 4.08 15.13 3.68
N ALA B 37 3.95 14.30 2.64
CA ALA B 37 3.57 12.90 2.85
C ALA B 37 4.69 12.11 3.52
N ALA B 38 5.93 12.32 3.11
CA ALA B 38 7.04 11.52 3.62
C ALA B 38 7.45 11.94 5.02
N SER B 39 7.57 13.25 5.29
CA SER B 39 8.18 13.74 6.51
C SER B 39 7.19 14.35 7.50
N GLY B 40 5.98 14.69 7.08
CA GLY B 40 5.05 15.39 7.92
C GLY B 40 4.62 14.64 9.18
N PRO B 41 4.12 13.41 9.03
CA PRO B 41 3.64 12.68 10.20
C PRO B 41 4.70 12.41 11.26
N GLY B 42 5.98 12.33 10.87
CA GLY B 42 7.03 12.09 11.84
C GLY B 42 7.27 13.24 12.79
N VAL B 43 7.00 14.46 12.35
CA VAL B 43 7.22 15.65 13.18
C VAL B 43 6.00 15.98 14.02
N TYR B 44 4.81 16.02 13.39
CA TYR B 44 3.60 16.55 14.00
C TYR B 44 2.56 15.47 14.32
N GLY B 45 2.93 14.19 14.25
CA GLY B 45 1.96 13.14 14.44
C GLY B 45 1.58 12.88 15.89
N ASP B 46 2.48 13.17 16.82
CA ASP B 46 2.29 12.86 18.24
C ASP B 46 2.34 14.11 19.11
N GLU B 47 1.67 15.18 18.66
CA GLU B 47 1.64 16.41 19.45
C GLU B 47 0.95 16.20 20.79
N GLN B 48 -0.10 15.37 20.82
CA GLN B 48 -0.95 15.27 21.99
C GLN B 48 -0.23 14.59 23.15
N SER B 49 0.53 13.54 22.87
CA SER B 49 1.34 12.87 23.88
C SER B 49 2.62 13.62 24.22
N GLU B 50 3.02 14.59 23.39
CA GLU B 50 4.18 15.42 23.63
C GLU B 50 3.83 16.73 24.34
N PHE B 51 2.70 16.77 25.05
CA PHE B 51 2.21 17.98 25.70
C PHE B 51 1.93 17.61 27.15
N VAL B 52 2.89 17.90 28.02
CA VAL B 52 2.89 17.46 29.40
C VAL B 52 2.60 18.66 30.29
N CYS B 53 1.54 18.56 31.09
CA CYS B 53 1.15 19.57 32.05
C CYS B 53 1.31 19.02 33.45
N HIS B 54 1.71 19.90 34.37
CA HIS B 54 2.08 19.51 35.73
C HIS B 54 0.88 19.76 36.64
N THR B 55 -0.02 18.78 36.70
CA THR B 55 -1.25 18.90 37.47
C THR B 55 -1.87 17.52 37.58
N GLN B 56 -2.97 17.46 38.35
CA GLN B 56 -3.74 16.23 38.51
C GLN B 56 -5.25 16.44 38.46
N GLN B 57 -5.72 17.68 38.32
CA GLN B 57 -7.16 17.91 38.23
C GLN B 57 -7.72 17.19 36.99
N PRO B 58 -8.99 16.78 37.02
CA PRO B 58 -9.55 16.11 35.83
C PRO B 58 -10.00 17.13 34.79
N GLY B 59 -9.43 17.03 33.59
CA GLY B 59 -9.84 17.85 32.48
C GLY B 59 -9.06 19.12 32.26
N CYS B 60 -7.96 19.32 32.97
CA CYS B 60 -7.17 20.53 32.81
C CYS B 60 -6.19 20.43 31.64
N LYS B 61 -5.69 19.23 31.35
CA LYS B 61 -4.80 19.07 30.19
C LYS B 61 -5.56 19.23 28.89
N ALA B 62 -6.76 18.66 28.79
CA ALA B 62 -7.53 18.76 27.56
C ALA B 62 -7.99 20.18 27.29
N ALA B 63 -8.19 20.98 28.34
CA ALA B 63 -8.61 22.36 28.16
C ALA B 63 -7.47 23.23 27.66
N CYS B 64 -6.24 22.96 28.11
CA CYS B 64 -5.10 23.78 27.74
C CYS B 64 -4.54 23.42 26.37
N PHE B 65 -4.61 22.15 25.99
CA PHE B 65 -4.14 21.76 24.66
C PHE B 65 -5.07 22.27 23.56
N ASP B 66 -6.36 22.40 23.86
CA ASP B 66 -7.30 22.90 22.86
C ASP B 66 -7.19 24.40 22.68
N ALA B 67 -6.75 25.12 23.71
CA ALA B 67 -6.49 26.54 23.59
C ALA B 67 -5.20 26.81 22.84
N PHE B 68 -4.21 25.94 22.98
CA PHE B 68 -2.92 26.14 22.32
C PHE B 68 -2.97 25.79 20.85
N HIS B 69 -3.63 24.69 20.48
CA HIS B 69 -3.68 24.22 19.09
C HIS B 69 -5.11 23.82 18.75
N PRO B 70 -5.95 24.79 18.34
CA PRO B 70 -7.29 24.42 17.87
C PRO B 70 -7.29 23.70 16.53
N LEU B 71 -6.16 23.71 15.81
CA LEU B 71 -6.06 23.03 14.53
C LEU B 71 -4.59 22.69 14.32
N SER B 72 -4.32 21.45 13.94
CA SER B 72 -2.95 21.01 13.75
C SER B 72 -2.42 21.50 12.40
N PRO B 73 -1.10 21.69 12.28
CA PRO B 73 -0.56 22.06 10.96
C PRO B 73 -0.73 21.00 9.89
N LEU B 74 -0.83 19.73 10.29
CA LEU B 74 -1.01 18.66 9.31
C LEU B 74 -2.35 18.78 8.60
N ARG B 75 -3.39 19.23 9.31
CA ARG B 75 -4.71 19.38 8.70
C ARG B 75 -4.75 20.61 7.79
N PHE B 76 -4.13 21.71 8.24
CA PHE B 76 -4.09 22.93 7.44
C PHE B 76 -3.42 22.69 6.09
N TRP B 77 -2.29 21.98 6.07
CA TRP B 77 -1.53 21.82 4.82
C TRP B 77 -2.21 20.85 3.87
N VAL B 78 -2.99 19.90 4.37
CA VAL B 78 -3.72 18.99 3.49
C VAL B 78 -4.82 19.75 2.75
N PHE B 79 -5.56 20.61 3.45
CA PHE B 79 -6.59 21.41 2.82
C PHE B 79 -6.01 22.39 1.81
N GLN B 80 -4.79 22.88 2.05
CA GLN B 80 -4.18 23.86 1.16
C GLN B 80 -3.79 23.25 -0.18
N VAL B 81 -3.31 22.00 -0.20
CA VAL B 81 -2.84 21.41 -1.44
C VAL B 81 -4.01 20.95 -2.32
N ILE B 82 -5.13 20.55 -1.72
CA ILE B 82 -6.26 20.08 -2.52
C ILE B 82 -7.07 21.26 -3.06
N LEU B 83 -7.15 22.37 -2.31
CA LEU B 83 -7.82 23.56 -2.83
C LEU B 83 -7.11 24.10 -4.06
N VAL B 84 -5.78 24.25 -3.97
CA VAL B 84 -4.99 24.78 -5.07
C VAL B 84 -5.06 23.89 -6.30
N ALA B 85 -5.37 22.60 -6.12
CA ALA B 85 -5.49 21.67 -7.24
C ALA B 85 -6.85 21.71 -7.92
N VAL B 86 -7.83 22.40 -7.36
CA VAL B 86 -9.17 22.42 -7.94
C VAL B 86 -9.18 23.23 -9.23
N PRO B 87 -8.59 24.43 -9.30
CA PRO B 87 -8.54 25.13 -10.58
C PRO B 87 -7.75 24.41 -11.65
N SER B 88 -6.71 23.66 -11.26
CA SER B 88 -5.91 22.93 -12.24
C SER B 88 -6.67 21.76 -12.83
N ALA B 89 -7.54 21.13 -12.05
CA ALA B 89 -8.30 19.97 -12.52
C ALA B 89 -9.44 20.39 -13.45
N LEU B 90 -10.03 21.57 -13.22
CA LEU B 90 -11.08 22.06 -14.12
C LEU B 90 -10.51 22.44 -15.49
N TYR B 91 -9.29 22.98 -15.53
CA TYR B 91 -8.70 23.38 -16.80
C TYR B 91 -8.23 22.19 -17.62
N MET B 92 -7.80 21.11 -16.96
CA MET B 92 -7.39 19.91 -17.69
C MET B 92 -8.59 19.22 -18.33
N GLY B 93 -9.75 19.24 -17.67
CA GLY B 93 -10.94 18.64 -18.21
C GLY B 93 -11.56 19.46 -19.33
N PHE B 94 -11.50 20.78 -19.21
CA PHE B 94 -12.01 21.65 -20.26
C PHE B 94 -11.19 21.52 -21.53
N THR B 95 -9.91 21.21 -21.40
CA THR B 95 -9.03 21.02 -22.55
C THR B 95 -9.24 19.66 -23.20
N LEU B 96 -9.50 18.64 -22.38
CA LEU B 96 -9.74 17.29 -22.90
C LEU B 96 -10.95 17.26 -23.82
N TYR B 97 -12.08 17.78 -23.35
CA TYR B 97 -13.30 17.77 -24.16
C TYR B 97 -13.20 18.68 -25.36
N HIS B 98 -12.32 19.68 -25.33
CA HIS B 98 -12.13 20.55 -26.48
C HIS B 98 -11.37 19.86 -27.60
N VAL B 99 -10.44 18.97 -27.25
CA VAL B 99 -9.68 18.24 -28.27
C VAL B 99 -10.56 17.20 -28.96
N ILE B 100 -11.55 16.65 -28.25
CA ILE B 100 -12.38 15.59 -28.81
C ILE B 100 -13.38 16.15 -29.81
N TRP B 101 -13.97 17.31 -29.50
CA TRP B 101 -14.96 17.93 -30.38
C TRP B 101 -14.35 18.63 -31.59
N HIS B 102 -13.04 18.51 -31.80
CA HIS B 102 -12.37 19.06 -32.97
C HIS B 102 -11.51 18.03 -33.69
N TRP B 103 -11.52 16.76 -33.26
CA TRP B 103 -10.86 15.70 -34.01
C TRP B 103 -11.74 15.22 -35.16
N GLU B 104 -13.04 15.07 -34.89
CA GLU B 104 -13.99 14.64 -35.91
C GLU B 104 -13.91 15.49 -37.17
N LEU B 105 -14.03 16.81 -37.00
CA LEU B 105 -14.04 17.72 -38.15
C LEU B 105 -12.64 18.00 -38.65
N SER B 106 -11.72 18.34 -37.75
CA SER B 106 -10.38 18.81 -38.09
C SER B 106 -9.31 17.83 -37.62
N GLY B 107 -9.55 16.54 -37.81
CA GLY B 107 -8.58 15.51 -37.43
C GLY B 107 -7.28 15.62 -38.18
N GLY B 127 -9.32 30.23 -33.86
CA GLY B 127 -10.01 31.50 -33.73
C GLY B 127 -10.86 31.58 -32.48
N ALA B 128 -12.15 31.27 -32.62
CA ALA B 128 -13.04 31.25 -31.46
C ALA B 128 -12.70 30.11 -30.50
N GLY B 129 -12.05 29.05 -30.99
CA GLY B 129 -11.64 27.95 -30.13
C GLY B 129 -10.30 28.20 -29.48
N SER B 130 -9.32 28.64 -30.26
CA SER B 130 -8.00 28.93 -29.72
C SER B 130 -8.05 30.05 -28.69
N LEU B 131 -8.94 31.02 -28.88
CA LEU B 131 -9.12 32.10 -27.93
C LEU B 131 -9.92 31.68 -26.71
N ARG B 132 -10.57 30.51 -26.75
CA ARG B 132 -11.35 30.01 -25.64
C ARG B 132 -10.46 29.43 -24.55
N LEU B 133 -9.33 28.84 -24.93
CA LEU B 133 -8.40 28.25 -23.98
C LEU B 133 -7.51 29.28 -23.30
N LEU B 134 -7.28 30.43 -23.94
CA LEU B 134 -6.42 31.44 -23.33
C LEU B 134 -7.11 32.12 -22.15
N TRP B 135 -8.40 32.38 -22.25
CA TRP B 135 -9.12 33.00 -21.14
C TRP B 135 -9.29 32.05 -19.97
N ALA B 136 -9.23 30.74 -20.20
CA ALA B 136 -9.32 29.78 -19.12
C ALA B 136 -8.00 29.62 -18.37
N TYR B 137 -6.87 29.85 -19.06
CA TYR B 137 -5.57 29.75 -18.40
C TYR B 137 -5.34 30.94 -17.48
N VAL B 138 -5.76 32.13 -17.90
CA VAL B 138 -5.62 33.32 -17.06
C VAL B 138 -6.51 33.23 -15.83
N ALA B 139 -7.60 32.47 -15.92
CA ALA B 139 -8.58 32.43 -14.83
C ALA B 139 -8.13 31.54 -13.69
N GLN B 140 -7.44 30.44 -13.99
CA GLN B 140 -6.97 29.56 -12.94
C GLN B 140 -5.71 30.06 -12.24
N LEU B 141 -4.91 30.88 -12.92
CA LEU B 141 -3.77 31.51 -12.28
C LEU B 141 -4.21 32.61 -11.33
N GLY B 142 -5.28 33.33 -11.67
CA GLY B 142 -5.80 34.34 -10.77
C GLY B 142 -6.41 33.75 -9.51
N ALA B 143 -7.06 32.59 -9.64
CA ALA B 143 -7.64 31.93 -8.47
C ALA B 143 -6.56 31.36 -7.57
N ARG B 144 -5.54 30.72 -8.16
CA ARG B 144 -4.44 30.18 -7.36
C ARG B 144 -3.65 31.29 -6.69
N LEU B 145 -3.59 32.48 -7.31
CA LEU B 145 -2.92 33.62 -6.70
C LEU B 145 -3.65 34.09 -5.45
N VAL B 146 -4.98 34.00 -5.45
CA VAL B 146 -5.77 34.45 -4.30
C VAL B 146 -5.76 33.41 -3.20
N LEU B 147 -5.74 32.13 -3.54
CA LEU B 147 -5.78 31.08 -2.53
C LEU B 147 -4.42 30.89 -1.84
N GLU B 148 -3.33 31.06 -2.59
CA GLU B 148 -2.01 30.95 -1.98
C GLU B 148 -1.73 32.11 -1.03
N GLY B 149 -2.15 33.32 -1.40
CA GLY B 149 -1.90 34.47 -0.56
C GLY B 149 -2.70 34.44 0.75
N ALA B 150 -3.93 33.93 0.68
CA ALA B 150 -4.76 33.85 1.88
C ALA B 150 -4.27 32.77 2.83
N ALA B 151 -3.70 31.69 2.30
CA ALA B 151 -3.21 30.60 3.14
C ALA B 151 -1.99 31.02 3.93
N LEU B 152 -1.08 31.80 3.32
CA LEU B 152 0.09 32.27 4.04
C LEU B 152 -0.29 33.20 5.18
N GLY B 153 -1.33 34.00 5.00
CA GLY B 153 -1.75 34.90 6.07
C GLY B 153 -2.30 34.16 7.27
N LEU B 154 -3.09 33.12 7.02
CA LEU B 154 -3.61 32.30 8.12
C LEU B 154 -2.48 31.54 8.81
N GLN B 155 -1.49 31.09 8.03
CA GLN B 155 -0.38 30.33 8.61
C GLN B 155 0.42 31.19 9.58
N TYR B 156 0.74 32.42 9.19
CA TYR B 156 1.42 33.33 10.11
C TYR B 156 0.52 33.72 11.27
N HIS B 157 -0.79 33.80 11.05
CA HIS B 157 -1.72 34.24 12.09
C HIS B 157 -1.95 33.16 13.13
N LEU B 158 -2.00 31.89 12.71
CA LEU B 158 -2.28 30.80 13.64
C LEU B 158 -1.02 30.37 14.40
N TYR B 159 0.08 30.14 13.69
CA TYR B 159 1.27 29.51 14.25
C TYR B 159 2.45 30.46 14.42
N GLY B 160 2.71 31.31 13.44
CA GLY B 160 3.84 32.22 13.51
C GLY B 160 5.06 31.67 12.82
N PHE B 161 6.25 31.97 13.36
CA PHE B 161 7.51 31.45 12.85
C PHE B 161 8.27 30.61 13.87
N GLN B 162 7.72 30.35 15.05
CA GLN B 162 8.42 29.55 16.04
C GLN B 162 7.43 28.87 16.98
N MET B 163 7.77 27.64 17.39
CA MET B 163 6.97 26.88 18.33
C MET B 163 7.65 26.96 19.70
N PRO B 164 6.97 27.39 20.76
CA PRO B 164 7.67 27.60 22.03
C PRO B 164 7.93 26.30 22.77
N SER B 165 8.67 26.43 23.87
CA SER B 165 9.00 25.31 24.74
C SER B 165 8.11 25.23 25.98
N SER B 166 7.42 26.32 26.34
CA SER B 166 6.51 26.34 27.47
C SER B 166 5.24 27.07 27.06
N PHE B 167 4.22 26.96 27.91
CA PHE B 167 2.92 27.56 27.65
C PHE B 167 2.19 27.71 28.97
N ALA B 168 1.73 28.93 29.25
CA ALA B 168 0.96 29.22 30.45
C ALA B 168 -0.52 29.22 30.12
N CYS B 169 -1.32 28.61 31.00
CA CYS B 169 -2.72 28.34 30.74
C CYS B 169 -3.53 28.71 31.98
N ARG B 170 -4.43 29.68 31.83
CA ARG B 170 -5.39 30.05 32.86
C ARG B 170 -6.78 29.85 32.25
N ARG B 171 -7.32 28.65 32.44
CA ARG B 171 -8.57 28.23 31.82
C ARG B 171 -9.28 27.29 32.78
N GLU B 172 -10.60 27.34 32.76
CA GLU B 172 -11.35 26.41 33.59
C GLU B 172 -11.37 25.03 32.94
N PRO B 173 -11.39 23.94 33.74
CA PRO B 173 -11.45 23.81 35.19
C PRO B 173 -10.09 23.70 35.89
N CYS B 174 -9.10 24.47 35.43
CA CYS B 174 -7.79 24.50 36.08
C CYS B 174 -7.81 25.55 37.19
N LEU B 175 -7.32 25.17 38.36
CA LEU B 175 -7.26 26.06 39.52
C LEU B 175 -5.92 26.78 39.52
N GLY B 176 -5.95 28.09 39.31
CA GLY B 176 -4.74 28.89 39.26
C GLY B 176 -4.14 28.92 37.88
N SER B 177 -2.81 29.04 37.81
CA SER B 177 -2.06 29.01 36.57
C SER B 177 -1.09 27.84 36.61
N ILE B 178 -1.08 27.05 35.54
CA ILE B 178 -0.24 25.86 35.43
C ILE B 178 0.78 26.07 34.32
N THR B 179 1.82 25.24 34.35
CA THR B 179 2.88 25.24 33.36
C THR B 179 2.85 23.93 32.58
N CYS B 180 3.00 24.04 31.26
CA CYS B 180 2.97 22.90 30.36
C CYS B 180 4.18 22.96 29.43
N ASN B 181 4.80 21.82 29.21
CA ASN B 181 6.05 21.72 28.46
C ASN B 181 5.84 20.93 27.18
N LEU B 182 6.60 21.31 26.15
CA LEU B 182 6.53 20.70 24.83
C LEU B 182 7.82 19.95 24.52
N SER B 183 7.73 19.05 23.55
CA SER B 183 8.86 18.24 23.10
C SER B 183 9.17 18.56 21.65
N ARG B 184 10.46 18.53 21.31
CA ARG B 184 10.95 18.82 19.97
C ARG B 184 10.46 20.16 19.42
N PRO B 185 10.80 21.28 20.07
CA PRO B 185 10.44 22.58 19.48
C PRO B 185 11.37 23.05 18.39
N SER B 186 12.57 22.47 18.27
CA SER B 186 13.52 22.91 17.27
C SER B 186 13.25 22.26 15.91
N GLU B 187 12.84 20.99 15.92
CA GLU B 187 12.53 20.32 14.66
C GLU B 187 11.21 20.80 14.08
N LYS B 188 10.27 21.22 14.93
CA LYS B 188 9.00 21.73 14.44
C LYS B 188 9.15 23.13 13.87
N THR B 189 10.02 23.94 14.46
CA THR B 189 10.31 25.27 13.92
C THR B 189 10.98 25.20 12.55
N ILE B 190 11.81 24.18 12.32
CA ILE B 190 12.52 24.09 11.04
C ILE B 190 11.57 23.64 9.93
N PHE B 191 10.64 22.74 10.24
CA PHE B 191 9.70 22.28 9.23
C PHE B 191 8.68 23.35 8.89
N LEU B 192 8.32 24.17 9.88
CA LEU B 192 7.37 25.25 9.65
C LEU B 192 7.92 26.28 8.68
N LYS B 193 9.17 26.73 8.89
CA LYS B 193 9.79 27.70 8.01
C LYS B 193 10.03 27.15 6.61
N THR B 194 10.35 25.86 6.50
CA THR B 194 10.60 25.26 5.20
C THR B 194 9.34 25.27 4.34
N MET B 195 8.17 25.11 4.95
CA MET B 195 6.93 25.12 4.18
C MET B 195 6.57 26.54 3.74
N PHE B 196 6.75 27.52 4.64
CA PHE B 196 6.50 28.91 4.30
C PHE B 196 7.31 29.36 3.10
N GLY B 197 8.52 28.81 2.93
CA GLY B 197 9.38 29.19 1.82
C GLY B 197 8.97 28.57 0.51
N VAL B 198 8.58 27.30 0.52
CA VAL B 198 8.15 26.63 -0.70
C VAL B 198 6.86 27.27 -1.22
N SER B 199 5.94 27.61 -0.32
CA SER B 199 4.71 28.26 -0.73
C SER B 199 4.97 29.67 -1.24
N GLY B 200 5.96 30.37 -0.67
CA GLY B 200 6.30 31.69 -1.15
C GLY B 200 6.81 31.67 -2.59
N PHE B 201 7.61 30.67 -2.94
CA PHE B 201 8.09 30.58 -4.32
C PHE B 201 6.97 30.19 -5.28
N CYS B 202 6.02 29.38 -4.82
CA CYS B 202 4.86 29.06 -5.66
C CYS B 202 4.03 30.31 -5.93
N LEU B 203 3.92 31.20 -4.95
CA LEU B 203 3.20 32.45 -5.14
C LEU B 203 3.95 33.38 -6.08
N LEU B 204 5.27 33.43 -5.95
CA LEU B 204 6.08 34.35 -6.78
C LEU B 204 6.01 33.98 -8.25
N PHE B 205 6.20 32.70 -8.57
CA PHE B 205 6.22 32.28 -9.98
C PHE B 205 4.83 32.22 -10.59
N THR B 206 3.77 32.21 -9.78
CA THR B 206 2.43 32.36 -10.31
C THR B 206 2.14 33.80 -10.69
N PHE B 207 2.58 34.76 -9.87
CA PHE B 207 2.45 36.16 -10.20
C PHE B 207 3.33 36.54 -11.38
N LEU B 208 4.47 35.85 -11.56
CA LEU B 208 5.38 36.18 -12.64
C LEU B 208 4.85 35.71 -13.99
N GLU B 209 4.17 34.57 -14.01
CA GLU B 209 3.64 34.05 -15.27
C GLU B 209 2.47 34.88 -15.79
N LEU B 210 1.83 35.68 -14.95
CA LEU B 210 0.82 36.61 -15.42
C LEU B 210 1.44 37.83 -16.07
N VAL B 211 2.52 38.36 -15.47
CA VAL B 211 3.21 39.53 -16.02
C VAL B 211 3.70 39.24 -17.44
N LEU B 212 4.34 38.08 -17.62
CA LEU B 212 4.88 37.73 -18.93
C LEU B 212 3.79 37.50 -19.97
N LEU B 213 2.53 37.32 -19.55
CA LEU B 213 1.42 37.25 -20.49
C LEU B 213 0.90 38.62 -20.89
N GLY B 214 1.14 39.65 -20.06
CA GLY B 214 0.75 41.01 -20.39
C GLY B 214 -0.13 41.68 -19.35
N LEU B 215 -0.01 41.26 -18.09
CA LEU B 215 -0.77 41.89 -17.02
C LEU B 215 -0.44 43.37 -16.88
N GLY B 216 0.82 43.75 -17.17
CA GLY B 216 1.20 45.15 -17.07
C GLY B 216 0.42 46.03 -18.02
N ARG B 217 0.25 45.60 -19.26
CA ARG B 217 -0.51 46.39 -20.23
C ARG B 217 -1.99 46.45 -19.85
N TRP B 218 -2.52 45.38 -19.29
CA TRP B 218 -3.91 45.39 -18.83
C TRP B 218 -4.07 46.22 -17.56
N TRP B 219 -3.05 46.25 -16.71
CA TRP B 219 -3.11 46.99 -15.46
C TRP B 219 -3.34 48.48 -15.70
N ARG B 220 -2.50 49.09 -16.55
CA ARG B 220 -2.56 50.54 -16.74
C ARG B 220 -3.90 50.97 -17.32
N THR B 221 -4.37 50.30 -18.38
CA THR B 221 -5.63 50.65 -19.04
C THR B 221 -6.53 49.42 -19.09
N CYS C 2 2.84 3.86 -28.11
CA CYS C 2 3.91 4.54 -27.41
C CYS C 2 5.24 3.77 -27.53
N GLY C 3 5.40 3.06 -28.65
CA GLY C 3 6.59 2.28 -28.90
C GLY C 3 7.65 3.09 -29.62
N ARG C 4 7.24 3.75 -30.71
CA ARG C 4 8.18 4.56 -31.47
C ARG C 4 8.51 5.86 -30.75
N PHE C 5 7.58 6.35 -29.92
CA PHE C 5 7.80 7.58 -29.18
C PHE C 5 8.93 7.42 -28.17
N LEU C 6 8.82 6.41 -27.30
CA LEU C 6 9.85 6.18 -26.29
C LEU C 6 11.18 5.77 -26.89
N ARG C 7 11.18 5.21 -28.10
CA ARG C 7 12.42 4.84 -28.77
C ARG C 7 13.12 6.06 -29.36
N ARG C 8 12.46 7.21 -29.41
CA ARG C 8 13.01 8.46 -29.91
C ARG C 8 13.35 9.44 -28.80
N LEU C 9 12.75 9.28 -27.63
CA LEU C 9 13.07 10.12 -26.47
C LEU C 9 14.33 9.63 -25.78
N LEU C 10 14.52 8.31 -25.65
CA LEU C 10 15.71 7.79 -25.00
C LEU C 10 16.96 8.05 -25.82
N ALA C 11 16.85 8.01 -27.15
CA ALA C 11 17.99 8.28 -28.01
C ALA C 11 18.32 9.77 -28.09
N GLU C 12 17.39 10.65 -27.74
CA GLU C 12 17.61 12.08 -27.76
C GLU C 12 18.10 12.60 -26.42
N GLU C 13 17.54 12.10 -25.33
CA GLU C 13 17.95 12.51 -23.99
C GLU C 13 19.36 12.07 -23.66
N SER C 14 19.90 11.06 -24.35
CA SER C 14 21.19 10.48 -24.01
C SER C 14 22.04 10.22 -25.26
N GLY C 15 21.92 11.07 -26.26
CA GLY C 15 22.76 11.00 -27.45
C GLY C 15 24.06 11.77 -27.35
N ARG C 16 24.31 12.43 -26.21
CA ARG C 16 25.52 13.22 -26.01
C ARG C 16 26.10 13.02 -24.61
N SER C 17 25.82 11.87 -23.99
CA SER C 17 26.35 11.52 -22.68
C SER C 17 27.16 10.23 -22.78
N THR C 18 28.02 10.04 -21.81
CA THR C 18 28.85 8.84 -21.72
C THR C 18 28.15 7.78 -20.89
N PRO C 19 28.69 6.56 -20.84
CA PRO C 19 28.09 5.52 -19.98
C PRO C 19 28.05 5.86 -18.51
N VAL C 20 28.89 6.79 -18.04
CA VAL C 20 28.89 7.14 -16.62
C VAL C 20 27.58 7.82 -16.24
N GLY C 21 27.08 8.70 -17.11
CA GLY C 21 25.84 9.41 -16.87
C GLY C 21 24.60 8.75 -17.42
N ARG C 22 24.77 7.67 -18.17
CA ARG C 22 23.67 6.97 -18.81
C ARG C 22 23.26 5.71 -18.08
N LEU C 23 24.19 5.04 -17.41
CA LEU C 23 23.94 3.79 -16.69
C LEU C 23 24.26 3.89 -15.21
N LEU C 24 25.44 4.42 -14.86
CA LEU C 24 25.99 4.26 -13.53
C LEU C 24 25.38 5.22 -12.51
N LEU C 25 25.01 6.43 -12.93
CA LEU C 25 24.44 7.41 -12.02
C LEU C 25 22.98 7.09 -11.67
N PRO C 26 22.12 6.73 -12.63
CA PRO C 26 20.76 6.33 -12.26
C PRO C 26 20.70 5.14 -11.32
N VAL C 27 21.64 4.21 -11.44
CA VAL C 27 21.63 3.04 -10.57
C VAL C 27 22.14 3.40 -9.17
N LEU C 28 23.04 4.38 -9.08
CA LEU C 28 23.56 4.80 -7.78
C LEU C 28 22.52 5.59 -7.00
N LEU C 29 21.71 6.39 -7.69
CA LEU C 29 20.70 7.20 -7.03
C LEU C 29 19.49 6.37 -6.60
N GLY C 30 19.15 5.33 -7.36
CA GLY C 30 18.11 4.42 -6.94
C GLY C 30 18.53 3.54 -5.78
N PHE C 31 19.81 3.19 -5.71
CA PHE C 31 20.32 2.43 -4.59
C PHE C 31 20.14 3.18 -3.28
N ARG C 32 20.41 4.48 -3.28
CA ARG C 32 20.29 5.28 -2.06
C ARG C 32 18.85 5.44 -1.62
N LEU C 33 17.91 5.41 -2.58
CA LEU C 33 16.51 5.62 -2.27
C LEU C 33 15.87 4.36 -1.67
N VAL C 34 16.20 3.19 -2.23
CA VAL C 34 15.65 1.94 -1.71
C VAL C 34 16.21 1.65 -0.32
N LEU C 35 17.49 1.93 -0.11
CA LEU C 35 18.12 1.67 1.19
C LEU C 35 17.48 2.52 2.28
N LEU C 36 17.17 3.77 1.98
CA LEU C 36 16.57 4.67 2.95
C LEU C 36 15.16 4.24 3.32
N ALA C 37 14.35 3.89 2.31
CA ALA C 37 12.96 3.53 2.55
C ALA C 37 12.84 2.20 3.29
N ALA C 38 13.64 1.21 2.91
CA ALA C 38 13.51 -0.13 3.49
C ALA C 38 14.10 -0.20 4.89
N SER C 39 15.29 0.35 5.11
CA SER C 39 16.04 0.14 6.34
C SER C 39 16.08 1.34 7.28
N GLY C 40 15.77 2.54 6.80
CA GLY C 40 15.91 3.75 7.58
C GLY C 40 15.07 3.79 8.85
N PRO C 41 13.75 3.61 8.72
CA PRO C 41 12.89 3.70 9.90
C PRO C 41 13.20 2.69 10.99
N GLY C 42 13.77 1.54 10.66
CA GLY C 42 14.10 0.56 11.68
C GLY C 42 15.23 0.96 12.59
N VAL C 43 16.15 1.80 12.11
CA VAL C 43 17.29 2.23 12.91
C VAL C 43 16.98 3.51 13.68
N TYR C 44 16.41 4.52 13.02
CA TYR C 44 16.27 5.86 13.57
C TYR C 44 14.82 6.23 13.89
N GLY C 45 13.90 5.26 13.88
CA GLY C 45 12.50 5.59 14.06
C GLY C 45 12.10 5.86 15.50
N ASP C 46 12.81 5.27 16.46
CA ASP C 46 12.46 5.35 17.88
C ASP C 46 13.59 5.97 18.70
N GLU C 47 14.17 7.07 18.20
CA GLU C 47 15.23 7.74 18.94
C GLU C 47 14.71 8.30 20.26
N GLN C 48 13.48 8.79 20.28
CA GLN C 48 12.98 9.53 21.43
C GLN C 48 12.77 8.63 22.64
N SER C 49 12.24 7.43 22.41
CA SER C 49 12.07 6.45 23.48
C SER C 49 13.36 5.74 23.83
N GLU C 50 14.40 5.82 22.99
CA GLU C 50 15.70 5.24 23.25
C GLU C 50 16.66 6.24 23.89
N PHE C 51 16.14 7.27 24.55
CA PHE C 51 16.95 8.34 25.15
C PHE C 51 16.50 8.45 26.60
N VAL C 52 17.26 7.82 27.50
CA VAL C 52 16.88 7.66 28.90
C VAL C 52 17.79 8.56 29.72
N CYS C 53 17.18 9.46 30.48
CA CYS C 53 17.89 10.35 31.39
C CYS C 53 17.50 10.01 32.83
N HIS C 54 18.47 10.14 33.73
CA HIS C 54 18.34 9.69 35.12
C HIS C 54 17.96 10.89 35.97
N THR C 55 16.67 11.19 36.03
CA THR C 55 16.17 12.35 36.77
C THR C 55 14.66 12.21 36.89
N GLN C 56 14.06 13.15 37.62
CA GLN C 56 12.62 13.21 37.81
C GLN C 56 12.04 14.62 37.68
N GLN C 57 12.87 15.64 37.49
CA GLN C 57 12.35 17.00 37.33
C GLN C 57 11.44 17.07 36.11
N PRO C 58 10.44 17.96 36.10
CA PRO C 58 9.57 18.06 34.92
C PRO C 58 10.21 18.90 33.83
N GLY C 59 10.40 18.31 32.65
CA GLY C 59 10.89 19.02 31.50
C GLY C 59 12.38 18.97 31.27
N CYS C 60 13.11 18.13 32.00
CA CYS C 60 14.55 18.06 31.84
C CYS C 60 14.94 17.11 30.71
N LYS C 61 14.15 16.06 30.46
CA LYS C 61 14.43 15.16 29.36
C LYS C 61 14.18 15.83 28.01
N ALA C 62 13.09 16.57 27.90
CA ALA C 62 12.76 17.24 26.64
C ALA C 62 13.77 18.34 26.30
N ALA C 63 14.37 18.95 27.33
CA ALA C 63 15.35 20.00 27.07
C ALA C 63 16.67 19.42 26.59
N CYS C 64 17.06 18.25 27.09
CA CYS C 64 18.33 17.66 26.73
C CYS C 64 18.29 16.92 25.40
N PHE C 65 17.15 16.32 25.06
CA PHE C 65 17.03 15.67 23.76
C PHE C 65 16.99 16.66 22.62
N ASP C 66 16.46 17.87 22.85
CA ASP C 66 16.40 18.88 21.81
C ASP C 66 17.76 19.53 21.59
N ALA C 67 18.61 19.55 22.61
CA ALA C 67 19.98 20.04 22.44
C ALA C 67 20.86 19.02 21.72
N PHE C 68 20.59 17.73 21.93
CA PHE C 68 21.40 16.69 21.32
C PHE C 68 21.06 16.48 19.85
N HIS C 69 19.78 16.49 19.50
CA HIS C 69 19.33 16.23 18.13
C HIS C 69 18.26 17.26 17.74
N PRO C 70 18.67 18.44 17.28
CA PRO C 70 17.67 19.40 16.77
C PRO C 70 17.03 18.97 15.46
N LEU C 71 17.59 17.97 14.78
CA LEU C 71 17.04 17.47 13.53
C LEU C 71 17.47 16.02 13.39
N SER C 72 16.53 15.15 13.06
CA SER C 72 16.84 13.75 12.92
C SER C 72 17.51 13.45 11.58
N PRO C 73 18.34 12.41 11.50
CA PRO C 73 18.92 12.07 10.18
C PRO C 73 17.89 11.63 9.16
N LEU C 74 16.75 11.09 9.59
CA LEU C 74 15.73 10.69 8.64
C LEU C 74 15.15 11.86 7.89
N ARG C 75 15.02 13.02 8.54
CA ARG C 75 14.50 14.20 7.87
C ARG C 75 15.52 14.82 6.93
N PHE C 76 16.78 14.84 7.35
CA PHE C 76 17.85 15.38 6.51
C PHE C 76 17.97 14.62 5.20
N TRP C 77 17.91 13.29 5.25
CA TRP C 77 18.14 12.50 4.04
C TRP C 77 16.95 12.55 3.09
N VAL C 78 15.74 12.78 3.60
CA VAL C 78 14.59 12.91 2.72
C VAL C 78 14.68 14.20 1.92
N PHE C 79 15.07 15.30 2.57
CA PHE C 79 15.23 16.57 1.88
C PHE C 79 16.36 16.51 0.85
N GLN C 80 17.39 15.71 1.11
CA GLN C 80 18.54 15.62 0.22
C GLN C 80 18.18 14.92 -1.10
N VAL C 81 17.35 13.88 -1.04
CA VAL C 81 17.06 13.12 -2.26
C VAL C 81 16.06 13.85 -3.16
N ILE C 82 15.17 14.65 -2.59
CA ILE C 82 14.19 15.36 -3.41
C ILE C 82 14.79 16.63 -4.01
N LEU C 83 15.71 17.29 -3.31
CA LEU C 83 16.40 18.44 -3.88
C LEU C 83 17.22 18.03 -5.11
N VAL C 84 18.01 16.97 -4.98
CA VAL C 84 18.86 16.50 -6.07
C VAL C 84 18.04 16.04 -7.27
N ALA C 85 16.77 15.69 -7.06
CA ALA C 85 15.89 15.26 -8.15
C ALA C 85 15.22 16.42 -8.89
N VAL C 86 15.34 17.65 -8.38
CA VAL C 86 14.69 18.79 -9.00
C VAL C 86 15.37 19.15 -10.32
N PRO C 87 16.70 19.22 -10.41
CA PRO C 87 17.32 19.48 -11.71
C PRO C 87 17.07 18.38 -12.73
N SER C 88 16.95 17.12 -12.27
CA SER C 88 16.71 16.03 -13.20
C SER C 88 15.30 16.06 -13.78
N ALA C 89 14.32 16.53 -13.00
CA ALA C 89 12.95 16.60 -13.46
C ALA C 89 12.72 17.75 -14.44
N LEU C 90 13.45 18.85 -14.28
CA LEU C 90 13.34 19.95 -15.23
C LEU C 90 13.94 19.60 -16.59
N TYR C 91 15.01 18.81 -16.61
CA TYR C 91 15.64 18.44 -17.87
C TYR C 91 14.83 17.40 -18.63
N MET C 92 14.13 16.51 -17.93
CA MET C 92 13.28 15.54 -18.60
C MET C 92 12.07 16.18 -19.24
N GLY C 93 11.52 17.23 -18.63
CA GLY C 93 10.40 17.93 -19.20
C GLY C 93 10.78 18.82 -20.36
N PHE C 94 11.96 19.45 -20.28
CA PHE C 94 12.44 20.28 -21.38
C PHE C 94 12.73 19.43 -22.62
N THR C 95 13.10 18.17 -22.42
CA THR C 95 13.37 17.27 -23.54
C THR C 95 12.07 16.74 -24.15
N LEU C 96 11.06 16.50 -23.30
CA LEU C 96 9.78 16.00 -23.78
C LEU C 96 9.13 16.98 -24.75
N TYR C 97 9.02 18.25 -24.34
CA TYR C 97 8.39 19.26 -25.19
C TYR C 97 9.22 19.57 -26.42
N HIS C 98 10.52 19.30 -26.39
CA HIS C 98 11.36 19.53 -27.57
C HIS C 98 11.11 18.47 -28.63
N VAL C 99 10.82 17.24 -28.23
CA VAL C 99 10.56 16.17 -29.18
C VAL C 99 9.21 16.37 -29.86
N ILE C 100 8.25 16.99 -29.17
CA ILE C 100 6.91 17.15 -29.73
C ILE C 100 6.89 18.26 -30.78
N TRP C 101 7.59 19.36 -30.54
CA TRP C 101 7.62 20.48 -31.46
C TRP C 101 8.52 20.24 -32.68
N HIS C 102 9.08 19.04 -32.83
CA HIS C 102 9.87 18.67 -34.00
C HIS C 102 9.40 17.38 -34.66
N TRP C 103 8.30 16.78 -34.18
CA TRP C 103 7.69 15.65 -34.86
C TRP C 103 6.83 16.11 -36.03
N GLU C 104 6.06 17.17 -35.81
CA GLU C 104 5.19 17.73 -36.84
C GLU C 104 5.96 18.03 -38.12
N LEU C 105 7.03 18.80 -38.01
CA LEU C 105 7.80 19.21 -39.18
C LEU C 105 8.75 18.11 -39.65
N SER C 106 9.51 17.54 -38.72
CA SER C 106 10.58 16.59 -39.03
C SER C 106 10.28 15.20 -38.50
N GLY C 107 9.04 14.75 -38.64
CA GLY C 107 8.64 13.42 -38.20
C GLY C 107 9.38 12.31 -38.91
N GLY C 127 21.04 21.59 -35.16
CA GLY C 127 21.81 22.82 -35.10
C GLY C 127 21.47 23.66 -33.88
N ALA C 128 20.55 24.60 -34.06
CA ALA C 128 20.09 25.42 -32.94
C ALA C 128 19.28 24.61 -31.93
N GLY C 129 18.69 23.49 -32.35
CA GLY C 129 17.96 22.63 -31.44
C GLY C 129 18.85 21.62 -30.75
N SER C 130 19.72 20.96 -31.53
CA SER C 130 20.64 19.99 -30.94
C SER C 130 21.60 20.65 -29.95
N LEU C 131 21.99 21.89 -30.21
CA LEU C 131 22.84 22.63 -29.30
C LEU C 131 22.09 23.17 -28.10
N ARG C 132 20.75 23.14 -28.12
CA ARG C 132 19.95 23.62 -27.01
C ARG C 132 19.90 22.62 -25.87
N LEU C 133 19.95 21.32 -26.20
CA LEU C 133 19.91 20.27 -25.20
C LEU C 133 21.26 20.04 -24.53
N LEU C 134 22.36 20.39 -25.19
CA LEU C 134 23.68 20.19 -24.60
C LEU C 134 23.93 21.16 -23.45
N TRP C 135 23.52 22.42 -23.61
CA TRP C 135 23.70 23.40 -22.55
C TRP C 135 22.81 23.13 -21.35
N ALA C 136 21.71 22.41 -21.54
CA ALA C 136 20.84 22.06 -20.43
C ALA C 136 21.37 20.88 -19.64
N TYR C 137 22.12 19.99 -20.28
CA TYR C 137 22.70 18.84 -19.58
C TYR C 137 23.86 19.28 -18.69
N VAL C 138 24.67 20.22 -19.17
CA VAL C 138 25.78 20.73 -18.37
C VAL C 138 25.27 21.52 -17.16
N ALA C 139 24.07 22.08 -17.26
CA ALA C 139 23.56 22.95 -16.22
C ALA C 139 23.03 22.18 -15.02
N GLN C 140 22.42 21.01 -15.26
CA GLN C 140 21.90 20.21 -14.16
C GLN C 140 22.98 19.41 -13.45
N LEU C 141 24.08 19.10 -14.13
CA LEU C 141 25.20 18.45 -13.45
C LEU C 141 25.96 19.43 -12.56
N GLY C 142 26.02 20.70 -12.96
CA GLY C 142 26.65 21.70 -12.12
C GLY C 142 25.85 21.99 -10.87
N ALA C 143 24.52 21.96 -10.98
CA ALA C 143 23.68 22.19 -9.81
C ALA C 143 23.74 21.01 -8.85
N ARG C 144 23.68 19.78 -9.38
CA ARG C 144 23.78 18.60 -8.53
C ARG C 144 25.15 18.51 -7.86
N LEU C 145 26.18 19.02 -8.52
CA LEU C 145 27.51 19.04 -7.93
C LEU C 145 27.58 19.96 -6.73
N VAL C 146 26.84 21.08 -6.77
CA VAL C 146 26.85 22.04 -5.66
C VAL C 146 25.96 21.57 -4.52
N LEU C 147 24.85 20.88 -4.83
CA LEU C 147 23.94 20.44 -3.78
C LEU C 147 24.47 19.21 -3.04
N GLU C 148 25.15 18.31 -3.75
CA GLU C 148 25.73 17.14 -3.10
C GLU C 148 26.88 17.53 -2.18
N GLY C 149 27.70 18.48 -2.60
CA GLY C 149 28.84 18.89 -1.78
C GLY C 149 28.43 19.60 -0.52
N ALA C 150 27.37 20.42 -0.60
CA ALA C 150 26.91 21.15 0.57
C ALA C 150 26.23 20.23 1.57
N ALA C 151 25.56 19.18 1.09
CA ALA C 151 24.88 18.26 1.99
C ALA C 151 25.87 17.45 2.81
N LEU C 152 26.98 17.03 2.21
CA LEU C 152 28.00 16.27 2.94
C LEU C 152 28.63 17.12 4.04
N GLY C 153 28.80 18.42 3.80
CA GLY C 153 29.37 19.27 4.82
C GLY C 153 28.47 19.44 6.02
N LEU C 154 27.17 19.60 5.79
CA LEU C 154 26.22 19.67 6.90
C LEU C 154 26.13 18.36 7.65
N GLN C 155 26.23 17.24 6.93
CA GLN C 155 26.14 15.93 7.57
C GLN C 155 27.29 15.71 8.53
N TYR C 156 28.52 16.04 8.11
CA TYR C 156 29.65 15.95 9.02
C TYR C 156 29.56 16.98 10.14
N HIS C 157 28.96 18.13 9.86
CA HIS C 157 28.89 19.20 10.85
C HIS C 157 27.85 18.91 11.93
N LEU C 158 26.72 18.31 11.55
CA LEU C 158 25.65 18.05 12.51
C LEU C 158 25.92 16.79 13.32
N TYR C 159 26.27 15.68 12.66
CA TYR C 159 26.32 14.37 13.29
C TYR C 159 27.73 13.83 13.47
N GLY C 160 28.59 13.98 12.47
CA GLY C 160 29.95 13.46 12.53
C GLY C 160 30.07 12.09 11.91
N PHE C 161 30.93 11.24 12.49
CA PHE C 161 31.11 9.87 12.04
C PHE C 161 30.78 8.84 13.11
N GLN C 162 30.29 9.24 14.27
CA GLN C 162 29.96 8.28 15.32
C GLN C 162 28.88 8.84 16.25
N MET C 163 28.01 7.96 16.71
CA MET C 163 26.95 8.30 17.65
C MET C 163 27.37 7.84 19.04
N PRO C 164 27.42 8.69 20.06
CA PRO C 164 27.97 8.25 21.34
C PRO C 164 26.98 7.41 22.14
N SER C 165 27.47 6.88 23.26
CA SER C 165 26.69 6.09 24.18
C SER C 165 26.18 6.87 25.39
N SER C 166 26.78 8.03 25.68
CA SER C 166 26.36 8.88 26.78
C SER C 166 26.35 10.33 26.31
N PHE C 167 25.76 11.18 27.13
CA PHE C 167 25.62 12.60 26.79
C PHE C 167 25.41 13.37 28.07
N ALA C 168 26.22 14.40 28.30
CA ALA C 168 26.11 15.26 29.46
C ALA C 168 25.36 16.53 29.08
N CYS C 169 24.46 16.95 29.95
CA CYS C 169 23.50 18.02 29.66
C CYS C 169 23.43 18.96 30.85
N ARG C 170 23.82 20.21 30.64
CA ARG C 170 23.68 21.28 31.62
C ARG C 170 22.81 22.36 30.96
N ARG C 171 21.50 22.23 31.18
CA ARG C 171 20.50 23.07 30.53
C ARG C 171 19.34 23.27 31.50
N GLU C 172 18.72 24.43 31.42
CA GLU C 172 17.55 24.65 32.27
C GLU C 172 16.34 23.95 31.66
N PRO C 173 15.40 23.46 32.50
CA PRO C 173 15.26 23.51 33.96
C PRO C 173 15.87 22.31 34.70
N CYS C 174 17.02 21.83 34.26
CA CYS C 174 17.72 20.74 34.94
C CYS C 174 18.62 21.33 36.01
N LEU C 175 18.55 20.77 37.21
CA LEU C 175 19.37 21.23 38.34
C LEU C 175 20.66 20.42 38.36
N GLY C 176 21.78 21.09 38.10
CA GLY C 176 23.07 20.44 38.08
C GLY C 176 23.40 19.87 36.71
N SER C 177 24.16 18.78 36.69
CA SER C 177 24.49 18.06 35.47
C SER C 177 23.97 16.63 35.59
N ILE C 178 23.28 16.18 34.54
CA ILE C 178 22.67 14.86 34.52
C ILE C 178 23.33 14.02 33.43
N THR C 179 23.15 12.71 33.53
CA THR C 179 23.66 11.75 32.58
C THR C 179 22.51 11.09 31.84
N CYS C 180 22.65 10.95 30.52
CA CYS C 180 21.64 10.36 29.66
C CYS C 180 22.30 9.31 28.78
N ASN C 181 21.61 8.18 28.61
CA ASN C 181 22.15 7.02 27.91
C ASN C 181 21.34 6.73 26.65
N LEU C 182 22.04 6.23 25.64
CA LEU C 182 21.46 5.92 24.34
C LEU C 182 21.45 4.42 24.11
N SER C 183 20.62 4.00 23.16
CA SER C 183 20.48 2.60 22.78
C SER C 183 20.89 2.42 21.33
N ARG C 184 21.51 1.27 21.05
CA ARG C 184 21.98 0.92 19.71
C ARG C 184 22.89 1.98 19.10
N PRO C 185 24.03 2.29 19.72
CA PRO C 185 24.98 3.22 19.08
C PRO C 185 25.84 2.59 17.99
N SER C 186 25.94 1.27 17.95
CA SER C 186 26.78 0.61 16.96
C SER C 186 26.06 0.45 15.62
N GLU C 187 24.76 0.17 15.65
CA GLU C 187 24.00 0.04 14.40
C GLU C 187 23.76 1.41 13.76
N LYS C 188 23.66 2.46 14.56
CA LYS C 188 23.46 3.80 14.02
C LYS C 188 24.74 4.35 13.41
N THR C 189 25.89 4.02 14.00
CA THR C 189 27.18 4.41 13.43
C THR C 189 27.43 3.73 12.08
N ILE C 190 26.97 2.50 11.91
CA ILE C 190 27.22 1.77 10.67
C ILE C 190 26.35 2.32 9.54
N PHE C 191 25.10 2.68 9.85
CA PHE C 191 24.22 3.22 8.82
C PHE C 191 24.63 4.62 8.41
N LEU C 192 25.17 5.39 9.35
CA LEU C 192 25.63 6.75 9.05
C LEU C 192 26.80 6.73 8.06
N LYS C 193 27.80 5.88 8.31
CA LYS C 193 28.95 5.80 7.41
C LYS C 193 28.58 5.24 6.05
N THR C 194 27.61 4.31 6.00
CA THR C 194 27.20 3.74 4.72
C THR C 194 26.57 4.79 3.81
N MET C 195 25.85 5.74 4.38
CA MET C 195 25.24 6.79 3.57
C MET C 195 26.27 7.79 3.08
N PHE C 196 27.22 8.17 3.95
CA PHE C 196 28.30 9.07 3.55
C PHE C 196 29.08 8.53 2.36
N GLY C 197 29.20 7.21 2.26
CA GLY C 197 29.95 6.60 1.17
C GLY C 197 29.19 6.58 -0.14
N VAL C 198 27.90 6.28 -0.09
CA VAL C 198 27.09 6.26 -1.30
C VAL C 198 26.99 7.67 -1.89
N SER C 199 26.82 8.68 -1.03
CA SER C 199 26.78 10.05 -1.51
C SER C 199 28.12 10.50 -2.06
N GLY C 200 29.22 10.02 -1.48
CA GLY C 200 30.54 10.36 -2.00
C GLY C 200 30.76 9.85 -3.42
N PHE C 201 30.29 8.64 -3.71
CA PHE C 201 30.43 8.11 -5.06
C PHE C 201 29.52 8.84 -6.04
N CYS C 202 28.35 9.29 -5.59
CA CYS C 202 27.49 10.08 -6.45
C CYS C 202 28.15 11.41 -6.81
N LEU C 203 28.87 12.00 -5.86
CA LEU C 203 29.60 13.24 -6.11
C LEU C 203 30.76 13.01 -7.06
N LEU C 204 31.48 11.90 -6.89
CA LEU C 204 32.66 11.62 -7.72
C LEU C 204 32.28 11.43 -9.18
N PHE C 205 31.27 10.60 -9.45
CA PHE C 205 30.90 10.31 -10.83
C PHE C 205 30.15 11.45 -11.50
N THR C 206 29.62 12.40 -10.72
CA THR C 206 29.06 13.61 -11.30
C THR C 206 30.17 14.56 -11.74
N PHE C 207 31.22 14.70 -10.94
CA PHE C 207 32.37 15.50 -11.32
C PHE C 207 33.13 14.87 -12.49
N LEU C 208 33.10 13.53 -12.59
CA LEU C 208 33.82 12.86 -13.66
C LEU C 208 33.14 13.02 -15.00
N GLU C 209 31.81 13.04 -15.02
CA GLU C 209 31.07 13.17 -16.26
C GLU C 209 31.20 14.57 -16.87
N LEU C 210 31.59 15.57 -16.07
CA LEU C 210 31.87 16.88 -16.62
C LEU C 210 33.24 16.92 -17.28
N VAL C 211 34.25 16.28 -16.66
CA VAL C 211 35.59 16.25 -17.23
C VAL C 211 35.57 15.60 -18.61
N LEU C 212 34.89 14.46 -18.74
CA LEU C 212 34.83 13.76 -20.01
C LEU C 212 34.07 14.54 -21.08
N LEU C 213 33.31 15.56 -20.70
CA LEU C 213 32.67 16.44 -21.67
C LEU C 213 33.59 17.56 -22.14
N GLY C 214 34.61 17.91 -21.35
CA GLY C 214 35.59 18.91 -21.73
C GLY C 214 35.74 20.04 -20.74
N LEU C 215 35.45 19.79 -19.46
CA LEU C 215 35.63 20.83 -18.45
C LEU C 215 37.08 21.27 -18.35
N GLY C 216 38.03 20.37 -18.61
CA GLY C 216 39.43 20.74 -18.54
C GLY C 216 39.80 21.81 -19.54
N ARG C 217 39.31 21.68 -20.78
CA ARG C 217 39.61 22.69 -21.79
C ARG C 217 38.94 24.02 -21.47
N TRP C 218 37.74 23.97 -20.89
CA TRP C 218 37.06 25.20 -20.48
C TRP C 218 37.71 25.82 -19.25
N TRP C 219 38.27 24.98 -18.37
CA TRP C 219 38.89 25.48 -17.15
C TRP C 219 40.06 26.40 -17.45
N ARG C 220 40.99 25.95 -18.28
CA ARG C 220 42.22 26.70 -18.53
C ARG C 220 41.92 28.06 -19.17
N THR C 221 41.09 28.08 -20.22
CA THR C 221 40.76 29.30 -20.94
C THR C 221 39.24 29.47 -20.98
N CYS D 2 4.43 -1.97 -28.14
CA CYS D 2 5.57 -2.52 -27.43
C CYS D 2 5.56 -4.06 -27.48
N GLY D 3 5.02 -4.60 -28.57
CA GLY D 3 4.95 -6.05 -28.74
C GLY D 3 6.17 -6.58 -29.45
N ARG D 4 6.53 -5.96 -30.57
CA ARG D 4 7.70 -6.40 -31.33
C ARG D 4 8.98 -5.98 -30.64
N PHE D 5 8.95 -4.90 -29.86
CA PHE D 5 10.14 -4.43 -29.16
C PHE D 5 10.57 -5.44 -28.10
N LEU D 6 9.66 -5.81 -27.20
CA LEU D 6 9.99 -6.76 -26.14
C LEU D 6 10.29 -8.15 -26.69
N ARG D 7 9.79 -8.49 -27.87
CA ARG D 7 10.09 -9.78 -28.48
C ARG D 7 11.49 -9.81 -29.08
N ARG D 8 12.16 -8.65 -29.19
CA ARG D 8 13.50 -8.53 -29.72
C ARG D 8 14.53 -8.27 -28.63
N LEU D 9 14.11 -7.77 -27.48
CA LEU D 9 15.01 -7.57 -26.34
C LEU D 9 15.24 -8.87 -25.57
N LEU D 10 14.19 -9.69 -25.40
CA LEU D 10 14.34 -10.94 -24.69
C LEU D 10 15.19 -11.94 -25.47
N ALA D 11 15.09 -11.93 -26.80
CA ALA D 11 15.89 -12.82 -27.63
C ALA D 11 17.34 -12.37 -27.76
N GLU D 12 17.62 -11.10 -27.46
CA GLU D 12 18.98 -10.57 -27.52
C GLU D 12 19.69 -10.67 -26.18
N GLU D 13 18.98 -10.36 -25.09
CA GLU D 13 19.56 -10.46 -23.76
C GLU D 13 19.89 -11.89 -23.36
N SER D 14 19.28 -12.89 -24.00
CA SER D 14 19.44 -14.28 -23.59
C SER D 14 19.63 -15.20 -24.79
N GLY D 15 20.29 -14.72 -25.84
CA GLY D 15 20.65 -15.53 -26.97
C GLY D 15 21.96 -16.26 -26.86
N ARG D 16 22.67 -16.10 -25.73
CA ARG D 16 23.97 -16.73 -25.51
C ARG D 16 24.10 -17.27 -24.09
N SER D 17 22.98 -17.57 -23.44
CA SER D 17 22.95 -18.14 -22.10
C SER D 17 22.25 -19.49 -22.13
N THR D 18 22.52 -20.29 -21.12
CA THR D 18 21.91 -21.60 -20.96
C THR D 18 20.64 -21.48 -20.12
N PRO D 19 19.87 -22.57 -20.01
CA PRO D 19 18.67 -22.52 -19.15
C PRO D 19 18.96 -22.26 -17.68
N VAL D 20 20.19 -22.48 -17.22
CA VAL D 20 20.51 -22.24 -15.81
C VAL D 20 20.44 -20.75 -15.49
N GLY D 21 20.93 -19.92 -16.41
CA GLY D 21 20.93 -18.48 -16.24
C GLY D 21 19.73 -17.77 -16.81
N ARG D 22 18.87 -18.49 -17.52
CA ARG D 22 17.71 -17.92 -18.19
C ARG D 22 16.41 -18.17 -17.43
N LEU D 23 16.31 -19.27 -16.70
CA LEU D 23 15.12 -19.65 -15.94
C LEU D 23 15.38 -19.81 -14.46
N LEU D 24 16.44 -20.54 -14.09
CA LEU D 24 16.58 -21.02 -12.72
C LEU D 24 17.13 -19.96 -11.77
N LEU D 25 17.98 -19.07 -12.24
CA LEU D 25 18.54 -18.02 -11.39
C LEU D 25 17.53 -16.92 -11.08
N PRO D 26 16.79 -16.41 -12.06
CA PRO D 26 15.75 -15.40 -11.73
C PRO D 26 14.71 -15.91 -10.76
N VAL D 27 14.36 -17.20 -10.80
CA VAL D 27 13.36 -17.74 -9.90
C VAL D 27 13.95 -17.92 -8.50
N LEU D 28 15.25 -18.20 -8.40
CA LEU D 28 15.89 -18.37 -7.10
C LEU D 28 16.06 -17.04 -6.38
N LEU D 29 16.33 -15.98 -7.13
CA LEU D 29 16.53 -14.66 -6.53
C LEU D 29 15.21 -14.01 -6.13
N GLY D 30 14.13 -14.28 -6.87
CA GLY D 30 12.82 -13.82 -6.45
C GLY D 30 12.29 -14.56 -5.25
N PHE D 31 12.63 -15.84 -5.12
CA PHE D 31 12.24 -16.62 -3.95
C PHE D 31 12.80 -16.01 -2.68
N ARG D 32 14.07 -15.60 -2.70
CA ARG D 32 14.71 -15.03 -1.52
C ARG D 32 14.13 -13.68 -1.15
N LEU D 33 13.63 -12.94 -2.14
CA LEU D 33 13.09 -11.61 -1.88
C LEU D 33 11.70 -11.67 -1.27
N VAL D 34 10.84 -12.56 -1.78
CA VAL D 34 9.49 -12.70 -1.23
C VAL D 34 9.54 -13.25 0.18
N LEU D 35 10.43 -14.21 0.44
CA LEU D 35 10.53 -14.81 1.76
C LEU D 35 10.96 -13.78 2.80
N LEU D 36 11.89 -12.89 2.44
CA LEU D 36 12.36 -11.88 3.36
C LEU D 36 11.28 -10.86 3.68
N ALA D 37 10.56 -10.39 2.67
CA ALA D 37 9.55 -9.36 2.87
C ALA D 37 8.35 -9.88 3.64
N ALA D 38 7.90 -11.09 3.33
CA ALA D 38 6.69 -11.63 3.95
C ALA D 38 6.92 -12.10 5.37
N SER D 39 8.01 -12.84 5.62
CA SER D 39 8.22 -13.53 6.88
C SER D 39 9.28 -12.91 7.77
N GLY D 40 10.16 -12.08 7.25
CA GLY D 40 11.27 -11.55 8.00
C GLY D 40 10.91 -10.74 9.23
N PRO D 41 10.08 -9.70 9.05
CA PRO D 41 9.74 -8.84 10.21
C PRO D 41 9.04 -9.56 11.34
N GLY D 42 8.34 -10.66 11.06
CA GLY D 42 7.65 -11.37 12.13
C GLY D 42 8.58 -12.11 13.07
N VAL D 43 9.76 -12.51 12.59
CA VAL D 43 10.72 -13.23 13.41
C VAL D 43 11.67 -12.29 14.14
N TYR D 44 12.25 -11.33 13.41
CA TYR D 44 13.34 -10.50 13.92
C TYR D 44 12.94 -9.05 14.17
N GLY D 45 11.65 -8.74 14.15
CA GLY D 45 11.22 -7.35 14.28
C GLY D 45 11.26 -6.81 15.69
N ASP D 46 11.13 -7.66 16.69
CA ASP D 46 11.03 -7.26 18.09
C ASP D 46 12.15 -7.87 18.94
N GLU D 47 13.37 -7.85 18.42
CA GLU D 47 14.51 -8.38 19.18
C GLU D 47 14.74 -7.60 20.46
N GLN D 48 14.53 -6.28 20.41
CA GLN D 48 14.95 -5.43 21.52
C GLN D 48 14.06 -5.63 22.75
N SER D 49 12.76 -5.79 22.54
CA SER D 49 11.84 -6.09 23.63
C SER D 49 11.88 -7.55 24.06
N GLU D 50 12.47 -8.43 23.25
CA GLU D 50 12.63 -9.84 23.58
C GLU D 50 13.97 -10.14 24.23
N PHE D 51 14.62 -9.13 24.83
CA PHE D 51 15.94 -9.26 25.42
C PHE D 51 15.84 -8.75 26.85
N VAL D 52 15.68 -9.68 27.79
CA VAL D 52 15.37 -9.37 29.19
C VAL D 52 16.61 -9.65 30.02
N CYS D 53 17.09 -8.64 30.72
CA CYS D 53 18.21 -8.76 31.63
C CYS D 53 17.74 -8.52 33.05
N HIS D 54 18.36 -9.24 33.99
CA HIS D 54 17.92 -9.28 35.38
C HIS D 54 18.78 -8.32 36.18
N THR D 55 18.37 -7.05 36.18
CA THR D 55 19.13 -6.01 36.86
C THR D 55 18.25 -4.76 36.93
N GLN D 56 18.77 -3.73 37.60
CA GLN D 56 18.10 -2.45 37.74
C GLN D 56 19.02 -1.25 37.55
N GLN D 57 20.33 -1.47 37.34
CA GLN D 57 21.23 -0.34 37.12
C GLN D 57 20.82 0.43 35.86
N PRO D 58 21.08 1.74 35.79
CA PRO D 58 20.72 2.47 34.57
C PRO D 58 21.77 2.29 33.48
N GLY D 59 21.33 1.77 32.33
CA GLY D 59 22.19 1.65 31.17
C GLY D 59 22.89 0.33 31.00
N CYS D 60 22.55 -0.68 31.80
CA CYS D 60 23.20 -1.98 31.68
C CYS D 60 22.56 -2.85 30.61
N LYS D 61 21.26 -2.70 30.37
CA LYS D 61 20.62 -3.46 29.30
C LYS D 61 21.06 -2.97 27.93
N ALA D 62 21.14 -1.66 27.74
CA ALA D 62 21.54 -1.11 26.46
C ALA D 62 22.99 -1.44 26.12
N ALA D 63 23.84 -1.60 27.13
CA ALA D 63 25.23 -1.93 26.90
C ALA D 63 25.40 -3.38 26.48
N CYS D 64 24.58 -4.28 27.03
CA CYS D 64 24.71 -5.70 26.74
C CYS D 64 24.04 -6.09 25.43
N PHE D 65 22.94 -5.43 25.07
CA PHE D 65 22.30 -5.72 23.79
C PHE D 65 23.13 -5.23 22.61
N ASP D 66 23.91 -4.17 22.79
CA ASP D 66 24.75 -3.66 21.71
C ASP D 66 25.99 -4.52 21.51
N ALA D 67 26.45 -5.19 22.57
CA ALA D 67 27.55 -6.13 22.44
C ALA D 67 27.11 -7.43 21.79
N PHE D 68 25.87 -7.84 22.03
CA PHE D 68 25.36 -9.10 21.48
C PHE D 68 24.99 -8.98 20.01
N HIS D 69 24.35 -7.88 19.61
CA HIS D 69 23.89 -7.69 18.24
C HIS D 69 24.23 -6.28 17.77
N PRO D 70 25.47 -6.06 17.29
CA PRO D 70 25.78 -4.74 16.71
C PRO D 70 25.08 -4.47 15.39
N LEU D 71 24.49 -5.49 14.76
CA LEU D 71 23.77 -5.33 13.51
C LEU D 71 22.73 -6.43 13.44
N SER D 72 21.50 -6.07 13.10
CA SER D 72 20.43 -7.06 13.03
C SER D 72 20.51 -7.85 11.72
N PRO D 73 20.02 -9.10 11.70
CA PRO D 73 20.01 -9.83 10.42
C PRO D 73 19.11 -9.21 9.38
N LEU D 74 18.08 -8.47 9.79
CA LEU D 74 17.19 -7.85 8.81
C LEU D 74 17.91 -6.79 7.99
N ARG D 75 18.85 -6.08 8.60
CA ARG D 75 19.60 -5.05 7.88
C ARG D 75 20.63 -5.68 6.96
N PHE D 76 21.30 -6.74 7.42
CA PHE D 76 22.30 -7.42 6.60
C PHE D 76 21.69 -7.97 5.32
N TRP D 77 20.51 -8.60 5.42
CA TRP D 77 19.93 -9.24 4.24
C TRP D 77 19.36 -8.25 3.24
N VAL D 78 18.96 -7.06 3.71
CA VAL D 78 18.48 -6.03 2.78
C VAL D 78 19.64 -5.51 1.94
N PHE D 79 20.79 -5.26 2.57
CA PHE D 79 21.95 -4.79 1.84
C PHE D 79 22.46 -5.85 0.86
N GLN D 80 22.30 -7.13 1.19
CA GLN D 80 22.78 -8.20 0.33
C GLN D 80 21.99 -8.32 -0.96
N VAL D 81 20.67 -8.12 -0.91
CA VAL D 81 19.86 -8.31 -2.11
C VAL D 81 19.98 -7.13 -3.07
N ILE D 82 20.22 -5.93 -2.56
CA ILE D 82 20.33 -4.76 -3.44
C ILE D 82 21.72 -4.68 -4.06
N LEU D 83 22.76 -5.11 -3.35
CA LEU D 83 24.10 -5.15 -3.94
C LEU D 83 24.15 -6.12 -5.12
N VAL D 84 23.62 -7.33 -4.92
CA VAL D 84 23.64 -8.36 -5.96
C VAL D 84 22.82 -7.93 -7.17
N ALA D 85 21.87 -7.01 -7.00
CA ALA D 85 21.06 -6.52 -8.11
C ALA D 85 21.72 -5.40 -8.90
N VAL D 86 22.84 -4.85 -8.44
CA VAL D 86 23.49 -3.74 -9.13
C VAL D 86 24.12 -4.22 -10.43
N PRO D 87 24.86 -5.33 -10.46
CA PRO D 87 25.38 -5.80 -11.76
C PRO D 87 24.29 -6.19 -12.73
N SER D 88 23.16 -6.70 -12.25
CA SER D 88 22.08 -7.08 -13.15
C SER D 88 21.40 -5.88 -13.78
N ALA D 89 21.32 -4.76 -13.05
CA ALA D 89 20.67 -3.57 -13.58
C ALA D 89 21.55 -2.84 -14.59
N LEU D 90 22.87 -2.91 -14.44
CA LEU D 90 23.76 -2.30 -15.43
C LEU D 90 23.74 -3.06 -16.75
N TYR D 91 23.59 -4.38 -16.70
CA TYR D 91 23.57 -5.18 -17.93
C TYR D 91 22.27 -5.04 -18.68
N MET D 92 21.15 -4.85 -17.98
CA MET D 92 19.87 -4.65 -18.65
C MET D 92 19.82 -3.30 -19.36
N GLY D 93 20.45 -2.27 -18.80
CA GLY D 93 20.49 -0.97 -19.44
C GLY D 93 21.44 -0.92 -20.61
N PHE D 94 22.57 -1.61 -20.51
CA PHE D 94 23.51 -1.67 -21.61
C PHE D 94 22.92 -2.40 -22.82
N THR D 95 22.02 -3.35 -22.57
CA THR D 95 21.36 -4.08 -23.64
C THR D 95 20.24 -3.26 -24.28
N LEU D 96 19.54 -2.47 -23.47
CA LEU D 96 18.46 -1.64 -23.97
C LEU D 96 18.97 -0.63 -24.99
N TYR D 97 20.01 0.12 -24.63
CA TYR D 97 20.55 1.13 -25.53
C TYR D 97 21.23 0.51 -26.75
N HIS D 98 21.66 -0.75 -26.66
CA HIS D 98 22.27 -1.42 -27.81
C HIS D 98 21.22 -1.79 -28.85
N VAL D 99 20.01 -2.13 -28.42
CA VAL D 99 18.94 -2.49 -29.34
C VAL D 99 18.43 -1.26 -30.08
N ILE D 100 18.49 -0.09 -29.45
CA ILE D 100 17.94 1.12 -30.05
C ILE D 100 18.88 1.65 -31.15
N TRP D 101 20.18 1.61 -30.91
CA TRP D 101 21.16 2.10 -31.88
C TRP D 101 21.39 1.14 -33.05
N HIS D 102 20.63 0.04 -33.14
CA HIS D 102 20.70 -0.88 -34.26
C HIS D 102 19.34 -1.15 -34.90
N TRP D 103 18.28 -0.49 -34.44
CA TRP D 103 16.99 -0.57 -35.11
C TRP D 103 16.94 0.35 -36.31
N GLU D 104 17.47 1.56 -36.17
CA GLU D 104 17.50 2.55 -37.24
C GLU D 104 18.14 1.97 -38.51
N LEU D 105 19.35 1.43 -38.38
CA LEU D 105 20.07 0.92 -39.54
C LEU D 105 19.60 -0.47 -39.93
N SER D 106 19.50 -1.38 -38.95
CA SER D 106 19.21 -2.79 -39.19
C SER D 106 17.86 -3.21 -38.62
N GLY D 107 16.85 -2.36 -38.80
CA GLY D 107 15.51 -2.67 -38.33
C GLY D 107 14.91 -3.90 -38.98
N GLY D 127 28.84 -9.12 -35.10
CA GLY D 127 30.30 -9.16 -35.06
C GLY D 127 30.85 -8.38 -33.89
N ALA D 128 31.20 -7.11 -34.12
CA ALA D 128 31.70 -6.26 -33.05
C ALA D 128 30.60 -5.92 -32.04
N GLY D 129 29.34 -5.99 -32.45
CA GLY D 129 28.23 -5.75 -31.54
C GLY D 129 27.81 -6.99 -30.79
N SER D 130 27.67 -8.11 -31.49
CA SER D 130 27.29 -9.36 -30.85
C SER D 130 28.35 -9.81 -29.85
N LEU D 131 29.62 -9.54 -30.14
CA LEU D 131 30.71 -9.86 -29.21
C LEU D 131 30.81 -8.87 -28.06
N ARG D 132 30.10 -7.74 -28.14
CA ARG D 132 30.13 -6.74 -27.08
C ARG D 132 29.25 -7.16 -25.91
N LEU D 133 28.15 -7.86 -26.18
CA LEU D 133 27.24 -8.30 -25.15
C LEU D 133 27.72 -9.55 -24.42
N LEU D 134 28.58 -10.36 -25.05
CA LEU D 134 29.07 -11.57 -24.40
C LEU D 134 30.05 -11.24 -23.29
N TRP D 135 30.92 -10.26 -23.51
CA TRP D 135 31.88 -9.88 -22.47
C TRP D 135 31.20 -9.18 -21.30
N ALA D 136 30.03 -8.60 -21.50
CA ALA D 136 29.29 -7.97 -20.41
C ALA D 136 28.55 -8.99 -19.56
N TYR D 137 28.15 -10.12 -20.15
CA TYR D 137 27.47 -11.16 -19.39
C TYR D 137 28.43 -11.90 -18.47
N VAL D 138 29.65 -12.15 -18.95
CA VAL D 138 30.66 -12.80 -18.12
C VAL D 138 31.10 -11.91 -16.98
N ALA D 139 30.97 -10.59 -17.13
CA ALA D 139 31.49 -9.66 -16.14
C ALA D 139 30.55 -9.54 -14.93
N GLN D 140 29.24 -9.61 -15.16
CA GLN D 140 28.30 -9.51 -14.05
C GLN D 140 28.16 -10.80 -13.27
N LEU D 141 28.44 -11.95 -13.89
CA LEU D 141 28.45 -13.21 -13.17
C LEU D 141 29.68 -13.32 -12.28
N GLY D 142 30.81 -12.77 -12.72
CA GLY D 142 31.99 -12.76 -11.88
C GLY D 142 31.85 -11.86 -10.68
N ALA D 143 31.16 -10.73 -10.83
CA ALA D 143 30.94 -9.83 -9.71
C ALA D 143 29.97 -10.43 -8.70
N ARG D 144 28.88 -11.03 -9.19
CA ARG D 144 27.92 -11.66 -8.31
C ARG D 144 28.53 -12.86 -7.59
N LEU D 145 29.48 -13.53 -8.22
CA LEU D 145 30.17 -14.64 -7.57
C LEU D 145 31.02 -14.16 -6.41
N VAL D 146 31.61 -12.97 -6.51
CA VAL D 146 32.46 -12.44 -5.44
C VAL D 146 31.61 -11.86 -4.32
N LEU D 147 30.46 -11.26 -4.64
CA LEU D 147 29.63 -10.64 -3.62
C LEU D 147 28.85 -11.68 -2.81
N GLU D 148 28.41 -12.76 -3.47
CA GLU D 148 27.69 -13.81 -2.75
C GLU D 148 28.61 -14.56 -1.80
N GLY D 149 29.85 -14.82 -2.23
CA GLY D 149 30.77 -15.56 -1.38
C GLY D 149 31.21 -14.77 -0.16
N ALA D 150 31.38 -13.45 -0.31
CA ALA D 150 31.79 -12.63 0.82
C ALA D 150 30.65 -12.46 1.83
N ALA D 151 29.41 -12.44 1.36
CA ALA D 151 28.27 -12.27 2.25
C ALA D 151 28.08 -13.48 3.15
N LEU D 152 28.27 -14.69 2.59
CA LEU D 152 28.13 -15.90 3.40
C LEU D 152 29.20 -15.97 4.49
N GLY D 153 30.40 -15.48 4.20
CA GLY D 153 31.45 -15.49 5.22
C GLY D 153 31.14 -14.56 6.38
N LEU D 154 30.63 -13.38 6.09
CA LEU D 154 30.23 -12.46 7.15
C LEU D 154 29.05 -13.02 7.95
N GLN D 155 28.13 -13.70 7.27
CA GLN D 155 26.96 -14.25 7.95
C GLN D 155 27.36 -15.31 8.98
N TYR D 156 28.25 -16.21 8.58
CA TYR D 156 28.76 -17.20 9.54
C TYR D 156 29.61 -16.54 10.62
N HIS D 157 30.30 -15.46 10.28
CA HIS D 157 31.21 -14.81 11.23
C HIS D 157 30.43 -14.01 12.27
N LEU D 158 29.35 -13.36 11.88
CA LEU D 158 28.59 -12.52 12.80
C LEU D 158 27.65 -13.34 13.67
N TYR D 159 26.86 -14.22 13.05
CA TYR D 159 25.76 -14.91 13.72
C TYR D 159 26.00 -16.39 13.97
N GLY D 160 26.56 -17.10 13.00
CA GLY D 160 26.80 -18.52 13.14
C GLY D 160 25.67 -19.36 12.57
N PHE D 161 25.37 -20.50 13.20
CA PHE D 161 24.27 -21.37 12.81
C PHE D 161 23.22 -21.55 13.90
N GLN D 162 23.34 -20.86 15.03
CA GLN D 162 22.36 -21.00 16.10
C GLN D 162 22.31 -19.75 16.95
N MET D 163 21.10 -19.42 17.43
CA MET D 163 20.88 -18.29 18.31
C MET D 163 20.70 -18.82 19.72
N PRO D 164 21.47 -18.38 20.72
CA PRO D 164 21.38 -19.01 22.03
C PRO D 164 20.16 -18.54 22.83
N SER D 165 19.98 -19.17 23.98
CA SER D 165 18.90 -18.85 24.90
C SER D 165 19.34 -17.96 26.05
N SER D 166 20.64 -17.88 26.33
CA SER D 166 21.18 -17.04 27.38
C SER D 166 22.41 -16.33 26.86
N PHE D 167 22.87 -15.34 27.63
CA PHE D 167 24.01 -14.53 27.24
C PHE D 167 24.59 -13.89 28.49
N ALA D 168 25.89 -14.07 28.71
CA ALA D 168 26.59 -13.48 29.84
C ALA D 168 27.31 -12.21 29.39
N CYS D 169 27.21 -11.17 30.21
CA CYS D 169 27.66 -9.83 29.85
C CYS D 169 28.44 -9.24 31.00
N ARG D 170 29.72 -8.96 30.76
CA ARG D 170 30.59 -8.24 31.70
C ARG D 170 31.07 -6.98 30.99
N ARG D 171 30.29 -5.90 31.15
CA ARG D 171 30.51 -4.66 30.44
C ARG D 171 30.11 -3.51 31.35
N GLU D 172 30.79 -2.39 31.21
CA GLU D 172 30.42 -1.23 32.00
C GLU D 172 29.18 -0.57 31.37
N PRO D 173 28.30 0.04 32.19
CA PRO D 173 28.30 0.26 33.64
C PRO D 173 27.57 -0.84 34.44
N CYS D 174 27.72 -2.10 34.06
CA CYS D 174 27.15 -3.21 34.82
C CYS D 174 28.12 -3.64 35.90
N LEU D 175 27.62 -3.80 37.11
CA LEU D 175 28.43 -4.22 38.25
C LEU D 175 28.39 -5.74 38.36
N GLY D 176 29.53 -6.38 38.11
CA GLY D 176 29.62 -7.82 38.16
C GLY D 176 29.28 -8.46 36.82
N SER D 177 28.72 -9.67 36.86
CA SER D 177 28.25 -10.37 35.69
C SER D 177 26.76 -10.63 35.83
N ILE D 178 26.00 -10.32 34.78
CA ILE D 178 24.55 -10.46 34.77
C ILE D 178 24.16 -11.51 33.75
N THR D 179 22.93 -11.99 33.87
CA THR D 179 22.35 -12.98 32.97
C THR D 179 21.19 -12.35 32.22
N CYS D 180 21.13 -12.61 30.92
CA CYS D 180 20.10 -12.08 30.04
C CYS D 180 19.51 -13.21 29.22
N ASN D 181 18.20 -13.20 29.06
CA ASN D 181 17.45 -14.28 28.42
C ASN D 181 16.80 -13.79 27.14
N LEU D 182 16.69 -14.69 26.17
CA LEU D 182 16.13 -14.41 24.87
C LEU D 182 14.82 -15.17 24.68
N SER D 183 14.02 -14.71 23.72
CA SER D 183 12.74 -15.32 23.38
C SER D 183 12.78 -15.84 21.95
N ARG D 184 12.10 -16.95 21.73
CA ARG D 184 12.02 -17.62 20.43
C ARG D 184 13.39 -17.89 19.81
N PRO D 185 14.24 -18.69 20.46
CA PRO D 185 15.51 -19.07 19.84
C PRO D 185 15.40 -20.18 18.81
N SER D 186 14.30 -20.94 18.80
CA SER D 186 14.14 -22.05 17.86
C SER D 186 13.63 -21.57 16.51
N GLU D 187 12.73 -20.59 16.50
CA GLU D 187 12.23 -20.06 15.23
C GLU D 187 13.28 -19.20 14.53
N LYS D 188 14.15 -18.54 15.30
CA LYS D 188 15.20 -17.72 14.71
C LYS D 188 16.31 -18.58 14.12
N THR D 189 16.61 -19.71 14.77
CA THR D 189 17.59 -20.65 14.23
C THR D 189 17.11 -21.27 12.92
N ILE D 190 15.81 -21.50 12.77
CA ILE D 190 15.30 -22.14 11.56
C ILE D 190 15.33 -21.18 10.39
N PHE D 191 15.01 -19.90 10.64
CA PHE D 191 15.02 -18.91 9.56
C PHE D 191 16.44 -18.59 9.12
N LEU D 192 17.39 -18.63 10.05
CA LEU D 192 18.78 -18.36 9.72
C LEU D 192 19.35 -19.42 8.78
N LYS D 193 19.12 -20.70 9.09
CA LYS D 193 19.62 -21.78 8.24
C LYS D 193 18.93 -21.80 6.88
N THR D 194 17.65 -21.44 6.83
CA THR D 194 16.94 -21.43 5.56
C THR D 194 17.52 -20.42 4.60
N MET D 195 17.99 -19.28 5.10
CA MET D 195 18.57 -18.26 4.25
C MET D 195 19.95 -18.68 3.76
N PHE D 196 20.76 -19.25 4.65
CA PHE D 196 22.08 -19.76 4.26
C PHE D 196 21.99 -20.76 3.11
N GLY D 197 20.91 -21.55 3.05
CA GLY D 197 20.75 -22.54 2.02
C GLY D 197 20.34 -21.96 0.68
N VAL D 198 19.43 -20.99 0.70
CA VAL D 198 19.00 -20.36 -0.55
C VAL D 198 20.15 -19.60 -1.18
N SER D 199 20.95 -18.91 -0.37
CA SER D 199 22.11 -18.19 -0.89
C SER D 199 23.18 -19.16 -1.40
N GLY D 200 23.31 -20.32 -0.77
CA GLY D 200 24.27 -21.31 -1.25
C GLY D 200 23.93 -21.84 -2.63
N PHE D 201 22.64 -22.04 -2.91
CA PHE D 201 22.24 -22.51 -4.23
C PHE D 201 22.40 -21.41 -5.28
N CYS D 202 22.20 -20.14 -4.88
CA CYS D 202 22.45 -19.04 -5.80
C CYS D 202 23.91 -18.96 -6.17
N LEU D 203 24.80 -19.25 -5.22
CA LEU D 203 26.23 -19.26 -5.49
C LEU D 203 26.62 -20.43 -6.38
N LEU D 204 26.02 -21.60 -6.16
CA LEU D 204 26.36 -22.79 -6.92
C LEU D 204 25.99 -22.63 -8.39
N PHE D 205 24.77 -22.20 -8.67
CA PHE D 205 24.32 -22.09 -10.05
C PHE D 205 24.92 -20.90 -10.78
N THR D 206 25.48 -19.93 -10.06
CA THR D 206 26.24 -18.87 -10.70
C THR D 206 27.62 -19.36 -11.13
N PHE D 207 28.26 -20.16 -10.29
CA PHE D 207 29.53 -20.78 -10.67
C PHE D 207 29.36 -21.81 -11.78
N LEU D 208 28.19 -22.45 -11.85
CA LEU D 208 27.96 -23.48 -12.85
C LEU D 208 27.75 -22.86 -14.23
N GLU D 209 27.08 -21.71 -14.29
CA GLU D 209 26.82 -21.07 -15.58
C GLU D 209 28.08 -20.50 -16.22
N LEU D 210 29.15 -20.30 -15.44
CA LEU D 210 30.42 -19.91 -16.02
C LEU D 210 31.14 -21.10 -16.64
N VAL D 211 31.10 -22.26 -15.96
CA VAL D 211 31.74 -23.46 -16.47
C VAL D 211 31.16 -23.84 -17.83
N LEU D 212 29.83 -23.83 -17.95
CA LEU D 212 29.18 -24.20 -19.19
C LEU D 212 29.46 -23.21 -20.32
N LEU D 213 29.96 -22.01 -20.00
CA LEU D 213 30.39 -21.07 -21.03
C LEU D 213 31.82 -21.31 -21.48
N GLY D 214 32.64 -21.99 -20.67
CA GLY D 214 33.99 -22.35 -21.05
C GLY D 214 35.07 -21.86 -20.10
N LEU D 215 34.71 -21.67 -18.82
CA LEU D 215 35.70 -21.26 -17.84
C LEU D 215 36.82 -22.28 -17.71
N GLY D 216 36.52 -23.56 -17.88
CA GLY D 216 37.54 -24.59 -17.78
C GLY D 216 38.65 -24.42 -18.80
N ARG D 217 38.28 -24.12 -20.05
CA ARG D 217 39.28 -23.93 -21.10
C ARG D 217 40.10 -22.66 -20.83
N TRP D 218 39.46 -21.62 -20.31
CA TRP D 218 40.18 -20.40 -19.97
C TRP D 218 41.05 -20.59 -18.74
N TRP D 219 40.63 -21.44 -17.80
CA TRP D 219 41.37 -21.67 -16.57
C TRP D 219 42.76 -22.23 -16.86
N ARG D 220 42.83 -23.31 -17.64
CA ARG D 220 44.09 -24.00 -17.87
C ARG D 220 45.11 -23.08 -18.57
N THR D 221 44.70 -22.41 -19.65
CA THR D 221 45.58 -21.54 -20.42
C THR D 221 44.96 -20.14 -20.52
N CYS E 2 0.09 -6.17 -27.87
CA CYS E 2 0.20 -7.40 -27.10
C CYS E 2 -1.13 -8.16 -27.10
N GLY E 3 -1.89 -8.01 -28.18
CA GLY E 3 -3.18 -8.69 -28.30
C GLY E 3 -3.03 -10.05 -28.95
N ARG E 4 -2.33 -10.10 -30.08
CA ARG E 4 -2.13 -11.36 -30.78
C ARG E 4 -1.11 -12.24 -30.05
N PHE E 5 -0.19 -11.62 -29.32
CA PHE E 5 0.82 -12.37 -28.59
C PHE E 5 0.18 -13.21 -27.49
N LEU E 6 -0.58 -12.57 -26.61
CA LEU E 6 -1.22 -13.27 -25.51
C LEU E 6 -2.28 -14.26 -25.99
N ARG E 7 -2.84 -14.06 -27.18
CA ARG E 7 -3.81 -15.00 -27.72
C ARG E 7 -3.13 -16.25 -28.28
N ARG E 8 -1.81 -16.24 -28.41
CA ARG E 8 -1.03 -17.37 -28.89
C ARG E 8 -0.28 -18.09 -27.79
N LEU E 9 -0.04 -17.41 -26.66
CA LEU E 9 0.59 -18.03 -25.51
C LEU E 9 -0.40 -18.84 -24.69
N LEU E 10 -1.62 -18.34 -24.52
CA LEU E 10 -2.62 -19.06 -23.75
C LEU E 10 -3.07 -20.33 -24.47
N ALA E 11 -3.13 -20.31 -25.80
CA ALA E 11 -3.51 -21.48 -26.57
C ALA E 11 -2.38 -22.51 -26.66
N GLU E 12 -1.14 -22.11 -26.40
CA GLU E 12 -0.01 -23.02 -26.44
C GLU E 12 0.28 -23.61 -25.07
N GLU E 13 0.20 -22.79 -24.02
CA GLU E 13 0.44 -23.28 -22.66
C GLU E 13 -0.62 -24.27 -22.20
N SER E 14 -1.81 -24.27 -22.83
CA SER E 14 -2.93 -25.08 -22.36
C SER E 14 -3.64 -25.78 -23.52
N GLY E 15 -2.90 -26.15 -24.56
CA GLY E 15 -3.45 -26.92 -25.65
C GLY E 15 -3.41 -28.41 -25.46
N ARG E 16 -2.90 -28.90 -24.33
CA ARG E 16 -2.79 -30.32 -24.03
C ARG E 16 -3.16 -30.63 -22.59
N SER E 17 -3.99 -29.79 -21.97
CA SER E 17 -4.47 -29.98 -20.61
C SER E 17 -5.99 -30.05 -20.62
N THR E 18 -6.54 -30.65 -19.56
CA THR E 18 -7.97 -30.76 -19.38
C THR E 18 -8.50 -29.59 -18.59
N PRO E 19 -9.82 -29.45 -18.47
CA PRO E 19 -10.37 -28.35 -17.65
C PRO E 19 -9.97 -28.40 -16.18
N VAL E 20 -9.54 -29.55 -15.67
CA VAL E 20 -9.16 -29.63 -14.26
C VAL E 20 -7.90 -28.82 -14.01
N GLY E 21 -6.95 -28.87 -14.93
CA GLY E 21 -5.70 -28.13 -14.81
C GLY E 21 -5.70 -26.77 -15.46
N ARG E 22 -6.76 -26.42 -16.17
CA ARG E 22 -6.88 -25.17 -16.89
C ARG E 22 -7.72 -24.13 -16.17
N LEU E 23 -8.71 -24.57 -15.40
CA LEU E 23 -9.63 -23.69 -14.69
C LEU E 23 -9.62 -23.93 -13.18
N LEU E 24 -9.71 -25.18 -12.75
CA LEU E 24 -10.03 -25.50 -11.37
C LEU E 24 -8.84 -25.38 -10.43
N LEU E 25 -7.63 -25.69 -10.91
CA LEU E 25 -6.45 -25.61 -10.07
C LEU E 25 -5.99 -24.17 -9.84
N PRO E 26 -5.94 -23.31 -10.87
CA PRO E 26 -5.60 -21.91 -10.60
C PRO E 26 -6.54 -21.21 -9.65
N VAL E 27 -7.83 -21.56 -9.67
CA VAL E 27 -8.78 -20.92 -8.77
C VAL E 27 -8.63 -21.46 -7.35
N LEU E 28 -8.21 -22.72 -7.20
CA LEU E 28 -8.02 -23.29 -5.87
C LEU E 28 -6.78 -22.72 -5.20
N LEU E 29 -5.73 -22.47 -5.97
CA LEU E 29 -4.48 -21.94 -5.41
C LEU E 29 -4.58 -20.47 -5.07
N GLY E 30 -5.36 -19.71 -5.85
CA GLY E 30 -5.62 -18.32 -5.49
C GLY E 30 -6.51 -18.17 -4.27
N PHE E 31 -7.45 -19.12 -4.09
CA PHE E 31 -8.31 -19.11 -2.91
C PHE E 31 -7.48 -19.23 -1.64
N ARG E 32 -6.48 -20.12 -1.64
CA ARG E 32 -5.65 -20.33 -0.46
C ARG E 32 -4.78 -19.13 -0.16
N LEU E 33 -4.40 -18.38 -1.18
CA LEU E 33 -3.52 -17.23 -1.00
C LEU E 33 -4.26 -16.03 -0.44
N VAL E 34 -5.47 -15.75 -0.93
CA VAL E 34 -6.26 -14.63 -0.43
C VAL E 34 -6.70 -14.88 1.01
N LEU E 35 -7.07 -16.13 1.32
CA LEU E 35 -7.51 -16.45 2.67
C LEU E 35 -6.40 -16.25 3.68
N LEU E 36 -5.17 -16.62 3.32
CA LEU E 36 -4.04 -16.48 4.23
C LEU E 36 -3.71 -15.02 4.48
N ALA E 37 -3.67 -14.21 3.41
CA ALA E 37 -3.29 -12.82 3.55
C ALA E 37 -4.34 -12.00 4.30
N ALA E 38 -5.62 -12.24 4.01
CA ALA E 38 -6.68 -11.42 4.61
C ALA E 38 -6.95 -11.80 6.06
N SER E 39 -7.04 -13.10 6.36
CA SER E 39 -7.51 -13.56 7.65
C SER E 39 -6.43 -14.13 8.57
N GLY E 40 -5.27 -14.49 8.04
CA GLY E 40 -4.25 -15.16 8.81
C GLY E 40 -3.71 -14.37 9.99
N PRO E 41 -3.23 -13.15 9.75
CA PRO E 41 -2.64 -12.37 10.86
C PRO E 41 -3.61 -12.07 12.00
N GLY E 42 -4.92 -12.01 11.73
CA GLY E 42 -5.87 -11.74 12.80
C GLY E 42 -6.00 -12.87 13.80
N VAL E 43 -5.77 -14.10 13.37
CA VAL E 43 -5.90 -15.26 14.26
C VAL E 43 -4.59 -15.57 14.98
N TYR E 44 -3.48 -15.62 14.25
CA TYR E 44 -2.21 -16.12 14.75
C TYR E 44 -1.17 -15.04 14.94
N GLY E 45 -1.54 -13.77 14.87
CA GLY E 45 -0.56 -12.70 14.93
C GLY E 45 -0.04 -12.39 16.32
N ASP E 46 -0.85 -12.66 17.35
CA ASP E 46 -0.53 -12.30 18.72
C ASP E 46 -0.48 -13.53 19.63
N GLU E 47 0.15 -14.61 19.15
CA GLU E 47 0.27 -15.82 19.98
C GLU E 47 1.08 -15.56 21.23
N GLN E 48 2.12 -14.73 21.13
CA GLN E 48 3.09 -14.59 22.23
C GLN E 48 2.47 -13.89 23.42
N SER E 49 1.67 -12.85 23.18
CA SER E 49 0.97 -12.15 24.25
C SER E 49 -0.27 -12.89 24.73
N GLU E 50 -0.74 -13.89 23.97
CA GLU E 50 -1.87 -14.72 24.36
C GLU E 50 -1.44 -16.00 25.07
N PHE E 51 -0.25 -16.01 25.65
CA PHE E 51 0.32 -17.20 26.29
C PHE E 51 0.73 -16.78 27.70
N VAL E 52 -0.14 -17.06 28.66
CA VAL E 52 -0.01 -16.58 30.03
C VAL E 52 0.38 -17.75 30.91
N CYS E 53 1.51 -17.61 31.60
CA CYS E 53 1.99 -18.60 32.55
C CYS E 53 1.96 -18.01 33.95
N HIS E 54 1.67 -18.86 34.93
CA HIS E 54 1.43 -18.44 36.31
C HIS E 54 2.71 -18.65 37.10
N THR E 55 3.61 -17.67 37.03
CA THR E 55 4.89 -17.76 37.70
C THR E 55 5.52 -16.38 37.70
N GLN E 56 6.69 -16.29 38.36
CA GLN E 56 7.46 -15.05 38.41
C GLN E 56 8.96 -15.26 38.22
N GLN E 57 9.43 -16.49 38.07
CA GLN E 57 10.85 -16.72 37.84
C GLN E 57 11.29 -16.04 36.54
N PRO E 58 12.55 -15.62 36.43
CA PRO E 58 12.99 -14.99 35.17
C PRO E 58 13.34 -16.04 34.13
N GLY E 59 12.66 -15.98 32.99
CA GLY E 59 12.98 -16.84 31.86
C GLY E 59 12.18 -18.11 31.76
N CYS E 60 11.15 -18.28 32.58
CA CYS E 60 10.36 -19.51 32.53
C CYS E 60 9.26 -19.45 31.47
N LYS E 61 8.74 -18.26 31.18
CA LYS E 61 7.74 -18.13 30.12
C LYS E 61 8.37 -18.33 28.74
N ALA E 62 9.54 -17.76 28.52
CA ALA E 62 10.20 -17.88 27.21
C ALA E 62 10.64 -19.32 26.94
N ALA E 63 10.94 -20.07 28.00
CA ALA E 63 11.36 -21.47 27.82
C ALA E 63 10.18 -22.36 27.46
N CYS E 64 9.00 -22.07 28.00
CA CYS E 64 7.84 -22.92 27.78
C CYS E 64 7.14 -22.60 26.47
N PHE E 65 7.16 -21.33 26.04
CA PHE E 65 6.56 -20.99 24.75
C PHE E 65 7.39 -21.52 23.59
N ASP E 66 8.70 -21.64 23.76
CA ASP E 66 9.54 -22.16 22.68
C ASP E 66 9.43 -23.67 22.56
N ALA E 67 9.10 -24.36 23.66
CA ALA E 67 8.83 -25.79 23.60
C ALA E 67 7.47 -26.10 22.99
N PHE E 68 6.49 -25.21 23.19
CA PHE E 68 5.15 -25.44 22.67
C PHE E 68 5.04 -25.13 21.18
N HIS E 69 5.66 -24.04 20.72
CA HIS E 69 5.58 -23.62 19.33
C HIS E 69 6.97 -23.22 18.83
N PRO E 70 7.77 -24.19 18.38
CA PRO E 70 9.06 -23.83 17.76
C PRO E 70 8.92 -23.16 16.41
N LEU E 71 7.73 -23.20 15.81
CA LEU E 71 7.49 -22.55 14.53
C LEU E 71 6.01 -22.22 14.45
N SER E 72 5.71 -20.98 14.06
CA SER E 72 4.31 -20.57 13.99
C SER E 72 3.66 -21.09 12.71
N PRO E 73 2.33 -21.29 12.72
CA PRO E 73 1.67 -21.71 11.47
C PRO E 73 1.73 -20.68 10.37
N LEU E 74 1.86 -19.40 10.72
CA LEU E 74 1.94 -18.36 9.69
C LEU E 74 3.21 -18.49 8.86
N ARG E 75 4.30 -18.92 9.47
CA ARG E 75 5.56 -19.08 8.74
C ARG E 75 5.53 -20.34 7.88
N PHE E 76 4.96 -21.42 8.41
CA PHE E 76 4.85 -22.66 7.65
C PHE E 76 4.05 -22.47 6.36
N TRP E 77 2.93 -21.77 6.44
CA TRP E 77 2.05 -21.65 5.27
C TRP E 77 2.62 -20.70 4.22
N VAL E 78 3.44 -19.74 4.63
CA VAL E 78 4.07 -18.85 3.64
C VAL E 78 5.10 -19.62 2.84
N PHE E 79 5.91 -20.46 3.49
CA PHE E 79 6.88 -21.28 2.78
C PHE E 79 6.21 -22.29 1.86
N GLN E 80 5.03 -22.77 2.23
CA GLN E 80 4.33 -23.78 1.43
C GLN E 80 3.81 -23.21 0.12
N VAL E 81 3.33 -21.97 0.11
CA VAL E 81 2.74 -21.42 -1.11
C VAL E 81 3.80 -20.98 -2.10
N ILE E 82 4.97 -20.56 -1.63
CA ILE E 82 6.02 -20.11 -2.55
C ILE E 82 6.79 -21.29 -3.12
N LEU E 83 6.95 -22.38 -2.36
CA LEU E 83 7.58 -23.58 -2.91
C LEU E 83 6.75 -24.17 -4.04
N VAL E 84 5.44 -24.32 -3.81
CA VAL E 84 4.55 -24.88 -4.82
C VAL E 84 4.49 -24.03 -6.07
N ALA E 85 4.81 -22.74 -5.97
CA ALA E 85 4.81 -21.84 -7.12
C ALA E 85 6.10 -21.89 -7.93
N VAL E 86 7.14 -22.56 -7.44
CA VAL E 86 8.41 -22.60 -8.16
C VAL E 86 8.30 -23.45 -9.42
N PRO E 87 7.72 -24.65 -9.38
CA PRO E 87 7.55 -25.39 -10.65
C PRO E 87 6.64 -24.70 -11.65
N SER E 88 5.65 -23.94 -11.18
CA SER E 88 4.76 -23.24 -12.10
C SER E 88 5.45 -22.08 -12.80
N ALA E 89 6.38 -21.42 -12.11
CA ALA E 89 7.09 -20.29 -12.70
C ALA E 89 8.14 -20.73 -13.71
N LEU E 90 8.75 -21.90 -13.52
CA LEU E 90 9.70 -22.41 -14.49
C LEU E 90 9.02 -22.84 -15.78
N TYR E 91 7.80 -23.37 -15.70
CA TYR E 91 7.10 -23.82 -16.89
C TYR E 91 6.54 -22.66 -17.70
N MET E 92 6.16 -21.56 -17.03
CA MET E 92 5.69 -20.39 -17.76
C MET E 92 6.81 -19.70 -18.52
N GLY E 93 8.02 -19.70 -17.97
CA GLY E 93 9.15 -19.11 -18.66
C GLY E 93 9.67 -19.96 -19.80
N PHE E 94 9.63 -21.28 -19.63
CA PHE E 94 10.05 -22.17 -20.71
C PHE E 94 9.10 -22.08 -21.89
N THR E 95 7.83 -21.77 -21.64
CA THR E 95 6.85 -21.63 -22.71
C THR E 95 6.99 -20.29 -23.41
N LEU E 96 7.33 -19.24 -22.66
CA LEU E 96 7.49 -17.91 -23.24
C LEU E 96 8.61 -17.89 -24.27
N TYR E 97 9.79 -18.40 -23.90
CA TYR E 97 10.92 -18.41 -24.82
C TYR E 97 10.70 -19.36 -25.99
N HIS E 98 9.84 -20.36 -25.84
CA HIS E 98 9.55 -21.27 -26.94
C HIS E 98 8.69 -20.60 -28.00
N VAL E 99 7.78 -19.71 -27.59
CA VAL E 99 6.93 -19.01 -28.54
C VAL E 99 7.73 -17.99 -29.35
N ILE E 100 8.77 -17.42 -28.75
CA ILE E 100 9.54 -16.37 -29.43
C ILE E 100 10.44 -16.96 -30.49
N TRP E 101 11.07 -18.10 -30.22
CA TRP E 101 11.97 -18.74 -31.16
C TRP E 101 11.26 -19.48 -32.29
N HIS E 102 9.92 -19.38 -32.38
CA HIS E 102 9.15 -19.96 -33.46
C HIS E 102 8.21 -18.96 -34.12
N TRP E 103 8.26 -17.68 -33.73
CA TRP E 103 7.53 -16.64 -34.44
C TRP E 103 8.28 -16.20 -35.69
N GLU E 104 9.60 -16.03 -35.55
CA GLU E 104 10.45 -15.62 -36.67
C GLU E 104 10.26 -16.52 -37.89
N LEU E 105 10.40 -17.83 -37.70
CA LEU E 105 10.31 -18.76 -38.81
C LEU E 105 8.86 -19.07 -39.17
N SER E 106 8.03 -19.39 -38.17
CA SER E 106 6.68 -19.87 -38.36
C SER E 106 5.64 -18.88 -37.82
N GLY E 107 5.85 -17.59 -38.07
CA GLY E 107 4.93 -16.56 -37.63
C GLY E 107 3.55 -16.70 -38.25
N GLY E 127 6.11 -31.16 -33.71
CA GLY E 127 6.81 -32.43 -33.62
C GLY E 127 7.78 -32.47 -32.46
N ALA E 128 9.05 -32.15 -32.73
CA ALA E 128 10.04 -32.09 -31.67
C ALA E 128 9.79 -30.93 -30.71
N GLY E 129 9.10 -29.89 -31.16
CA GLY E 129 8.77 -28.77 -30.30
C GLY E 129 7.49 -29.00 -29.52
N SER E 130 6.44 -29.47 -30.19
CA SER E 130 5.19 -29.74 -29.52
C SER E 130 5.34 -30.84 -28.47
N LEU E 131 6.22 -31.82 -28.71
CA LEU E 131 6.50 -32.87 -27.75
C LEU E 131 7.41 -32.40 -26.63
N ARG E 132 8.04 -31.23 -26.77
CA ARG E 132 8.92 -30.70 -25.75
C ARG E 132 8.14 -30.09 -24.60
N LEU E 133 6.98 -29.50 -24.88
CA LEU E 133 6.13 -28.89 -23.87
C LEU E 133 5.32 -29.90 -23.07
N LEU E 134 5.04 -31.07 -23.64
CA LEU E 134 4.25 -32.08 -22.94
C LEU E 134 5.04 -32.71 -21.81
N TRP E 135 6.33 -32.98 -22.02
CA TRP E 135 7.16 -33.56 -20.97
C TRP E 135 7.43 -32.58 -19.85
N ALA E 136 7.34 -31.27 -20.12
CA ALA E 136 7.53 -30.28 -19.07
C ALA E 136 6.29 -30.10 -18.21
N TYR E 137 5.10 -30.35 -18.77
CA TYR E 137 3.87 -30.25 -18.00
C TYR E 137 3.74 -31.41 -17.03
N VAL E 138 4.13 -32.61 -17.45
CA VAL E 138 4.07 -33.78 -16.57
C VAL E 138 5.08 -33.64 -15.44
N ALA E 139 6.16 -32.87 -15.64
CA ALA E 139 7.23 -32.81 -14.66
C ALA E 139 6.88 -31.89 -13.51
N GLN E 140 6.16 -30.80 -13.77
CA GLN E 140 5.79 -29.88 -12.69
C GLN E 140 4.60 -30.37 -11.88
N LEU E 141 3.75 -31.21 -12.45
CA LEU E 141 2.68 -31.84 -11.67
C LEU E 141 3.22 -32.91 -10.74
N GLY E 142 4.26 -33.62 -11.16
CA GLY E 142 4.87 -34.60 -10.29
C GLY E 142 5.60 -33.98 -9.12
N ALA E 143 6.21 -32.81 -9.35
CA ALA E 143 6.90 -32.12 -8.26
C ALA E 143 5.91 -31.53 -7.27
N ARG E 144 4.84 -30.90 -7.77
CA ARG E 144 3.81 -30.36 -6.89
C ARG E 144 3.10 -31.44 -6.11
N LEU E 145 2.99 -32.64 -6.69
CA LEU E 145 2.39 -33.77 -5.98
C LEU E 145 3.25 -34.21 -4.80
N VAL E 146 4.56 -34.12 -4.93
CA VAL E 146 5.46 -34.52 -3.85
C VAL E 146 5.57 -33.46 -2.78
N LEU E 147 5.49 -32.18 -3.16
CA LEU E 147 5.62 -31.09 -2.19
C LEU E 147 4.34 -30.91 -1.38
N GLU E 148 3.18 -31.10 -2.00
CA GLU E 148 1.92 -30.97 -1.27
C GLU E 148 1.74 -32.10 -0.27
N GLY E 149 2.14 -33.32 -0.64
CA GLY E 149 1.99 -34.44 0.25
C GLY E 149 2.90 -34.37 1.46
N ALA E 150 4.11 -33.87 1.28
CA ALA E 150 5.05 -33.75 2.39
C ALA E 150 4.64 -32.63 3.34
N ALA E 151 4.03 -31.57 2.83
CA ALA E 151 3.62 -30.47 3.68
C ALA E 151 2.48 -30.88 4.62
N LEU E 152 1.53 -31.66 4.11
CA LEU E 152 0.42 -32.12 4.95
C LEU E 152 0.91 -33.02 6.08
N GLY E 153 1.94 -33.82 5.83
CA GLY E 153 2.47 -34.68 6.86
C GLY E 153 3.13 -33.90 7.99
N LEU E 154 3.89 -32.86 7.64
CA LEU E 154 4.50 -32.01 8.66
C LEU E 154 3.43 -31.24 9.43
N GLN E 155 2.37 -30.81 8.74
CA GLN E 155 1.32 -30.05 9.40
C GLN E 155 0.62 -30.88 10.47
N TYR E 156 0.28 -32.13 10.15
CA TYR E 156 -0.30 -33.01 11.15
C TYR E 156 0.70 -33.36 12.24
N HIS E 157 1.98 -33.44 11.89
CA HIS E 157 3.02 -33.84 12.84
C HIS E 157 3.33 -32.73 13.83
N LEU E 158 3.34 -31.47 13.37
CA LEU E 158 3.70 -30.36 14.24
C LEU E 158 2.52 -29.92 15.10
N TYR E 159 1.36 -29.71 14.50
CA TYR E 159 0.23 -29.07 15.15
C TYR E 159 -0.93 -30.01 15.46
N GLY E 160 -1.28 -30.90 14.53
CA GLY E 160 -2.39 -31.81 14.74
C GLY E 160 -3.68 -31.28 14.15
N PHE E 161 -4.80 -31.57 14.82
CA PHE E 161 -6.11 -31.08 14.42
C PHE E 161 -6.79 -30.20 15.47
N GLN E 162 -6.12 -29.91 16.58
CA GLN E 162 -6.72 -29.08 17.62
C GLN E 162 -5.65 -28.37 18.43
N MET E 163 -5.96 -27.14 18.85
CA MET E 163 -5.08 -26.34 19.68
C MET E 163 -5.61 -26.38 21.10
N PRO E 164 -4.84 -26.78 22.11
CA PRO E 164 -5.41 -26.95 23.44
C PRO E 164 -5.60 -25.63 24.18
N SER E 165 -6.24 -25.73 25.35
CA SER E 165 -6.48 -24.59 26.22
C SER E 165 -5.48 -24.47 27.36
N SER E 166 -4.75 -25.54 27.67
CA SER E 166 -3.73 -25.52 28.71
C SER E 166 -2.51 -26.26 28.21
N PHE E 167 -1.41 -26.13 28.96
CA PHE E 167 -0.14 -26.73 28.57
C PHE E 167 0.72 -26.84 29.82
N ALA E 168 1.22 -28.04 30.09
CA ALA E 168 2.10 -28.30 31.22
C ALA E 168 3.54 -28.30 30.75
N CYS E 169 4.41 -27.66 31.53
CA CYS E 169 5.79 -27.39 31.14
C CYS E 169 6.71 -27.71 32.29
N ARG E 170 7.59 -28.69 32.08
CA ARG E 170 8.66 -29.03 33.03
C ARG E 170 9.98 -28.84 32.28
N ARG E 171 10.52 -27.63 32.39
CA ARG E 171 11.70 -27.22 31.63
C ARG E 171 12.50 -26.26 32.49
N GLU E 172 13.82 -26.29 32.34
CA GLU E 172 14.64 -25.34 33.07
C GLU E 172 14.58 -23.98 32.39
N PRO E 173 14.67 -22.88 33.15
CA PRO E 173 14.87 -22.69 34.59
C PRO E 173 13.58 -22.56 35.40
N CYS E 174 12.56 -23.36 35.07
CA CYS E 174 11.32 -23.37 35.84
C CYS E 174 11.46 -24.39 36.97
N LEU E 175 11.07 -23.97 38.17
CA LEU E 175 11.14 -24.84 39.35
C LEU E 175 9.80 -25.55 39.51
N GLY E 176 9.83 -26.87 39.34
CA GLY E 176 8.62 -27.67 39.43
C GLY E 176 7.88 -27.76 38.11
N SER E 177 6.56 -27.89 38.18
CA SER E 177 5.69 -27.89 37.01
C SER E 177 4.72 -26.72 37.11
N ILE E 178 4.60 -25.97 36.02
CA ILE E 178 3.75 -24.79 35.97
C ILE E 178 2.63 -25.03 34.96
N THR E 179 1.59 -24.21 35.07
CA THR E 179 0.44 -24.24 34.19
C THR E 179 0.38 -22.96 33.37
N CYS E 180 0.11 -23.10 32.07
CA CYS E 180 0.05 -21.99 31.15
C CYS E 180 -1.24 -22.09 30.34
N ASN E 181 -1.90 -20.94 30.14
CA ASN E 181 -3.21 -20.88 29.52
C ASN E 181 -3.14 -20.12 28.20
N LEU E 182 -3.98 -20.54 27.26
CA LEU E 182 -4.05 -19.97 25.92
C LEU E 182 -5.37 -19.23 25.72
N SER E 183 -5.38 -18.36 24.72
CA SER E 183 -6.54 -17.57 24.36
C SER E 183 -7.00 -17.94 22.95
N ARG E 184 -8.32 -17.92 22.74
CA ARG E 184 -8.94 -18.25 21.47
C ARG E 184 -8.49 -19.60 20.90
N PRO E 185 -8.75 -20.71 21.62
CA PRO E 185 -8.44 -22.02 21.05
C PRO E 185 -9.48 -22.53 20.05
N SER E 186 -10.69 -21.96 20.04
CA SER E 186 -11.73 -22.42 19.14
C SER E 186 -11.60 -21.82 17.75
N GLU E 187 -11.19 -20.55 17.67
CA GLU E 187 -11.01 -19.90 16.38
C GLU E 187 -9.75 -20.41 15.68
N LYS E 188 -8.74 -20.79 16.45
CA LYS E 188 -7.51 -21.32 15.87
C LYS E 188 -7.70 -22.74 15.34
N THR E 189 -8.51 -23.53 16.05
CA THR E 189 -8.84 -24.88 15.57
C THR E 189 -9.63 -24.84 14.28
N ILE E 190 -10.49 -23.84 14.09
CA ILE E 190 -11.32 -23.79 12.89
C ILE E 190 -10.48 -23.38 11.68
N PHE E 191 -9.55 -22.45 11.88
CA PHE E 191 -8.70 -22.02 10.76
C PHE E 191 -7.72 -23.09 10.35
N LEU E 192 -7.25 -23.89 11.32
CA LEU E 192 -6.32 -24.98 11.03
C LEU E 192 -6.96 -26.03 10.15
N LYS E 193 -8.18 -26.47 10.49
CA LYS E 193 -8.86 -27.49 9.71
C LYS E 193 -9.26 -26.97 8.33
N THR E 194 -9.60 -25.68 8.22
CA THR E 194 -9.97 -25.12 6.93
C THR E 194 -8.80 -25.16 5.94
N MET E 195 -7.58 -24.97 6.43
CA MET E 195 -6.42 -25.00 5.55
C MET E 195 -6.10 -26.43 5.13
N PHE E 196 -6.18 -27.38 6.07
CA PHE E 196 -5.95 -28.79 5.74
C PHE E 196 -6.88 -29.26 4.62
N GLY E 197 -8.09 -28.74 4.57
CA GLY E 197 -9.05 -29.14 3.56
C GLY E 197 -8.79 -28.56 2.19
N VAL E 198 -8.39 -27.29 2.14
CA VAL E 198 -8.09 -26.66 0.86
C VAL E 198 -6.86 -27.30 0.24
N SER E 199 -5.85 -27.61 1.05
CA SER E 199 -4.66 -28.28 0.54
C SER E 199 -4.96 -29.70 0.10
N GLY E 200 -5.89 -30.38 0.79
CA GLY E 200 -6.27 -31.72 0.37
C GLY E 200 -6.90 -31.76 -1.01
N PHE E 201 -7.74 -30.76 -1.32
CA PHE E 201 -8.35 -30.71 -2.63
C PHE E 201 -7.34 -30.34 -3.71
N CYS E 202 -6.35 -29.52 -3.38
CA CYS E 202 -5.29 -29.22 -4.32
C CYS E 202 -4.48 -30.48 -4.65
N LEU E 203 -4.27 -31.33 -3.64
CA LEU E 203 -3.56 -32.58 -3.87
C LEU E 203 -4.39 -33.54 -4.71
N LEU E 204 -5.69 -33.61 -4.45
CA LEU E 204 -6.56 -34.55 -5.17
C LEU E 204 -6.63 -34.22 -6.65
N PHE E 205 -6.87 -32.95 -7.00
CA PHE E 205 -7.03 -32.58 -8.40
C PHE E 205 -5.71 -32.54 -9.14
N THR E 206 -4.58 -32.48 -8.44
CA THR E 206 -3.29 -32.65 -9.09
C THR E 206 -3.03 -34.09 -9.46
N PHE E 207 -3.38 -35.03 -8.57
CA PHE E 207 -3.27 -36.45 -8.87
C PHE E 207 -4.27 -36.86 -9.95
N LEU E 208 -5.42 -36.19 -10.04
CA LEU E 208 -6.43 -36.56 -11.01
C LEU E 208 -6.03 -36.12 -12.42
N GLU E 209 -5.37 -34.98 -12.54
CA GLU E 209 -4.96 -34.48 -13.86
C GLU E 209 -3.85 -35.33 -14.47
N LEU E 210 -3.13 -36.10 -13.67
CA LEU E 210 -2.16 -37.04 -14.21
C LEU E 210 -2.84 -38.29 -14.76
N VAL E 211 -3.84 -38.80 -14.05
CA VAL E 211 -4.57 -39.98 -14.50
C VAL E 211 -5.21 -39.73 -15.85
N LEU E 212 -5.87 -38.59 -16.02
CA LEU E 212 -6.53 -38.28 -17.27
C LEU E 212 -5.55 -38.07 -18.42
N LEU E 213 -4.25 -37.88 -18.13
CA LEU E 213 -3.24 -37.83 -19.18
C LEU E 213 -2.74 -39.22 -19.57
N GLY E 214 -2.90 -40.22 -18.71
CA GLY E 214 -2.53 -41.58 -19.03
C GLY E 214 -1.56 -42.22 -18.07
N LEU E 215 -1.55 -41.76 -16.81
CA LEU E 215 -0.69 -42.36 -15.80
C LEU E 215 -1.00 -43.83 -15.60
N GLY E 216 -2.27 -44.22 -15.74
CA GLY E 216 -2.63 -45.62 -15.56
C GLY E 216 -1.94 -46.53 -16.55
N ARG E 217 -1.89 -46.13 -17.82
CA ARG E 217 -1.23 -46.95 -18.84
C ARG E 217 0.27 -47.00 -18.60
N TRP E 218 0.86 -45.90 -18.12
CA TRP E 218 2.29 -45.90 -17.80
C TRP E 218 2.58 -46.69 -16.54
N TRP E 219 1.63 -46.70 -15.59
CA TRP E 219 1.83 -47.40 -14.32
C TRP E 219 2.04 -48.90 -14.55
N ARG E 220 1.14 -49.53 -15.29
CA ARG E 220 1.17 -50.98 -15.45
C ARG E 220 2.47 -51.43 -16.14
N THR E 221 2.82 -50.80 -17.25
CA THR E 221 4.00 -51.16 -18.03
C THR E 221 4.89 -49.92 -18.21
N CYS F 2 -5.63 -4.58 -27.66
CA CYS F 2 -6.63 -5.25 -26.84
C CYS F 2 -7.96 -4.49 -26.86
N GLY F 3 -8.23 -3.80 -27.97
CA GLY F 3 -9.44 -3.04 -28.12
C GLY F 3 -10.56 -3.86 -28.71
N ARG F 4 -10.27 -4.55 -29.82
CA ARG F 4 -11.28 -5.39 -30.46
C ARG F 4 -11.52 -6.67 -29.67
N PHE F 5 -10.51 -7.13 -28.93
CA PHE F 5 -10.65 -8.34 -28.13
C PHE F 5 -11.69 -8.15 -27.03
N LEU F 6 -11.50 -7.12 -26.20
CA LEU F 6 -12.42 -6.87 -25.10
C LEU F 6 -13.80 -6.47 -25.59
N ARG F 7 -13.92 -5.94 -26.80
CA ARG F 7 -15.23 -5.59 -27.35
C ARG F 7 -15.98 -6.82 -27.84
N ARG F 8 -15.32 -7.98 -27.91
CA ARG F 8 -15.91 -9.24 -28.33
C ARG F 8 -16.14 -10.19 -27.17
N LEU F 9 -15.42 -10.01 -26.06
CA LEU F 9 -15.63 -10.80 -24.86
C LEU F 9 -16.82 -10.31 -24.05
N LEU F 10 -17.00 -8.99 -23.95
CA LEU F 10 -18.12 -8.44 -23.20
C LEU F 10 -19.45 -8.73 -23.89
N ALA F 11 -19.46 -8.73 -25.22
CA ALA F 11 -20.67 -9.02 -25.96
C ALA F 11 -21.01 -10.51 -25.97
N GLU F 12 -20.04 -11.37 -25.68
CA GLU F 12 -20.26 -12.82 -25.65
C GLU F 12 -20.62 -13.30 -24.25
N GLU F 13 -19.94 -12.76 -23.23
CA GLU F 13 -20.23 -13.14 -21.85
C GLU F 13 -21.61 -12.69 -21.39
N SER F 14 -22.21 -11.69 -22.06
CA SER F 14 -23.47 -11.11 -21.61
C SER F 14 -24.44 -10.89 -22.76
N GLY F 15 -24.40 -11.77 -23.77
CA GLY F 15 -25.35 -11.74 -24.85
C GLY F 15 -26.63 -12.50 -24.61
N ARG F 16 -26.78 -13.12 -23.44
CA ARG F 16 -27.96 -13.91 -23.09
C ARG F 16 -28.40 -13.67 -21.65
N SER F 17 -28.07 -12.51 -21.09
CA SER F 17 -28.46 -12.13 -19.76
C SER F 17 -29.29 -10.84 -19.81
N THR F 18 -30.05 -10.62 -18.76
CA THR F 18 -30.87 -9.41 -18.63
C THR F 18 -30.10 -8.33 -17.90
N PRO F 19 -30.64 -7.12 -17.82
CA PRO F 19 -29.96 -6.06 -17.07
C PRO F 19 -29.78 -6.35 -15.59
N VAL F 20 -30.56 -7.27 -15.02
CA VAL F 20 -30.42 -7.57 -13.60
C VAL F 20 -29.09 -8.24 -13.33
N GLY F 21 -28.66 -9.15 -14.21
CA GLY F 21 -27.41 -9.85 -14.08
C GLY F 21 -26.23 -9.21 -14.76
N ARG F 22 -26.47 -8.14 -15.53
CA ARG F 22 -25.45 -7.47 -16.30
C ARG F 22 -24.96 -6.18 -15.64
N LEU F 23 -25.83 -5.49 -14.89
CA LEU F 23 -25.51 -4.23 -14.24
C LEU F 23 -25.69 -4.29 -12.73
N LEU F 24 -26.83 -4.80 -12.26
CA LEU F 24 -27.24 -4.61 -10.87
C LEU F 24 -26.54 -5.55 -9.90
N LEU F 25 -26.21 -6.77 -10.32
CA LEU F 25 -25.54 -7.71 -9.44
C LEU F 25 -24.07 -7.38 -9.25
N PRO F 26 -23.30 -7.05 -10.30
CA PRO F 26 -21.91 -6.63 -10.08
C PRO F 26 -21.76 -5.42 -9.19
N VAL F 27 -22.71 -4.48 -9.23
CA VAL F 27 -22.63 -3.29 -8.39
C VAL F 27 -23.00 -3.63 -6.96
N LEU F 28 -23.87 -4.61 -6.74
CA LEU F 28 -24.26 -4.99 -5.39
C LEU F 28 -23.14 -5.75 -4.69
N LEU F 29 -22.41 -6.57 -5.43
CA LEU F 29 -21.33 -7.37 -4.85
C LEU F 29 -20.10 -6.52 -4.57
N GLY F 30 -19.83 -5.50 -5.39
CA GLY F 30 -18.75 -4.57 -5.10
C GLY F 30 -19.06 -3.67 -3.92
N PHE F 31 -20.34 -3.32 -3.74
CA PHE F 31 -20.74 -2.51 -2.59
C PHE F 31 -20.43 -3.23 -1.28
N ARG F 32 -20.69 -4.53 -1.22
CA ARG F 32 -20.46 -5.30 0.00
C ARG F 32 -18.97 -5.44 0.29
N LEU F 33 -18.14 -5.45 -0.75
CA LEU F 33 -16.71 -5.64 -0.57
C LEU F 33 -16.02 -4.36 -0.08
N VAL F 34 -16.40 -3.21 -0.63
CA VAL F 34 -15.82 -1.94 -0.20
C VAL F 34 -16.24 -1.61 1.23
N LEU F 35 -17.49 -1.89 1.57
CA LEU F 35 -17.99 -1.60 2.91
C LEU F 35 -17.24 -2.42 3.97
N LEU F 36 -16.97 -3.68 3.66
CA LEU F 36 -16.27 -4.54 4.61
C LEU F 36 -14.82 -4.10 4.82
N ALA F 37 -14.12 -3.78 3.73
CA ALA F 37 -12.71 -3.41 3.83
C ALA F 37 -12.53 -2.06 4.51
N ALA F 38 -13.37 -1.08 4.18
CA ALA F 38 -13.19 0.27 4.71
C ALA F 38 -13.64 0.38 6.16
N SER F 39 -14.80 -0.17 6.51
CA SER F 39 -15.43 0.07 7.80
C SER F 39 -15.36 -1.09 8.77
N GLY F 40 -15.10 -2.31 8.30
CA GLY F 40 -15.15 -3.49 9.12
C GLY F 40 -14.20 -3.50 10.30
N PRO F 41 -12.90 -3.32 10.04
CA PRO F 41 -11.93 -3.38 11.14
C PRO F 41 -12.13 -2.34 12.23
N GLY F 42 -12.74 -1.20 11.92
CA GLY F 42 -12.96 -0.19 12.93
C GLY F 42 -14.00 -0.58 13.97
N VAL F 43 -14.96 -1.42 13.60
CA VAL F 43 -16.02 -1.83 14.51
C VAL F 43 -15.63 -3.08 15.29
N TYR F 44 -15.12 -4.10 14.60
CA TYR F 44 -14.92 -5.44 15.18
C TYR F 44 -13.46 -5.80 15.36
N GLY F 45 -12.54 -4.83 15.23
CA GLY F 45 -11.13 -5.15 15.29
C GLY F 45 -10.58 -5.38 16.69
N ASP F 46 -11.20 -4.77 17.70
CA ASP F 46 -10.72 -4.80 19.07
C ASP F 46 -11.75 -5.41 20.02
N GLU F 47 -12.38 -6.51 19.60
CA GLU F 47 -13.36 -7.17 20.47
C GLU F 47 -12.72 -7.69 21.75
N GLN F 48 -11.47 -8.18 21.66
CA GLN F 48 -10.87 -8.89 22.78
C GLN F 48 -10.54 -7.95 23.92
N SER F 49 -10.04 -6.75 23.62
CA SER F 49 -9.78 -5.74 24.63
C SER F 49 -11.03 -5.02 25.09
N GLU F 50 -12.14 -5.14 24.36
CA GLU F 50 -13.42 -4.56 24.73
C GLU F 50 -14.31 -5.53 25.50
N PHE F 51 -13.72 -6.55 26.13
CA PHE F 51 -14.46 -7.59 26.83
C PHE F 51 -13.88 -7.67 28.23
N VAL F 52 -14.54 -7.01 29.18
CA VAL F 52 -14.04 -6.81 30.52
C VAL F 52 -14.85 -7.69 31.46
N CYS F 53 -14.17 -8.57 32.19
CA CYS F 53 -14.77 -9.43 33.19
C CYS F 53 -14.25 -9.04 34.57
N HIS F 54 -15.14 -9.16 35.56
CA HIS F 54 -14.87 -8.67 36.91
C HIS F 54 -14.40 -9.85 37.76
N THR F 55 -13.11 -10.14 37.69
CA THR F 55 -12.54 -11.27 38.41
C THR F 55 -11.02 -11.13 38.39
N GLN F 56 -10.35 -12.05 39.08
CA GLN F 56 -8.90 -12.11 39.13
C GLN F 56 -8.33 -13.52 38.99
N GLN F 57 -9.17 -14.55 38.91
CA GLN F 57 -8.67 -15.91 38.73
C GLN F 57 -7.87 -16.01 37.42
N PRO F 58 -6.87 -16.90 37.36
CA PRO F 58 -6.13 -17.02 36.09
C PRO F 58 -6.87 -17.90 35.10
N GLY F 59 -7.17 -17.34 33.93
CA GLY F 59 -7.76 -18.09 32.84
C GLY F 59 -9.27 -18.04 32.76
N CYS F 60 -9.93 -17.19 33.55
CA CYS F 60 -11.39 -17.12 33.52
C CYS F 60 -11.89 -16.20 32.40
N LYS F 61 -11.13 -15.16 32.05
CA LYS F 61 -11.53 -14.29 30.96
C LYS F 61 -11.40 -15.00 29.61
N ALA F 62 -10.32 -15.75 29.41
CA ALA F 62 -10.12 -16.44 28.15
C ALA F 62 -11.14 -17.55 27.94
N ALA F 63 -11.64 -18.14 29.03
CA ALA F 63 -12.64 -19.19 28.91
C ALA F 63 -14.00 -18.64 28.54
N CYS F 64 -14.33 -17.44 29.04
CA CYS F 64 -15.66 -16.87 28.79
C CYS F 64 -15.74 -16.17 27.44
N PHE F 65 -14.64 -15.58 26.97
CA PHE F 65 -14.65 -14.96 25.65
C PHE F 65 -14.72 -15.99 24.54
N ASP F 66 -14.17 -17.18 24.76
CA ASP F 66 -14.20 -18.23 23.74
C ASP F 66 -15.57 -18.88 23.67
N ALA F 67 -16.33 -18.88 24.77
CA ALA F 67 -17.70 -19.37 24.76
C ALA F 67 -18.64 -18.37 24.10
N PHE F 68 -18.36 -17.07 24.24
CA PHE F 68 -19.23 -16.05 23.68
C PHE F 68 -19.04 -15.89 22.18
N HIS F 69 -17.79 -15.90 21.71
CA HIS F 69 -17.48 -15.68 20.29
C HIS F 69 -16.45 -16.72 19.83
N PRO F 70 -16.90 -17.92 19.45
CA PRO F 70 -15.95 -18.88 18.86
C PRO F 70 -15.45 -18.49 17.49
N LEU F 71 -16.07 -17.52 16.84
CA LEU F 71 -15.65 -17.05 15.53
C LEU F 71 -16.11 -15.60 15.39
N SER F 72 -15.20 -14.75 14.94
CA SER F 72 -15.52 -13.33 14.81
C SER F 72 -16.33 -13.09 13.53
N PRO F 73 -17.17 -12.05 13.49
CA PRO F 73 -17.87 -11.75 12.23
C PRO F 73 -16.95 -11.33 11.10
N LEU F 74 -15.77 -10.79 11.41
CA LEU F 74 -14.84 -10.39 10.35
C LEU F 74 -14.33 -11.60 9.57
N ARG F 75 -14.14 -12.73 10.24
CA ARG F 75 -13.68 -13.94 9.56
C ARG F 75 -14.79 -14.58 8.74
N PHE F 76 -16.01 -14.59 9.28
CA PHE F 76 -17.15 -15.16 8.56
C PHE F 76 -17.39 -14.43 7.24
N TRP F 77 -17.35 -13.10 7.25
CA TRP F 77 -17.69 -12.34 6.06
C TRP F 77 -16.60 -12.42 4.99
N VAL F 78 -15.35 -12.63 5.40
CA VAL F 78 -14.29 -12.79 4.42
C VAL F 78 -14.44 -14.10 3.66
N PHE F 79 -14.76 -15.18 4.37
CA PHE F 79 -14.99 -16.47 3.73
C PHE F 79 -16.21 -16.43 2.82
N GLN F 80 -17.22 -15.63 3.17
CA GLN F 80 -18.44 -15.57 2.37
C GLN F 80 -18.22 -14.91 1.02
N VAL F 81 -17.39 -13.87 0.96
CA VAL F 81 -17.23 -13.14 -0.30
C VAL F 81 -16.32 -13.89 -1.27
N ILE F 82 -15.36 -14.68 -0.77
CA ILE F 82 -14.47 -15.40 -1.67
C ILE F 82 -15.12 -16.69 -2.17
N LEU F 83 -15.96 -17.33 -1.36
CA LEU F 83 -16.71 -18.50 -1.83
C LEU F 83 -17.64 -18.13 -2.98
N VAL F 84 -18.43 -17.06 -2.80
CA VAL F 84 -19.37 -16.62 -3.82
C VAL F 84 -18.67 -16.19 -5.11
N ALA F 85 -17.38 -15.83 -5.03
CA ALA F 85 -16.63 -15.45 -6.22
C ALA F 85 -16.04 -16.62 -6.98
N VAL F 86 -16.10 -17.83 -6.43
CA VAL F 86 -15.50 -19.00 -7.08
C VAL F 86 -16.31 -19.38 -8.32
N PRO F 87 -17.64 -19.47 -8.27
CA PRO F 87 -18.38 -19.75 -9.50
C PRO F 87 -18.23 -18.67 -10.57
N SER F 88 -18.07 -17.42 -10.16
CA SER F 88 -17.93 -16.34 -11.14
C SER F 88 -16.58 -16.40 -11.84
N ALA F 89 -15.54 -16.85 -11.16
CA ALA F 89 -14.21 -16.92 -11.75
C ALA F 89 -14.07 -18.10 -12.71
N LEU F 90 -14.78 -19.20 -12.45
CA LEU F 90 -14.76 -20.33 -13.38
C LEU F 90 -15.49 -20.01 -14.68
N TYR F 91 -16.55 -19.22 -14.62
CA TYR F 91 -17.31 -18.89 -15.82
C TYR F 91 -16.59 -17.87 -16.69
N MET F 92 -15.82 -16.97 -16.08
CA MET F 92 -15.05 -16.01 -16.86
C MET F 92 -13.90 -16.67 -17.59
N GLY F 93 -13.30 -17.70 -17.01
CA GLY F 93 -12.22 -18.42 -17.67
C GLY F 93 -12.71 -19.34 -18.77
N PHE F 94 -13.88 -19.96 -18.55
CA PHE F 94 -14.46 -20.82 -19.57
C PHE F 94 -14.87 -20.01 -20.79
N THR F 95 -15.23 -18.75 -20.60
CA THR F 95 -15.60 -17.88 -21.71
C THR F 95 -14.37 -17.36 -22.46
N LEU F 96 -13.29 -17.09 -21.72
CA LEU F 96 -12.06 -16.61 -22.34
C LEU F 96 -11.51 -17.62 -23.33
N TYR F 97 -11.35 -18.88 -22.90
CA TYR F 97 -10.81 -19.90 -23.79
C TYR F 97 -11.74 -20.25 -24.93
N HIS F 98 -13.05 -19.99 -24.78
CA HIS F 98 -13.99 -20.25 -25.85
C HIS F 98 -13.86 -19.22 -26.97
N VAL F 99 -13.53 -17.97 -26.63
CA VAL F 99 -13.36 -16.93 -27.63
C VAL F 99 -12.09 -17.15 -28.44
N ILE F 100 -11.06 -17.74 -27.83
CA ILE F 100 -9.79 -17.92 -28.50
C ILE F 100 -9.85 -19.05 -29.52
N TRP F 101 -10.53 -20.15 -29.17
CA TRP F 101 -10.64 -21.30 -30.06
C TRP F 101 -11.65 -21.09 -31.19
N HIS F 102 -12.23 -19.90 -31.33
CA HIS F 102 -13.14 -19.57 -32.42
C HIS F 102 -12.74 -18.29 -33.16
N TRP F 103 -11.60 -17.68 -32.80
CA TRP F 103 -11.07 -16.55 -33.57
C TRP F 103 -10.33 -17.05 -34.80
N GLU F 104 -9.52 -18.11 -34.64
CA GLU F 104 -8.76 -18.70 -35.73
C GLU F 104 -9.65 -19.03 -36.92
N LEU F 105 -10.71 -19.80 -36.69
CA LEU F 105 -11.58 -20.24 -37.77
C LEU F 105 -12.58 -19.16 -38.17
N SER F 106 -13.24 -18.55 -37.18
CA SER F 106 -14.35 -17.62 -37.41
C SER F 106 -14.00 -16.21 -36.95
N GLY F 107 -12.77 -15.77 -37.23
CA GLY F 107 -12.34 -14.43 -36.87
C GLY F 107 -13.16 -13.33 -37.53
N GLY F 127 -24.37 -22.52 -32.40
CA GLY F 127 -25.11 -23.75 -32.24
C GLY F 127 -24.65 -24.56 -31.04
N ALA F 128 -23.74 -25.51 -31.28
CA ALA F 128 -23.18 -26.29 -30.18
C ALA F 128 -22.29 -25.45 -29.28
N GLY F 129 -21.74 -24.34 -29.78
CA GLY F 129 -20.93 -23.46 -28.98
C GLY F 129 -21.75 -22.43 -28.24
N SER F 130 -22.69 -21.80 -28.93
CA SER F 130 -23.55 -20.80 -28.29
C SER F 130 -24.41 -21.43 -27.20
N LEU F 131 -24.82 -22.69 -27.38
CA LEU F 131 -25.58 -23.40 -26.38
C LEU F 131 -24.70 -23.91 -25.23
N ARG F 132 -23.38 -23.87 -25.39
CA ARG F 132 -22.47 -24.33 -24.36
C ARG F 132 -22.31 -23.30 -23.25
N LEU F 133 -22.39 -22.01 -23.61
CA LEU F 133 -22.27 -20.93 -22.64
C LEU F 133 -23.54 -20.69 -21.85
N LEU F 134 -24.71 -21.05 -22.39
CA LEU F 134 -25.96 -20.83 -21.68
C LEU F 134 -26.10 -21.78 -20.50
N TRP F 135 -25.69 -23.04 -20.66
CA TRP F 135 -25.78 -23.99 -19.56
C TRP F 135 -24.77 -23.69 -18.45
N ALA F 136 -23.68 -22.98 -18.77
CA ALA F 136 -22.72 -22.59 -17.75
C ALA F 136 -23.18 -21.38 -16.95
N TYR F 137 -24.00 -20.51 -17.54
CA TYR F 137 -24.50 -19.35 -16.82
C TYR F 137 -25.57 -19.76 -15.81
N VAL F 138 -26.42 -20.71 -16.18
CA VAL F 138 -27.45 -21.21 -15.26
C VAL F 138 -26.82 -21.96 -14.10
N ALA F 139 -25.62 -22.52 -14.29
CA ALA F 139 -25.02 -23.37 -13.28
C ALA F 139 -24.37 -22.55 -12.17
N GLN F 140 -23.79 -21.40 -12.49
CA GLN F 140 -23.17 -20.56 -11.46
C GLN F 140 -24.17 -19.74 -10.68
N LEU F 141 -25.35 -19.45 -11.25
CA LEU F 141 -26.39 -18.79 -10.50
C LEU F 141 -27.05 -19.75 -9.50
N GLY F 142 -27.16 -21.03 -9.86
CA GLY F 142 -27.70 -22.01 -8.93
C GLY F 142 -26.77 -22.26 -7.76
N ALA F 143 -25.46 -22.23 -8.00
CA ALA F 143 -24.50 -22.42 -6.92
C ALA F 143 -24.48 -21.21 -5.98
N ARG F 144 -24.48 -20.01 -6.55
CA ARG F 144 -24.50 -18.80 -5.73
C ARG F 144 -25.79 -18.69 -4.94
N LEU F 145 -26.90 -19.22 -5.47
CA LEU F 145 -28.16 -19.23 -4.75
C LEU F 145 -28.10 -20.13 -3.52
N VAL F 146 -27.37 -21.23 -3.61
CA VAL F 146 -27.26 -22.16 -2.49
C VAL F 146 -26.27 -21.66 -1.44
N LEU F 147 -25.20 -20.97 -1.88
CA LEU F 147 -24.19 -20.51 -0.94
C LEU F 147 -24.65 -19.26 -0.19
N GLU F 148 -25.41 -18.39 -0.84
CA GLU F 148 -25.92 -17.19 -0.16
C GLU F 148 -26.97 -17.55 0.86
N GLY F 149 -27.83 -18.53 0.55
CA GLY F 149 -28.88 -18.90 1.49
C GLY F 149 -28.34 -19.60 2.72
N ALA F 150 -27.30 -20.41 2.56
CA ALA F 150 -26.72 -21.10 3.71
C ALA F 150 -25.95 -20.15 4.61
N ALA F 151 -25.34 -19.11 4.03
CA ALA F 151 -24.57 -18.16 4.83
C ALA F 151 -25.48 -17.34 5.73
N LEU F 152 -26.65 -16.93 5.22
CA LEU F 152 -27.59 -16.16 6.03
C LEU F 152 -28.11 -16.97 7.21
N GLY F 153 -28.29 -18.27 7.02
CA GLY F 153 -28.77 -19.11 8.11
C GLY F 153 -27.74 -19.24 9.23
N LEU F 154 -26.47 -19.40 8.88
CA LEU F 154 -25.42 -19.45 9.89
C LEU F 154 -25.27 -18.11 10.58
N GLN F 155 -25.44 -17.01 9.85
CA GLN F 155 -25.29 -15.69 10.44
C GLN F 155 -26.35 -15.44 11.52
N TYR F 156 -27.61 -15.79 11.22
CA TYR F 156 -28.65 -15.67 12.23
C TYR F 156 -28.44 -16.66 13.37
N HIS F 157 -27.86 -17.83 13.07
CA HIS F 157 -27.69 -18.87 14.06
C HIS F 157 -26.56 -18.55 15.03
N LEU F 158 -25.48 -17.95 14.52
CA LEU F 158 -24.32 -17.66 15.38
C LEU F 158 -24.51 -16.38 16.18
N TYR F 159 -24.92 -15.30 15.51
CA TYR F 159 -24.92 -13.96 16.10
C TYR F 159 -26.31 -13.42 16.40
N GLY F 160 -27.27 -13.61 15.50
CA GLY F 160 -28.60 -13.09 15.69
C GLY F 160 -28.80 -11.73 15.04
N PHE F 161 -29.60 -10.88 15.67
CA PHE F 161 -29.83 -9.51 15.20
C PHE F 161 -29.40 -8.45 16.21
N GLN F 162 -28.79 -8.82 17.34
CA GLN F 162 -28.36 -7.83 18.31
C GLN F 162 -27.20 -8.37 19.15
N MET F 163 -26.29 -7.47 19.50
CA MET F 163 -25.15 -7.78 20.34
C MET F 163 -25.44 -7.28 21.75
N PRO F 164 -25.38 -8.10 22.80
CA PRO F 164 -25.80 -7.62 24.11
C PRO F 164 -24.74 -6.75 24.78
N SER F 165 -25.13 -6.21 25.93
CA SER F 165 -24.26 -5.38 26.75
C SER F 165 -23.64 -6.14 27.92
N SER F 166 -24.20 -7.28 28.31
CA SER F 166 -23.67 -8.10 29.38
C SER F 166 -23.70 -9.56 28.95
N PHE F 167 -23.03 -10.40 29.73
CA PHE F 167 -22.93 -11.81 29.42
C PHE F 167 -22.57 -12.56 30.71
N ALA F 168 -23.37 -13.57 31.03
CA ALA F 168 -23.14 -14.41 32.20
C ALA F 168 -22.42 -15.69 31.79
N CYS F 169 -21.43 -16.08 32.57
CA CYS F 169 -20.51 -17.16 32.22
C CYS F 169 -20.32 -18.06 33.42
N ARG F 170 -20.72 -19.32 33.28
CA ARG F 170 -20.48 -20.36 34.27
C ARG F 170 -19.66 -21.45 33.58
N ARG F 171 -18.34 -21.32 33.65
CA ARG F 171 -17.41 -22.18 32.94
C ARG F 171 -16.17 -22.34 33.79
N GLU F 172 -15.54 -23.51 33.69
CA GLU F 172 -14.31 -23.71 34.41
C GLU F 172 -13.15 -23.01 33.68
N PRO F 173 -12.15 -22.50 34.40
CA PRO F 173 -11.87 -22.51 35.84
C PRO F 173 -12.40 -21.29 36.60
N CYS F 174 -13.60 -20.82 36.26
CA CYS F 174 -14.22 -19.72 36.98
C CYS F 174 -15.02 -20.28 38.15
N LEU F 175 -14.83 -19.68 39.33
CA LEU F 175 -15.54 -20.12 40.54
C LEU F 175 -16.82 -19.31 40.67
N GLY F 176 -17.95 -19.99 40.54
CA GLY F 176 -19.25 -19.35 40.62
C GLY F 176 -19.71 -18.80 39.28
N SER F 177 -20.48 -17.72 39.30
CA SER F 177 -20.92 -17.03 38.10
C SER F 177 -20.40 -15.60 38.13
N ILE F 178 -19.81 -15.18 37.01
CA ILE F 178 -19.22 -13.85 36.88
C ILE F 178 -19.99 -13.06 35.85
N THR F 179 -19.79 -11.74 35.89
CA THR F 179 -20.41 -10.80 34.96
C THR F 179 -19.33 -10.17 34.10
N CYS F 180 -19.61 -10.06 32.80
CA CYS F 180 -18.69 -9.50 31.84
C CYS F 180 -19.43 -8.47 30.99
N ASN F 181 -18.76 -7.34 30.72
CA ASN F 181 -19.37 -6.20 30.05
C ASN F 181 -18.70 -5.96 28.70
N LEU F 182 -19.48 -5.48 27.75
CA LEU F 182 -19.05 -5.21 26.40
C LEU F 182 -19.06 -3.71 26.12
N SER F 183 -18.32 -3.31 25.09
CA SER F 183 -18.23 -1.93 24.65
C SER F 183 -18.78 -1.78 23.24
N ARG F 184 -19.43 -0.65 22.99
CA ARG F 184 -20.04 -0.33 21.71
C ARG F 184 -21.00 -1.42 21.21
N PRO F 185 -22.07 -1.71 21.95
CA PRO F 185 -23.07 -2.66 21.43
C PRO F 185 -24.03 -2.07 20.42
N SER F 186 -24.14 -0.73 20.34
CA SER F 186 -25.08 -0.11 19.42
C SER F 186 -24.49 0.01 18.01
N GLU F 187 -23.20 0.29 17.91
CA GLU F 187 -22.57 0.38 16.59
C GLU F 187 -22.39 -0.99 15.96
N LYS F 188 -22.20 -2.02 16.78
CA LYS F 188 -22.05 -3.38 16.26
C LYS F 188 -23.38 -3.94 15.79
N THR F 189 -24.47 -3.60 16.48
CA THR F 189 -25.79 -4.01 16.05
C THR F 189 -26.19 -3.37 14.72
N ILE F 190 -25.75 -2.13 14.47
CA ILE F 190 -26.12 -1.45 13.24
C ILE F 190 -25.36 -2.03 12.05
N PHE F 191 -24.09 -2.38 12.24
CA PHE F 191 -23.30 -2.94 11.15
C PHE F 191 -23.75 -4.36 10.82
N LEU F 192 -24.20 -5.10 11.82
CA LEU F 192 -24.68 -6.46 11.62
C LEU F 192 -25.93 -6.47 10.74
N LYS F 193 -26.91 -5.62 11.06
CA LYS F 193 -28.14 -5.57 10.28
C LYS F 193 -27.91 -5.04 8.87
N THR F 194 -26.96 -4.12 8.70
CA THR F 194 -26.67 -3.58 7.38
C THR F 194 -26.14 -4.66 6.45
N MET F 195 -25.36 -5.60 6.96
CA MET F 195 -24.82 -6.66 6.13
C MET F 195 -25.90 -7.67 5.77
N PHE F 196 -26.75 -8.03 6.73
CA PHE F 196 -27.86 -8.94 6.47
C PHE F 196 -28.75 -8.43 5.34
N GLY F 197 -28.90 -7.12 5.21
CA GLY F 197 -29.75 -6.54 4.18
C GLY F 197 -29.12 -6.55 2.81
N VAL F 198 -27.83 -6.26 2.72
CA VAL F 198 -27.14 -6.28 1.44
C VAL F 198 -27.09 -7.69 0.89
N SER F 199 -26.84 -8.67 1.75
CA SER F 199 -26.83 -10.06 1.31
C SER F 199 -28.23 -10.53 0.91
N GLY F 200 -29.26 -10.03 1.58
CA GLY F 200 -30.62 -10.38 1.20
C GLY F 200 -30.99 -9.93 -0.19
N PHE F 201 -30.54 -8.72 -0.57
CA PHE F 201 -30.83 -8.23 -1.92
C PHE F 201 -30.01 -8.97 -2.97
N CYS F 202 -28.80 -9.41 -2.62
CA CYS F 202 -28.02 -10.23 -3.54
C CYS F 202 -28.71 -11.57 -3.78
N LEU F 203 -29.34 -12.12 -2.75
CA LEU F 203 -30.07 -13.37 -2.90
C LEU F 203 -31.33 -13.18 -3.74
N LEU F 204 -32.03 -12.07 -3.54
CA LEU F 204 -33.28 -11.81 -4.24
C LEU F 204 -33.06 -11.66 -5.75
N PHE F 205 -32.08 -10.84 -6.14
CA PHE F 205 -31.85 -10.59 -7.55
C PHE F 205 -31.16 -11.75 -8.26
N THR F 206 -30.55 -12.67 -7.50
CA THR F 206 -30.04 -13.90 -8.11
C THR F 206 -31.19 -14.86 -8.41
N PHE F 207 -32.15 -14.98 -7.50
CA PHE F 207 -33.34 -15.79 -7.76
C PHE F 207 -34.20 -15.19 -8.86
N LEU F 208 -34.19 -13.87 -9.00
CA LEU F 208 -35.03 -13.21 -10.01
C LEU F 208 -34.46 -13.42 -11.41
N GLU F 209 -33.14 -13.43 -11.55
CA GLU F 209 -32.53 -13.60 -12.86
C GLU F 209 -32.72 -15.00 -13.41
N LEU F 210 -33.01 -15.99 -12.55
CA LEU F 210 -33.35 -17.33 -13.03
C LEU F 210 -34.78 -17.38 -13.56
N VAL F 211 -35.71 -16.73 -12.86
CA VAL F 211 -37.11 -16.71 -13.30
C VAL F 211 -37.23 -16.10 -14.69
N LEU F 212 -36.57 -14.97 -14.92
CA LEU F 212 -36.64 -14.30 -16.21
C LEU F 212 -35.98 -15.11 -17.33
N LEU F 213 -35.18 -16.11 -16.99
CA LEU F 213 -34.64 -17.02 -18.00
C LEU F 213 -35.60 -18.16 -18.34
N GLY F 214 -36.53 -18.48 -17.45
CA GLY F 214 -37.53 -19.49 -17.70
C GLY F 214 -37.59 -20.60 -16.67
N LEU F 215 -37.17 -20.31 -15.44
CA LEU F 215 -37.25 -21.32 -14.38
C LEU F 215 -38.68 -21.77 -14.13
N GLY F 216 -39.65 -20.87 -14.32
CA GLY F 216 -41.04 -21.23 -14.10
C GLY F 216 -41.50 -22.35 -15.04
N ARG F 217 -41.14 -22.24 -16.32
CA ARG F 217 -41.54 -23.28 -17.26
C ARG F 217 -40.82 -24.59 -16.97
N TRP F 218 -39.57 -24.53 -16.52
CA TRP F 218 -38.86 -25.75 -16.15
C TRP F 218 -39.39 -26.33 -14.84
N TRP F 219 -39.86 -25.47 -13.93
CA TRP F 219 -40.35 -25.94 -12.64
C TRP F 219 -41.54 -26.88 -12.80
N ARG F 220 -42.55 -26.44 -13.55
CA ARG F 220 -43.79 -27.20 -13.65
C ARG F 220 -43.55 -28.57 -14.29
N THR F 221 -42.83 -28.62 -15.40
CA THR F 221 -42.56 -29.87 -16.13
C THR F 221 -41.06 -30.03 -16.31
C1 LMN G . -31.71 8.28 18.27
O1 LMN G . -30.61 7.36 18.06
C2 LMN G . -31.44 9.73 17.86
O2 LMN G . -32.61 10.48 17.96
C3 LMN G . -30.32 10.33 18.74
O3 LMN G . -29.10 9.78 18.37
C4 LMN G . -30.55 10.07 20.21
O4 LMN G . -30.61 11.35 20.88
C5 LMN G . -31.83 9.34 20.49
O5 LMN G . -32.01 8.20 19.64
C6 LMN G . -31.81 8.89 21.94
O6 LMN G . -32.98 8.19 22.24
CAA LMN G . -22.82 1.99 7.94
CAB LMN G . -34.31 12.76 7.76
OAI LMN G . -28.96 11.24 26.41
OAJ LMN G . -30.85 2.14 24.52
OAL LMN G . -29.47 -0.11 16.47
OAN LMN G . -30.52 2.73 21.64
OAP LMN G . -29.81 4.45 19.70
OAQ LMN G . -27.32 13.05 24.83
OAR LMN G . -28.01 -0.75 24.45
OAS LMN G . -27.06 13.76 21.85
OAT LMN G . -28.22 -3.00 22.67
OAU LMN G . -30.55 13.66 22.36
OAV LMN G . -29.46 -2.39 20.23
CAW LMN G . -24.13 2.11 8.71
CAX LMN G . -34.68 13.14 9.21
CAY LMN G . -24.75 3.47 8.49
CAZ LMN G . -34.34 11.97 10.17
CBA LMN G . -26.26 3.44 8.88
CBB LMN G . -35.54 11.65 11.08
CBC LMN G . -26.70 4.79 9.53
CBD LMN G . -35.10 10.78 12.30
CBE LMN G . -28.08 4.65 10.22
CBF LMN G . -34.77 9.31 11.86
CBG LMN G . -28.01 5.19 11.69
CBH LMN G . -34.42 8.44 13.15
CBI LMN G . -29.43 5.56 12.24
CBJ LMN G . -33.20 7.48 12.84
CBK LMN G . -29.74 4.86 13.63
CBL LMN G . -32.75 6.74 14.18
CBM LMN G . -28.76 10.66 25.14
CBN LMN G . -30.52 0.78 24.64
CBP LMN G . -29.21 0.07 17.84
CBQ LMN G . -29.30 5.76 14.83
CBR LMN G . -31.40 7.36 14.73
CBS LMN G . -29.83 7.31 16.81
CBT LMN G . -31.33 5.22 16.39
OBV LMN G . -30.40 4.51 17.28
OBX LMN G . -30.16 2.26 17.57
OBY LMN G . -29.61 11.00 22.92
OBZ LMN G . -30.82 0.16 22.36
OCB LMN G . -29.33 0.39 20.62
CCC LMN G . -29.11 11.68 24.04
CCD LMN G . -29.84 0.29 23.35
CCF LMN G . -30.16 1.10 18.40
CCH LMN G . -30.82 2.37 20.34
CCJ LMN G . -30.94 3.34 17.97
CCL LMN G . -30.92 3.65 19.45
CCM LMN G . -30.51 6.39 15.67
CCN LMN G . -27.85 12.45 23.67
CCO LMN G . -29.15 -1.02 23.66
CCQ LMN G . -29.70 1.53 19.78
CCR LMN G . -29.48 11.64 21.65
CCS LMN G . -30.39 -0.38 21.15
CCT LMN G . -28.17 13.55 22.66
CCU LMN G . -28.69 -1.71 22.38
CCV LMN G . -29.37 13.16 21.79
CCW LMN G . -29.87 -1.80 21.41
H1 LMN G . -32.47 7.96 17.77
H4 LMN G . -29.82 9.53 20.55
H5 LMN G . -32.58 9.96 20.37
H2 LMN G . -31.16 9.76 16.92
HO2 LMN G . -33.26 10.04 17.64
H3 LMN G . -30.28 11.29 18.59
HO3 LMN G . -28.47 10.32 18.57
H6 LMN G . -31.05 8.31 22.10
H6A LMN G . -31.75 9.67 22.52
HBP LMN G . -29.33 -0.77 18.30
HBPA LMN G . -28.30 0.37 17.96
HBQ LMN G . -28.76 5.23 15.43
HBQA LMN G . -28.74 6.48 14.49
HBR LMN G . -30.84 7.63 13.99
HBRA LMN G . -31.62 8.15 15.24
HBS LMN G . -28.97 6.92 17.02
HBSA LMN G . -29.66 8.19 16.45
HBT LMN G . -31.70 4.61 15.73
HBTA LMN G . -32.05 5.61 16.91
HOAI LMN G . -28.62 10.75 27.00
HOAJ LMN G . -31.24 2.40 25.23
HO6 LMN G . -32.94 7.90 23.05
HOAL LMN G . -30.16 -0.61 16.38
HOAN LMN G . -31.01 3.40 21.87
HOAP LMN G . -29.20 4.26 19.15
HOAQ LMN G . -26.81 13.68 24.62
HOAR LMN G . -27.38 -1.28 24.23
HOAS LMN G . -26.78 13.02 21.53
HOAT LMN G . -27.77 -3.29 22.02
HOAU LMN G . -30.61 14.50 22.20
HOAV LMN G . -29.46 -3.25 20.32
HAX LMN G . -35.63 13.32 9.26
HAXA LMN G . -34.19 13.93 9.47
HAY LMN G . -24.28 4.13 9.04
HAYA LMN G . -24.65 3.73 7.56
HAZ LMN G . -34.11 11.18 9.65
HAZA LMN G . -33.58 12.23 10.72
HAA LMN G . -22.19 2.65 8.27
HAAA LMN G . -22.44 1.11 8.06
HAAB LMN G . -22.98 2.16 7.00
HAB LMN G . -34.40 13.54 7.18
HABA LMN G . -33.39 12.45 7.74
HABB LMN G . -34.89 12.05 7.45
HAW LMN G . -24.74 1.41 8.40
HAWA LMN G . -23.95 1.96 9.66
HBN LMN G . -29.92 0.66 25.39
HBNA LMN G . -31.33 0.26 24.79
HBA LMN G . -26.79 3.29 8.07
HBAA LMN G . -26.42 2.72 9.50
HBB LMN G . -35.92 12.48 11.41
HBBA LMN G . -36.22 11.17 10.56
HBC LMN G . -26.76 5.46 8.84
HBCA LMN G . -26.04 5.05 10.19
HBD LMN G . -35.82 10.76 12.95
HBDA LMN G . -34.32 11.18 12.71
HBE LMN G . -28.74 5.17 9.72
HBEA LMN G . -28.36 3.73 10.23
HBF LMN G . -35.53 8.93 11.40
HBFA LMN G . -34.00 9.32 11.26
HBG LMN G . -27.60 4.53 12.26
HBGA LMN G . -27.47 6.00 11.71
HBH LMN G . -35.20 7.91 13.39
HBHA LMN G . -34.19 9.04 13.88
HBI LMN G . -29.50 6.52 12.33
HBIA LMN G . -30.09 5.26 11.59
HBJ LMN G . -33.48 6.81 12.19
HBJA LMN G . -32.47 7.99 12.47
HBK LMN G . -30.68 4.68 13.69
HBKA LMN G . -29.27 4.01 13.69
HBL LMN G . -32.63 5.80 13.98
HBLA LMN G . -33.43 6.84 14.84
HBM LMN G . -29.33 9.88 25.04
HBMA LMN G . -27.83 10.39 25.05
HCC LMN G . -29.77 12.29 24.38
HCD LMN G . -29.19 0.95 23.07
HCF LMN G . -31.06 0.72 18.44
HCH LMN G . -31.66 1.90 20.32
HCJ LMN G . -31.86 3.18 17.68
HCL LMN G . -31.73 4.13 19.68
HCQ LMN G . -28.93 2.09 19.66
HCR LMN G . -28.66 11.33 21.22
HCS LMN G . -31.13 -0.42 20.52
HCN LMN G . -27.20 11.84 23.29
HCO LMN G . -29.75 -1.60 24.14
HCT LMN G . -28.39 14.36 23.14
HCU LMN G . -27.97 -1.20 21.97
HCV LMN G . -29.25 13.55 20.90
HCW LMN G . -30.59 -2.32 21.82
C1 LMN H . -8.46 32.53 16.77
O1 LMN H . -8.72 31.10 16.62
C2 LMN H . -7.07 33.00 16.31
O2 LMN H . -7.01 34.39 16.33
C3 LMN H . -5.98 32.37 17.21
O3 LMN H . -5.86 31.02 16.91
C4 LMN H . -6.31 32.51 18.69
O4 LMN H . -5.22 33.23 19.31
C5 LMN H . -7.57 33.28 18.94
O5 LMN H . -8.66 32.83 18.13
C6 LMN H . -7.94 33.11 20.41
O6 LMN H . -9.12 33.78 20.68
CAA LMN H . -9.59 21.18 7.01
CAB LMN H . -5.99 36.48 6.01
OAI LMN H . -4.44 32.04 24.88
OAJ LMN H . -13.28 29.06 23.25
OAL LMN H . -14.63 26.32 15.35
OAN LMN H . -12.63 28.91 20.37
OAP LMN H . -10.81 29.06 18.40
OAQ LMN H . -2.08 31.44 23.32
OAR LMN H . -14.37 25.14 23.39
OAS LMN H . -1.35 31.41 20.32
OAT LMN H . -16.45 24.12 21.68
OAU LMN H . -3.17 34.41 20.70
OAV LMN H . -16.57 25.38 19.17
CAW LMN H . -10.14 22.41 7.73
CAX LMN H . -5.84 37.06 7.43
CAY LMN H . -9.26 23.62 7.44
CAZ LMN H . -6.66 36.23 8.44
CBA LMN H . -10.04 24.94 7.75
CBB LMN H . -7.53 37.17 9.31
CBC LMN H . -9.08 26.01 8.34
CBD LMN H . -8.05 36.41 10.59
CBE LMN H . -9.89 27.18 8.99
CBF LMN H . -9.16 35.37 10.21
CBG LMN H . -9.36 27.46 10.45
CBH LMN H . -9.73 34.70 11.53
CBI LMN H . -9.75 28.90 10.92
CBJ LMN H . -9.96 33.15 11.31
CBK LMN H . -10.49 28.89 12.33
CBL LMN H . -10.35 32.45 12.69
CBM LMN H . -4.85 31.51 23.65
CBN LMN H . -14.30 28.10 23.44
CBP LMN H . -14.33 26.26 16.71
CBQ LMN H . -9.48 29.02 13.51
CBR LMN H . -9.14 31.63 13.27
CBS LMN H . -8.37 30.35 15.41
CBT LMN H . -10.94 30.60 15.01
OBV LMN H . -11.09 29.48 15.95
OBX LMN H . -12.91 28.15 16.34
OBY LMN H . -5.01 32.31 21.39
OBZ LMN H . -15.02 27.92 21.16
OCB LMN H . -14.09 26.66 19.46
CCC LMN H . -4.15 32.26 22.50
CCD LMN H . -14.39 27.19 22.19
CCF LMN H . -13.91 27.62 17.20
CCH LMN H . -13.11 28.92 19.07
CCJ LMN H . -12.36 29.39 16.65
CCL LMN H . -12.07 29.60 18.13
CCM LMN H . -9.53 30.43 14.27
CCN LMN H . -2.86 31.54 22.16
CCO LMN H . -15.18 25.95 22.57
CCQ LMN H . -13.30 27.51 18.58
CCR LMN H . -4.39 32.44 20.11
CCS LMN H . -15.28 27.22 19.98
CCT LMN H . -2.09 32.32 21.10
CCU LMN H . -15.57 25.15 21.33
CCV LMN H . -3.02 33.11 20.19
CCW LMN H . -16.25 26.09 20.31
H1 LMN H . -9.12 33.01 16.26
H4 LMN H . -6.41 31.62 19.07
H5 LMN H . -7.41 34.22 18.77
H2 LMN H . -6.93 32.73 15.39
HO2 LMN H . -7.71 34.71 16.00
H3 LMN H . -5.13 32.82 17.04
HO3 LMN H . -5.09 30.75 17.14
H6 LMN H . -8.05 32.16 20.61
H6A LMN H . -7.23 33.48 20.96
HBP LMN H . -15.12 25.97 17.20
HBPA LMN H . -13.62 25.63 16.86
HBQ LMN H . -9.67 28.32 14.15
HBQA LMN H . -8.58 28.89 13.16
HBR LMN H . -8.64 31.24 12.54
HBRA LMN H . -8.57 32.24 13.75
HBS LMN H . -8.29 29.42 15.67
HBSA LMN H . -7.53 30.62 15.02
HBT LMN H . -11.67 30.57 14.36
HBTA LMN H . -10.96 31.44 15.48
HOAI LMN H . -4.67 31.52 25.51
HOAJ LMN H . -13.23 29.54 23.94
HO6 LMN H . -9.34 33.67 21.49
HOAL LMN H . -15.41 26.64 15.24
HOAN LMN H . -12.31 29.68 20.56
HOAP LMN H . -10.68 28.39 17.89
HOAQ LMN H . -1.27 31.29 23.10
HOAR LMN H . -14.54 24.32 23.23
HOAS LMN H . -1.87 30.79 20.04
HOAT LMN H . -16.48 23.55 21.06
HOAU LMN H . -2.49 34.86 20.50
HOAV LMN H . -17.30 24.95 19.30
HAX LMN H . -6.15 37.98 7.44
HAXA LMN H . -4.90 37.05 7.68
HAY LMN H . -8.45 23.57 7.98
HAYA LMN H . -9.01 23.61 6.50
HAZ LMN H . -7.24 35.61 7.96
HAZA LMN H . -6.06 35.73 9.01
HAA LMN H . -8.70 20.99 7.34
HAAA LMN H . -10.17 20.42 7.17
HAAB LMN H . -9.54 21.36 6.05
HAB LMN H . -5.38 36.91 5.42
HABA LMN H . -5.82 35.53 6.04
HABB LMN H . -6.90 36.63 5.70
HAW LMN H . -11.04 22.58 7.42
HAWA LMN H . -10.15 22.24 8.68
HBN LMN H . -14.10 27.55 24.20
HBNA LMN H . -15.15 28.54 23.56
HBA LMN H . -10.44 25.27 6.94
HBAA LMN H . -10.74 24.74 8.39
HBB LMN H . -7.00 37.93 9.59
HBBA LMN H . -8.28 37.48 8.79
HBC LMN H . -8.53 26.36 7.63
HBCA LMN H . -8.52 25.61 9.01
HBD LMN H . -8.43 37.06 11.21
HBDA LMN H . -7.32 35.95 11.01
HBE LMN H . -9.76 27.97 8.45
HBEA LMN H . -10.83 26.95 9.02
HBF LMN H . -9.88 35.81 9.73
HBFA LMN H . -8.78 34.68 9.64
HBG LMN H . -9.72 26.80 11.05
HBGA LMN H . -8.40 27.39 10.45
HBH LMN H . -10.56 35.12 11.77
HBHA LMN H . -9.09 34.83 12.25
HBI LMN H . -8.95 29.44 10.97
HBIA LMN H . -10.34 29.29 10.26
HBJ LMN H . -10.68 33.03 10.67
HBJA LMN H . -9.15 32.76 10.95
HBK LMN H . -11.12 29.62 12.36
HBKA LMN H . -10.99 28.06 12.43
HBL LMN H . -11.12 31.87 12.53
HBLA LMN H . -10.60 33.14 13.33
HBM LMN H . -5.81 31.62 23.57
HBMA LMN H . -4.62 30.57 23.60
HCC LMN H . -3.95 33.17 22.80
HCD LMN H . -13.50 26.93 21.91
HCF LMN H . -14.67 28.21 17.21
HCH LMN H . -13.94 29.42 19.03
HCJ LMN H . -12.96 30.10 16.35
HCL LMN H . -12.05 30.55 18.32
HCQ LMN H . -12.42 27.11 18.47
HCR LMN H . -4.27 31.57 19.72
HCS LMN H . -15.69 27.82 19.34
HCN LMN H . -3.08 30.66 21.82
HCO LMN H . -15.97 26.21 23.04
HCT LMN H . -1.48 32.93 21.54
HCU LMN H . -14.77 24.77 20.93
HCV LMN H . -2.64 33.16 19.30
HCW LMN H . -17.05 26.45 20.71
C1 LMN I . 24.09 24.41 15.35
O1 LMN I . 22.73 23.91 15.26
C2 LMN I . 25.18 23.43 14.92
O2 LMN I . 26.42 24.05 14.90
C3 LMN I . 25.20 22.21 15.88
O3 LMN I . 24.09 21.42 15.64
C4 LMN I . 25.18 22.63 17.35
O4 LMN I . 26.35 22.08 17.97
C5 LMN I . 25.21 24.12 17.53
O5 LMN I . 24.27 24.80 16.69
C6 LMN I . 24.89 24.42 18.99
O6 LMN I . 24.90 25.80 19.19
CAA LMN I . 13.58 19.24 5.95
CAB LMN I . 28.61 23.73 4.56
OAI LMN I . 25.79 21.07 23.62
OAJ LMN I . 18.74 27.15 21.77
OAL LMN I . 15.61 26.58 13.93
OAN LMN I . 18.92 26.38 18.93
OAP LMN I . 19.92 24.79 17.02
OAQ LMN I . 26.42 18.65 22.16
OAR LMN I . 14.82 26.14 22.01
OAS LMN I . 26.73 17.88 19.19
OAT LMN I . 12.88 27.35 20.27
OAU LMN I . 28.42 20.96 19.41
OAV LMN I . 13.86 27.96 17.72
CAW LMN I . 14.38 20.37 6.61
CAX LMN I . 29.22 23.96 5.96
CAY LMN I . 15.87 20.20 6.31
CAZ LMN I . 28.09 24.30 6.97
CBA LMN I . 16.61 21.54 6.55
CBB LMN I . 28.48 25.56 7.78
CBC LMN I . 18.04 21.28 7.14
CBD LMN I . 27.58 25.70 9.06
CBE LMN I . 18.65 22.59 7.71
CBF LMN I . 26.12 26.12 8.68
CBG LMN I . 19.18 22.35 9.18
CBH LMN I . 25.27 26.34 10.00
CBI LMN I . 20.23 23.43 9.59
CBJ LMN I . 23.81 25.76 9.83
CBK LMN I . 19.86 24.14 10.98
CBL LMN I . 23.02 25.81 11.21
CBM LMN I . 25.10 21.10 22.39
CBN LMN I . 17.41 27.55 21.95
CBP LMN I . 15.72 26.35 15.30
CBQ LMN I . 20.50 23.38 12.18
CBR LMN I . 22.93 24.38 11.87
CBS LMN I . 22.23 23.18 14.07
CBT LMN I . 21.15 25.51 13.57
OBV LMN I . 20.12 25.11 14.55
OBX LMN I . 18.07 26.04 14.92
OBY LMN I . 25.69 21.53 20.09
OBZ LMN I . 16.88 27.99 19.67
OCB LMN I . 16.23 26.47 18.05
CCC LMN I . 26.08 20.82 21.25
CCD LMN I . 16.57 27.13 20.74
CCF LMN I . 17.12 26.69 15.76
CCH LMN I . 18.66 26.73 17.61
CCJ LMN I . 19.42 26.21 15.21
CCL LMN I . 19.77 26.13 16.69
CCM LMN I . 21.71 24.16 12.90
CCN LMN I . 26.10 19.34 20.97
CCO LMN I . 15.11 27.20 21.13
CCQ LMN I . 17.35 26.17 17.16
CCR LMN I . 26.09 21.01 18.83
CCS LMN I . 16.12 27.80 18.50
CCT LMN I . 27.15 19.00 19.91
CCU LMN I . 14.21 27.09 19.91
CCV LMN I . 27.35 20.17 18.95
CCW LMN I . 14.65 28.10 18.84
H1 LMN I . 24.17 25.20 14.80
H4 LMN I . 24.36 22.29 17.75
H5 LMN I . 26.11 24.44 17.34
H2 LMN I . 25.01 23.11 14.03
HO2 LMN I . 26.34 24.83 14.55
H3 LMN I . 26.01 21.70 15.72
HO3 LMN I . 24.25 20.62 15.89
H6 LMN I . 24.03 24.05 19.22
H6A LMN I . 25.57 24.02 19.55
HBP LMN I . 15.08 26.91 15.77
HBPA LMN I . 15.53 25.43 15.49
HBQ LMN I . 19.81 23.23 12.83
HBQA LMN I . 20.83 22.52 11.87
HBR LMN I . 22.83 23.72 11.17
HBRA LMN I . 23.75 24.21 12.34
HBS LMN I . 21.47 22.65 14.36
HBSA LMN I . 22.88 22.56 13.71
HBT LMN I . 20.75 26.08 12.90
HBTA LMN I . 21.87 25.96 14.02
HOAI LMN I . 25.22 21.06 24.26
HOAJ LMN I . 19.21 27.40 22.44
HO6 LMN I . 24.69 25.96 20.01
HOAL LMN I . 15.51 27.41 13.78
HOAN LMN I . 19.74 26.50 19.10
HOAP LMN I . 19.41 24.31 16.52
HOAQ LMN I . 26.70 17.87 21.97
HOAR LMN I . 14.03 25.85 21.86
HOAS LMN I . 25.93 17.99 18.91
HOAT LMN I . 12.35 27.08 19.66
HOAU LMN I . 29.16 20.58 19.22
HOAV LMN I . 13.14 28.38 17.84
HAX LMN I . 29.85 24.69 5.92
HAXA LMN I . 29.67 23.15 6.25
HAY LMN I . 16.22 19.51 6.88
HAYA LMN I . 15.98 19.93 5.39
HAZ LMN I . 27.27 24.47 6.49
HAZA LMN I . 27.97 23.55 7.58
HAA LMN I . 13.86 18.40 6.32
HAAA LMN I . 12.64 19.37 6.12
HAAB LMN I . 13.76 19.24 4.99
HAB LMN I . 29.29 23.37 3.97
HABA LMN I . 27.87 23.11 4.63
HABB LMN I . 28.29 24.58 4.20
HAW LMN I . 14.08 21.22 6.26
HAWA LMN I . 14.24 20.34 7.57
HBN LMN I . 17.05 27.14 22.75
HBNA LMN I . 17.38 28.52 22.04
HBA LMN I . 16.70 22.02 5.72
HBAA LMN I . 16.11 22.07 7.18
HBB LMN I . 29.40 25.50 8.05
HBBA LMN I . 28.36 26.35 7.22
HBC LMN I . 18.61 20.95 6.44
HBCA LMN I . 17.98 20.63 7.84
HBD LMN I . 27.96 26.38 9.64
HBDA LMN I . 27.55 24.85 9.52
HBE LMN I . 19.39 22.86 7.15
HBEA LMN I . 17.99 23.30 7.72
HBF LMN I . 26.14 26.94 8.17
HBFA LMN I . 25.71 25.41 8.15
HBG LMN I . 18.42 22.36 9.79
HBGA LMN I . 19.60 21.48 9.22
HBH LMN I . 25.21 27.28 10.19
HBHA LMN I . 25.71 25.89 10.74
HBI LMN I . 21.10 23.01 9.65
HBIA LMN I . 20.26 24.11 8.89
HBJ LMN I . 23.34 26.29 9.16
HBJA LMN I . 23.88 24.84 9.51
HBK LMN I . 20.19 25.05 10.95
HBKA LMN I . 18.91 24.16 11.09
HBL LMN I . 22.15 26.17 11.05
HBLA LMN I . 23.50 26.40 11.82
HBM LMN I . 24.71 21.98 22.26
HBMA LMN I . 24.40 20.43 22.38
HCC LMN I . 26.97 21.11 21.52
HCD LMN I . 16.79 26.22 20.50
HCF LMN I . 17.25 27.65 15.73
HCH LMN I . 18.69 27.70 17.52
HCJ LMN I . 19.72 27.05 14.86
HCL LMN I . 20.60 26.60 16.84
HCQ LMN I . 17.44 25.21 17.11
HCR LMN I . 25.39 20.45 18.48
HCS LMN I . 16.42 28.43 17.83
HCN LMN I . 25.23 19.06 20.66
HCO LMN I . 14.93 28.05 21.57
HCT LMN I . 28.00 18.80 20.35
HCU LMN I . 14.27 26.18 19.56
HCV LMN I . 27.58 19.81 18.07
HCW LMN I . 14.58 28.99 19.20
C1 LMN J . 33.33 -7.83 15.37
O1 LMN J . 32.21 -6.91 15.23
C2 LMN J . 33.02 -9.29 15.01
O2 LMN J . 34.20 -10.04 15.02
C3 LMN J . 31.99 -9.87 16.01
O3 LMN J . 30.74 -9.32 15.75
C4 LMN J . 32.36 -9.56 17.46
O4 LMN J . 32.47 -10.82 18.15
C5 LMN J . 33.67 -8.84 17.59
O5 LMN J . 33.76 -7.72 16.70
C6 LMN J . 33.78 -8.34 19.02
O6 LMN J . 34.97 -7.64 19.18
CAA LMN J . 23.47 -1.83 5.76
CAB LMN J . 34.91 -12.61 4.78
OAI LMN J . 31.38 -10.56 23.80
OAJ LMN J . 33.07 -1.52 21.49
OAL LMN J . 30.91 0.51 13.55
OAN LMN J . 32.45 -2.20 18.67
OAP LMN J . 31.57 -3.97 16.86
OAQ LMN J . 29.59 -12.40 22.44
OAR LMN J . 30.22 1.38 21.61
OAS LMN J . 29.05 -13.21 19.52
OAT LMN J . 30.27 3.57 19.76
OAU LMN J . 32.57 -13.09 19.69
OAV LMN J . 31.27 2.90 17.23
CAW LMN J . 24.86 -1.92 6.41
CAX LMN J . 35.42 -12.95 6.19
CAY LMN J . 25.46 -3.30 6.17
CAZ LMN J . 35.16 -11.75 7.15
CBA LMN J . 27.00 -3.25 6.40
CBB LMN J . 36.46 -11.41 7.93
CBC LMN J . 27.50 -4.58 7.04
CBD LMN J . 36.14 -10.51 9.17
CBE LMN J . 28.94 -4.42 7.59
CBF LMN J . 35.75 -9.05 8.72
CBG LMN J . 29.01 -4.93 9.09
CBH LMN J . 35.53 -8.14 10.00
CBI LMN J . 30.48 -5.27 9.49
CBJ LMN J . 34.29 -7.18 9.80
CBK LMN J . 30.92 -4.54 10.84
CBL LMN J . 33.96 -6.40 11.14
CBM LMN J . 31.06 -10.02 22.54
CBN LMN J . 32.74 -0.15 21.60
CBP LMN J . 30.78 0.36 14.93
CBQ LMN J . 30.59 -5.41 12.09
CBR LMN J . 32.68 -7.02 11.84
CBS LMN J . 31.31 -6.90 14.05
CBT LMN J . 32.77 -4.84 13.44
OBV LMN J . 31.93 -4.08 14.39
OBX LMN J . 31.71 -1.83 14.65
OBY LMN J . 31.69 -10.42 20.26
OBZ LMN J . 32.83 0.40 19.28
OCB LMN J . 31.17 0.12 17.69
CCC LMN J . 31.29 -11.07 21.44
CCD LMN J . 31.95 0.29 20.37
CCF LMN J . 31.79 -0.64 15.43
CCH LMN J . 32.62 -1.87 17.34
CCJ LMN J . 32.52 -2.90 15.00
CCL LMN J . 32.65 -3.16 16.48
CCM LMN J . 31.88 -6.01 12.83
CCN LMN J . 30.02 -11.84 21.22
CCO LMN J . 31.28 1.61 20.70
CCQ LMN J . 31.47 -1.03 16.86
CCR LMN J . 31.43 -11.09 19.03
CCS LMN J . 32.28 0.91 18.10
CCT LMN J . 30.24 -12.97 20.22
CCU LMN J . 30.70 2.28 19.46
CCV LMN J . 31.34 -12.61 19.22
CCW LMN J . 31.79 2.33 18.38
H1 LMN J . 34.05 -7.52 14.79
H4 LMN J . 31.67 -9.02 17.85
H5 LMN J . 34.39 -9.45 17.42
H2 LMN J . 32.66 -9.34 14.12
HO2 LMN J . 34.82 -9.61 14.64
H3 LMN J . 31.94 -10.84 15.90
HO3 LMN J . 30.14 -9.85 16.03
H6 LMN J . 33.03 -7.77 19.24
H6A LMN J . 33.78 -9.10 19.62
HBP LMN J . 30.95 1.22 15.36
HBPA LMN J . 29.89 0.07 15.15
HBQ LMN J . 30.12 -4.85 12.73
HBQA LMN J . 30.02 -6.14 11.83
HBR LMN J . 32.05 -7.30 11.16
HBRA LMN J . 32.96 -7.79 12.35
HBS LMN J . 30.48 -6.50 14.34
HBSA LMN J . 31.11 -7.79 13.74
HBT LMN J . 33.07 -4.23 12.74
HBTA LMN J . 33.54 -5.20 13.90
HOAI LMN J . 31.11 -10.05 24.42
HOAJ LMN J . 33.53 -1.76 22.16
HO6 LMN J . 35.02 -7.32 19.97
HOAL LMN J . 31.59 0.99 13.37
HOAN LMN J . 32.98 -2.84 18.88
HOAP LMN J . 30.91 -3.78 16.37
HOAQ LMN J . 29.07 -13.05 22.29
HOAR LMN J . 29.58 1.91 21.46
HOAS LMN J . 28.75 -12.48 19.21
HOAT LMN J . 29.78 3.86 19.13
HOAU LMN J . 32.62 -13.93 19.54
HOAV LMN J . 31.27 3.75 17.30
HAX LMN J . 36.37 -13.13 6.16
HAXA LMN J . 34.96 -13.72 6.52
HAY LMN J . 25.05 -3.93 6.78
HAYA LMN J . 25.27 -3.57 5.25
HAZ LMN J . 34.89 -10.98 6.63
HAZA LMN J . 34.46 -11.99 7.77
HAA LMN J . 22.89 -2.47 6.17
HAAA LMN J . 23.12 -0.94 5.88
HAAB LMN J . 23.55 -2.02 4.81
HAB LMN J . 34.96 -13.40 4.22
HABA LMN J . 34.00 -12.29 4.84
HABB LMN J . 35.46 -11.90 4.39
HAW LMN J . 25.44 -1.24 6.02
HAWA LMN J . 24.77 -1.76 7.36
HBN LMN J . 32.22 -0.01 22.40
HBNA LMN J . 33.57 0.36 21.66
HBA LMN J . 27.45 -3.12 5.54
HBAA LMN J . 27.20 -2.51 6.98
HBB LMN J . 36.87 -12.23 8.24
HBBA LMN J . 37.07 -10.95 7.34
HBC LMN J . 27.49 -5.29 6.37
HBCA LMN J . 26.90 -4.82 7.77
HBD LMN J . 36.92 -10.46 9.75
HBDA LMN J . 35.40 -10.89 9.66
HBE LMN J . 29.54 -4.96 7.05
HBEA LMN J . 29.22 -3.50 7.55
HBF LMN J . 36.47 -8.68 8.18
HBFA LMN J . 34.93 -9.07 8.20
HBG LMN J . 28.65 -4.24 9.67
HBGA LMN J . 28.47 -5.73 9.17
HBH LMN J . 36.32 -7.61 10.15
HBHA LMN J . 35.38 -8.71 10.78
HBI LMN J . 30.55 -6.24 9.60
HBIA LMN J . 31.07 -5.00 8.79
HBJ LMN J . 34.50 -6.54 9.10
HBJA LMN J . 33.53 -7.72 9.51
HBK LMN J . 31.87 -4.36 10.80
HBKA LMN J . 30.45 -3.70 10.92
HBL LMN J . 33.82 -5.47 10.93
HBLA LMN J . 34.71 -6.49 11.75
HBM LMN J . 31.61 -9.24 22.37
HBMA LMN J . 30.12 -9.75 22.53
HCC LMN J . 31.99 -11.67 21.74
HCD LMN J . 31.26 -0.36 20.17
HCF LMN J . 32.68 -0.28 15.38
HCH LMN J . 33.47 -1.40 17.22
HCJ LMN J . 33.41 -2.75 14.62
HCL LMN J . 33.47 -3.64 16.64
HCQ LMN J . 30.69 -1.61 16.84
HCR LMN J . 30.58 -10.80 18.67
HCS LMN J . 32.96 0.93 17.41
HCN LMN J . 29.33 -11.24 20.89
HCO LMN J . 31.92 2.20 21.11
HCT LMN J . 30.50 -13.77 20.70
HCU LMN J . 29.95 1.75 19.14
HCV LMN J . 31.14 -13.02 18.36
HCW LMN J . 32.53 2.87 18.70
C1 LMN K . 10.17 -31.97 16.79
O1 LMN K . 10.40 -30.55 16.58
C2 LMN K . 8.75 -32.46 16.48
O2 LMN K . 8.69 -33.84 16.56
C3 LMN K . 7.74 -31.81 17.47
O3 LMN K . 7.58 -30.47 17.14
C4 LMN K . 8.22 -31.91 18.91
O4 LMN K . 7.20 -32.61 19.65
C5 LMN K . 9.51 -32.66 19.06
O5 LMN K . 10.51 -32.23 18.13
C6 LMN K . 10.01 -32.45 20.48
O6 LMN K . 11.22 -33.11 20.66
CAA LMN K . 10.26 -20.91 6.64
CAB LMN K . 6.70 -36.24 6.45
OAI LMN K . 6.94 -31.26 25.25
OAJ LMN K . 15.57 -28.28 22.67
OAL LMN K . 16.13 -25.78 14.61
OAN LMN K . 14.64 -28.23 19.87
OAP LMN K . 12.65 -28.44 18.09
OAQ LMN K . 4.44 -30.70 23.90
OAR LMN K . 16.65 -24.36 22.60
OAS LMN K . 3.43 -30.78 20.99
OAT LMN K . 18.55 -23.39 20.67
OAU LMN K . 5.30 -33.75 21.27
OAV LMN K . 18.43 -24.71 18.19
CAW LMN K . 10.90 -22.12 7.35
CAX LMN K . 6.68 -36.79 7.89
CAY LMN K . 9.99 -23.35 7.18
CAZ LMN K . 7.60 -35.92 8.80
CBA LMN K . 10.81 -24.63 7.46
CBB LMN K . 8.55 -36.83 9.60
CBC LMN K . 9.94 -25.70 8.17
CBD LMN K . 9.19 -36.04 10.79
CBE LMN K . 10.79 -26.85 8.76
CBF LMN K . 10.25 -35.00 10.29
CBG LMN K . 10.42 -27.08 10.26
CBH LMN K . 10.94 -34.29 11.52
CBI LMN K . 10.86 -28.51 10.74
CBJ LMN K . 11.14 -32.74 11.23
CBK LMN K . 11.74 -28.45 12.07
CBL LMN K . 11.66 -32.00 12.55
CBM LMN K . 7.24 -30.76 23.96
CBN LMN K . 16.59 -27.31 22.73
CBP LMN K . 15.97 -25.67 15.98
CBQ LMN K . 10.84 -28.56 13.35
CBR LMN K . 10.50 -31.16 13.22
CBS LMN K . 9.94 -29.83 15.38
CBT LMN K . 12.45 -30.08 14.74
OBV LMN K . 12.69 -28.93 15.64
OBX LMN K . 14.53 -27.59 15.81
OBY LMN K . 7.18 -31.63 21.72
OBZ LMN K . 17.09 -27.21 20.40
OCB LMN K . 15.99 -26.00 18.76
CCC LMN K . 6.44 -31.55 22.92
CCD LMN K . 16.56 -26.46 21.45
CCF LMN K . 15.60 -27.03 16.55
CCH LMN K . 14.99 -28.28 18.53
CCJ LMN K . 14.02 -28.82 16.21
CCL LMN K . 13.88 -28.99 17.71
CCM LMN K . 10.98 -29.93 14.14
CCN LMN K . 5.12 -30.84 22.67
CCO LMN K . 17.37 -25.20 21.72
CCQ LMN K . 15.13 -26.88 17.97
CCR LMN K . 6.45 -31.79 20.51
CCS LMN K . 17.23 -26.54 19.18
CCT LMN K . 4.24 -31.65 21.71
CCU LMN K . 17.63 -24.43 20.43
CCV LMN K . 5.10 -32.47 20.75
CCW LMN K . 18.22 -25.39 19.38
H1 LMN K . 10.79 -32.46 16.23
H4 LMN K . 8.34 -31.01 19.25
H5 LMN K . 9.34 -33.60 18.94
H2 LMN K . 8.51 -32.21 15.58
HO2 LMN K . 9.38 -34.18 16.17
H3 LMN K . 6.89 -32.26 17.39
HO3 LMN K . 6.84 -30.19 17.43
H6 LMN K . 10.13 -31.49 20.64
H6A LMN K . 9.36 -32.79 21.11
HBP LMN K . 16.79 -25.37 16.39
HBPA LMN K . 15.26 -25.04 16.18
HBQ LMN K . 11.09 -27.83 13.95
HBQA LMN K . 9.91 -28.43 13.09
HBR LMN K . 9.94 -30.80 12.53
HBRA LMN K . 9.97 -31.77 13.77
HBS LMN K . 9.87 -28.89 15.62
HBSA LMN K . 9.06 -30.12 15.10
HBT LMN K . 13.12 -30.06 14.03
HBTA LMN K . 12.53 -30.90 15.24
HOAI LMN K . 7.25 -30.72 25.84
HOAJ LMN K . 15.60 -28.76 23.37
HO6 LMN K . 11.52 -32.96 21.44
HOAL LMN K . 16.89 -26.14 14.43
HOAN LMN K . 14.37 -28.99 20.11
HOAP LMN K . 12.47 -27.79 17.57
HOAQ LMN K . 3.61 -30.57 23.75
HOAR LMN K . 16.81 -23.54 22.41
HOAS LMN K . 3.90 -30.16 20.65
HOAT LMN K . 18.54 -22.86 20.00
HOAU LMN K . 4.61 -34.22 21.16
HOAV LMN K . 19.16 -24.27 18.24
HAX LMN K . 7.00 -37.71 7.89
HAXA LMN K . 5.78 -36.76 8.23
HAY LMN K . 9.25 -23.27 7.79
HAYA LMN K . 9.65 -23.36 6.26
HAZ LMN K . 8.11 -35.32 8.24
HAZA LMN K . 7.05 -35.41 9.41
HAA LMN K . 9.42 -20.70 7.06
HAAA LMN K . 10.86 -20.15 6.72
HAAB LMN K . 10.12 -21.12 5.71
HAB LMN K . 6.02 -36.71 5.92
HABA LMN K . 6.51 -35.29 6.47
HABB LMN K . 7.57 -36.39 6.06
HAW LMN K . 11.76 -22.30 6.95
HAWA LMN K . 11.00 -21.91 8.29
HBN LMN K . 16.47 -26.74 23.50
HBNA LMN K . 17.45 -27.76 22.79
HBA LMN K . 11.14 -25.00 6.62
HBAA LMN K . 11.57 -24.42 8.02
HBB LMN K . 8.06 -37.58 9.96
HBBA LMN K . 9.26 -37.16 9.02
HBC LMN K . 9.31 -26.08 7.52
HBCA LMN K . 9.43 -25.27 8.87
HBD LMN K . 9.63 -36.66 11.40
HBDA LMN K . 8.50 -35.57 11.28
HBE LMN K . 10.63 -27.66 8.26
HBEA LMN K . 11.73 -26.62 8.69
HBF LMN K . 10.93 -35.46 9.76
HBFA LMN K . 9.82 -34.33 9.74
HBG LMN K . 10.84 -26.41 10.82
HBGA LMN K . 9.46 -27.02 10.37
HBH LMN K . 11.80 -34.69 11.69
HBHA LMN K . 10.37 -34.40 12.30
HBI LMN K . 10.08 -29.05 10.89
HBIA LMN K . 11.40 -28.91 10.04
HBJ LMN K . 11.79 -32.64 10.53
HBJA LMN K . 10.30 -32.37 10.95
HBK LMN K . 12.36 -29.18 12.06
HBKA LMN K . 12.24 -27.63 12.11
HBL LMN K . 12.39 -31.43 12.30
HBLA LMN K . 11.98 -32.66 13.18
HBM LMN K . 8.19 -30.86 23.78
HBMA LMN K . 7.00 -29.83 23.92
HCC LMN K . 6.27 -32.45 23.25
HCD LMN K . 15.65 -26.21 21.25
HCF LMN K . 16.37 -27.62 16.51
HCH LMN K . 15.82 -28.77 18.42
HCJ LMN K . 14.59 -29.53 15.88
HCL LMN K . 13.88 -29.93 17.93
HCQ LMN K . 14.24 -26.49 17.95
HCR LMN K . 6.28 -30.93 20.10
HCS LMN K . 17.59 -27.15 18.51
HCN LMN K . 5.29 -29.97 22.30
HCO LMN K . 18.22 -25.44 22.12
HCT LMN K . 3.69 -32.25 22.23
HCU LMN K . 16.80 -24.06 20.10
HCV LMN K . 4.63 -32.55 19.90
HCW LMN K . 19.07 -25.75 19.71
C1 LMN L . -22.46 -23.94 18.22
O1 LMN L . -21.12 -23.44 17.98
C2 LMN L . -23.59 -22.97 17.87
O2 LMN L . -24.83 -23.60 18.00
C3 LMN L . -23.53 -21.73 18.80
O3 LMN L . -22.44 -20.94 18.41
C4 LMN L . -23.35 -22.10 20.26
O4 LMN L . -24.46 -21.54 20.98
C5 LMN L . -23.37 -23.59 20.48
O5 LMN L . -22.50 -24.29 19.58
C6 LMN L . -22.91 -23.85 21.91
O6 LMN L . -22.88 -25.23 22.15
CAA LMN L . -12.94 -19.02 7.70
CAB LMN L . -28.01 -23.57 7.91
OAI LMN L . -23.35 -20.38 26.52
OAJ LMN L . -16.50 -26.49 24.16
OAL LMN L . -14.14 -26.14 16.04
OAN LMN L . -16.95 -25.80 21.32
OAP LMN L . -18.15 -24.27 19.48
OAQ LMN L . -24.14 -18.00 25.06
OAR LMN L . -12.57 -25.48 23.99
OAS LMN L . -24.73 -17.30 22.12
OAT LMN L . -10.80 -26.73 22.10
OAU LMN L . -26.38 -20.38 22.57
OAV LMN L . -12.04 -27.41 19.68
CAW LMN L . -13.67 -20.14 8.47
CAX LMN L . -28.48 -23.76 9.37
CAY LMN L . -15.18 -19.97 8.31
CAZ LMN L . -27.26 -24.07 10.27
CBA LMN L . -15.89 -21.31 8.66
CBB LMN L . -27.56 -25.32 11.15
CBC LMN L . -17.24 -21.04 9.37
CBD LMN L . -26.54 -25.41 12.34
CBE LMN L . -17.80 -22.34 10.04
CBF LMN L . -25.12 -25.84 11.83
CBG LMN L . -18.18 -22.04 11.55
CBH LMN L . -24.15 -26.02 13.06
CBI LMN L . -19.18 -23.12 12.08
CBJ LMN L . -22.71 -25.43 12.74
CBK LMN L . -18.68 -23.78 13.44
CBL LMN L . -21.80 -25.46 14.03
CBM LMN L . -22.79 -20.44 25.22
CBN LMN L . -15.15 -26.89 24.23
CBP LMN L . -14.13 -25.87 17.41
CBQ LMN L . -19.21 -22.99 14.68
CBR LMN L . -21.64 -24.00 14.64
CBS LMN L . -20.73 -22.75 16.73
CBT LMN L . -19.70 -25.08 16.19
OBV LMN L . -18.58 -24.66 17.06
OBX LMN L . -16.50 -25.58 17.24
OBY LMN L . -23.59 -20.93 23.02
OBZ LMN L . -14.85 -27.39 21.90
OCB LMN L . -14.37 -25.91 20.19
CCC LMN L . -23.89 -20.20 24.18
CCD LMN L . -14.44 -26.50 22.92
CCF LMN L . -15.48 -26.20 18.01
CCH LMN L . -16.83 -26.19 20.00
CCJ LMN L . -17.82 -25.74 17.68
CCL LMN L . -18.02 -25.62 19.17
CCM LMN L . -20.32 -23.75 15.54
CCN LMN L . -23.94 -18.71 23.86
CCO LMN L . -12.94 -26.56 23.17
CCQ LMN L . -15.56 -25.64 19.41
CCR LMN L . -24.13 -20.45 21.78
CCS LMN L . -14.21 -27.23 20.67
CCT LMN L . -25.09 -18.40 22.90
CCU LMN L . -12.16 -26.47 21.86
CCV LMN L . -25.37 -19.61 21.99
CCW LMN L . -12.71 -27.51 20.88
H1 LMN L . -22.59 -24.75 17.70
H4 LMN L . -22.51 -21.75 20.58
H5 LMN L . -24.26 -23.92 20.39
H2 LMN L . -23.51 -22.68 16.96
HO2 LMN L . -24.78 -24.38 17.66
H3 LMN L . -24.34 -21.22 18.70
HO3 LMN L . -22.57 -20.15 18.70
H6 LMN L . -22.02 -23.49 22.05
H6A LMN L . -23.53 -23.44 22.53
HBP LMN L . -13.44 -26.42 17.83
HBPA LMN L . -13.93 -24.93 17.56
HBQ LMN L . -18.45 -22.82 15.26
HBQA LMN L . -19.56 -22.14 14.39
HBR LMN L . -21.62 -23.36 13.91
HBRA LMN L . -22.42 -23.82 15.18
HBS LMN L . -19.95 -22.21 16.93
HBSA LMN L . -21.42 -22.15 16.42
HBT LMN L . -19.37 -25.67 15.50
HBTA LMN L . -20.38 -25.53 16.72
HOAI LMN L . -22.73 -20.33 27.10
HOAJ LMN L . -16.89 -26.71 24.89
HO6 LMN L . -22.60 -25.37 22.95
HOAL LMN L . -14.03 -26.97 15.91
HOAN LMN L . -17.75 -25.93 21.58
HOAP LMN L . -17.68 -23.81 18.94
HOAQ LMN L . -24.43 -17.22 24.88
HOAR LMN L . -11.80 -25.21 23.77
HOAS LMN L . -23.97 -17.43 21.76
HOAT LMN L . -10.35 -26.49 21.43
HOAU LMN L . -27.14 -20.02 22.45
HOAV LMN L . -11.30 -27.84 19.73
HAX LMN L . -29.11 -24.49 9.41
HAXA LMN L . -28.90 -22.94 9.66
HAY LMN L . -15.48 -19.26 8.89
HAYA LMN L . -15.38 -19.73 7.39
HAZ LMN L . -26.48 -24.24 9.72
HAZA LMN L . -27.08 -23.31 10.84
HAA LMN L . -13.20 -18.16 8.07
HAAA LMN L . -11.99 -19.14 7.79
HAAB LMN L . -13.19 -19.06 6.77
HAB LMN L . -28.74 -23.22 7.38
HABA LMN L . -27.27 -22.95 7.88
HABB LMN L . -27.72 -24.43 7.55
HAW LMN L . -13.39 -20.99 8.12
HAWA LMN L . -13.42 -20.08 9.41
HBN LMN L . -14.72 -26.47 24.97
HBNA LMN L . -15.11 -27.86 24.34
HBA LMN L . -16.05 -21.81 7.85
HBAA LMN L . -15.32 -21.83 9.24
HBB LMN L . -28.46 -25.24 11.51
HBBA LMN L . -27.50 -26.12 10.60
HBC LMN L . -17.89 -20.72 8.72
HBCA LMN L . -17.12 -20.36 10.06
HBD LMN L . -26.86 -26.07 12.97
HBDA LMN L . -26.48 -24.55 12.77
HBE LMN L . -18.59 -22.62 9.56
HBEA LMN L . -17.14 -23.03 10.01
HBF LMN L . -25.19 -26.67 11.34
HBFA LMN L . -24.76 -25.15 11.24
HBG LMN L . -17.37 -22.05 12.08
HBGA LMN L . -18.60 -21.18 11.60
HBH LMN L . -24.07 -26.96 13.27
HBHA LMN L . -24.52 -25.55 13.84
HBI LMN L . -20.04 -22.70 12.22
HBIA LMN L . -19.28 -23.81 11.41
HBJ LMN L . -22.31 -25.99 12.05
HBJA LMN L . -22.81 -24.53 12.40
HBK LMN L . -19.01 -24.69 13.48
HBKA LMN L . -17.71 -23.80 13.46
HBL LMN L . -20.93 -25.82 13.80
HBLA LMN L . -22.20 -26.03 14.70
HBM LMN L . -22.41 -21.33 25.09
HBMA LMN L . -22.10 -19.78 25.14
HCC LMN L . -24.74 -20.48 24.54
HCD LMN L . -14.68 -25.59 22.68
HCF LMN L . -15.60 -27.16 18.02
HCH LMN L . -16.85 -27.16 19.95
HCJ LMN L . -18.15 -26.59 17.38
HCL LMN L . -18.83 -26.08 19.42
HCQ LMN L . -15.66 -24.68 19.33
HCR LMN L . -23.46 -19.89 21.34
HCS LMN L . -14.57 -27.87 20.05
HCN LMN L . -23.10 -18.44 23.47
HCO LMN L . -12.73 -27.39 23.61
HCT LMN L . -25.88 -18.20 23.42
HCU LMN L . -12.26 -25.58 21.49
HCV LMN L . -25.69 -19.27 21.14
HCW LMN L . -12.60 -28.40 21.25
#